data_1IGW
#
_entry.id   1IGW
#
_cell.length_a   88.650
_cell.length_b   88.650
_cell.length_c   199.400
_cell.angle_alpha   90.00
_cell.angle_beta   90.00
_cell.angle_gamma   120.00
#
_symmetry.space_group_name_H-M   'P 32'
#
loop_
_entity.id
_entity.type
_entity.pdbx_description
1 polymer 'Isocitrate lyase'
2 non-polymer 'MERCURY (II) ION'
3 non-polymer 'MAGNESIUM ION'
4 non-polymer 'PYRUVIC ACID'
5 water water
#
_entity_poly.entity_id   1
_entity_poly.type   'polypeptide(L)'
_entity_poly.pdbx_seq_one_letter_code
;MKTRTQQIEELQKEWTQPRWEGITRPYSAEDVVKLRGSVNPECTLAQLGAAKMWRLLHGESKKGYINSLGALTGGQALQQ
AKAGIEAVYLSGWQVAADANLAASMYPDQSLYPANSVPAVVERINNTFRRADQIQWSAGIEPGDPRYVDYFLPIVADAEA
GFGGVLNAFELMKAMIEAGAAAVHFEDQLASVKKCGHMGGKVLVPTQEAIQKLVAARLCADVTGVPTLLVARTDADAADL
ITSDCDPYDSEFITGERTSEGFFRTHAGIEQAISRGLAYAPYADLVWCETSTPDLELARRFAQAIHAKYPGKLLAYNCSP
SFNWQKNLDDKTIASFQQQLSDMGYKFQFITLAGIHSMWFNMFDLANAYAQGEGMKHYVEKVQQPEFAAAKDGYTFVSHQ
QEVGTGYFDKVTTIIQGGTSSVTALTGSTEESQF
;
_entity_poly.pdbx_strand_id   A,B,C,D
#
loop_
_chem_comp.id
_chem_comp.type
_chem_comp.name
_chem_comp.formula
HG non-polymer 'MERCURY (II) ION' 'Hg 2'
MG non-polymer 'MAGNESIUM ION' 'Mg 2'
PYR non-polymer 'PYRUVIC ACID' 'C3 H4 O3'
#
# COMPACT_ATOMS: atom_id res chain seq x y z
N LYS A 2 -2.20 7.26 -33.13
CA LYS A 2 -1.64 8.37 -34.08
C LYS A 2 -0.69 7.29 -34.60
N THR A 3 -0.24 7.47 -35.83
CA THR A 3 0.68 6.53 -36.47
C THR A 3 2.10 6.65 -35.95
N ARG A 4 2.86 5.55 -36.08
CA ARG A 4 4.24 5.56 -35.63
C ARG A 4 5.02 6.66 -36.35
N THR A 5 5.01 6.60 -37.67
CA THR A 5 5.72 7.60 -38.48
C THR A 5 5.23 9.00 -38.14
N GLN A 6 3.92 9.17 -38.02
CA GLN A 6 3.37 10.49 -37.68
C GLN A 6 3.88 10.92 -36.32
N GLN A 7 3.93 9.98 -35.36
CA GLN A 7 4.43 10.31 -34.02
C GLN A 7 5.90 10.70 -34.07
N ILE A 8 6.65 10.04 -34.95
CA ILE A 8 8.07 10.32 -35.11
C ILE A 8 8.28 11.73 -35.64
N GLU A 9 7.42 12.16 -36.55
CA GLU A 9 7.52 13.48 -37.15
C GLU A 9 7.13 14.58 -36.16
N GLU A 10 6.10 14.33 -35.37
CA GLU A 10 5.69 15.33 -34.38
C GLU A 10 6.82 15.55 -33.39
N LEU A 11 7.56 14.48 -33.10
CA LEU A 11 8.67 14.56 -32.17
C LEU A 11 9.82 15.34 -32.79
N GLN A 12 10.17 15.01 -34.02
CA GLN A 12 11.29 15.75 -34.65
C GLN A 12 10.98 17.24 -34.62
N LYS A 13 9.78 17.63 -35.02
CA LYS A 13 9.40 19.03 -35.02
C LYS A 13 9.43 19.67 -33.64
N GLU A 14 8.94 18.97 -32.62
CA GLU A 14 8.91 19.60 -31.31
C GLU A 14 10.33 19.87 -30.79
N TRP A 15 11.27 19.01 -31.18
CA TRP A 15 12.63 19.23 -30.71
C TRP A 15 13.25 20.46 -31.35
N THR A 16 12.58 21.07 -32.33
CA THR A 16 13.12 22.28 -32.92
C THR A 16 12.56 23.51 -32.23
N GLN A 17 11.58 23.35 -31.36
CA GLN A 17 10.98 24.47 -30.66
C GLN A 17 11.88 25.04 -29.56
N PRO A 18 11.68 26.31 -29.24
CA PRO A 18 12.44 27.01 -28.23
C PRO A 18 12.53 26.32 -26.89
N ARG A 19 11.54 25.51 -26.53
CA ARG A 19 11.60 24.81 -25.25
C ARG A 19 12.88 23.96 -25.15
N TRP A 20 13.34 23.43 -26.29
CA TRP A 20 14.51 22.57 -26.29
C TRP A 20 15.82 23.15 -26.76
N GLU A 21 15.93 24.48 -26.89
CA GLU A 21 17.20 25.07 -27.33
C GLU A 21 18.33 24.77 -26.35
N GLY A 22 19.43 24.22 -26.86
CA GLY A 22 20.59 23.92 -26.03
C GLY A 22 20.56 22.60 -25.31
N ILE A 23 19.46 21.85 -25.42
CA ILE A 23 19.37 20.57 -24.75
C ILE A 23 19.91 19.46 -25.66
N THR A 24 20.81 18.65 -25.12
CA THR A 24 21.32 17.56 -25.96
C THR A 24 20.57 16.26 -25.67
N ARG A 25 20.31 15.48 -26.69
CA ARG A 25 19.68 14.17 -26.61
C ARG A 25 20.48 13.19 -27.46
N PRO A 26 21.14 12.22 -26.83
CA PRO A 26 21.93 11.23 -27.55
C PRO A 26 21.10 10.15 -28.22
N TYR A 27 19.82 10.37 -28.49
CA TYR A 27 19.03 9.33 -29.15
C TYR A 27 18.13 10.01 -30.18
N SER A 28 17.47 9.24 -31.00
CA SER A 28 16.58 9.75 -32.03
C SER A 28 15.11 9.68 -31.61
N ALA A 29 14.28 10.39 -32.37
CA ALA A 29 12.85 10.40 -32.14
C ALA A 29 12.31 8.98 -32.31
N GLU A 30 12.86 8.31 -33.32
CA GLU A 30 12.49 6.94 -33.64
C GLU A 30 12.70 6.02 -32.44
N ASP A 31 13.80 6.26 -31.71
CA ASP A 31 14.12 5.48 -30.53
C ASP A 31 13.01 5.72 -29.48
N VAL A 32 12.67 6.99 -29.30
CA VAL A 32 11.64 7.36 -28.32
C VAL A 32 10.30 6.67 -28.61
N VAL A 33 9.85 6.77 -29.86
CA VAL A 33 8.60 6.23 -30.30
C VAL A 33 8.53 4.71 -30.19
N LYS A 34 9.63 3.99 -30.39
CA LYS A 34 9.56 2.55 -30.32
C LYS A 34 9.29 2.04 -28.90
N LEU A 35 9.54 2.83 -27.88
CA LEU A 35 9.31 2.43 -26.51
C LEU A 35 7.95 2.82 -25.93
N ARG A 36 7.12 3.51 -26.70
CA ARG A 36 5.85 4.00 -26.23
C ARG A 36 4.71 3.00 -26.06
N GLY A 37 4.52 2.12 -27.02
CA GLY A 37 3.42 1.16 -27.02
C GLY A 37 2.37 1.76 -27.98
N SER A 38 1.28 1.07 -28.23
CA SER A 38 0.26 1.59 -29.15
C SER A 38 -0.64 2.60 -28.45
N VAL A 39 -0.68 2.55 -27.13
CA VAL A 39 -1.52 3.47 -26.36
C VAL A 39 -0.67 4.19 -25.33
N ASN A 40 -0.72 5.50 -25.26
CA ASN A 40 0.10 6.20 -24.25
C ASN A 40 -0.84 7.05 -23.42
N PRO A 41 -1.15 6.61 -22.22
CA PRO A 41 -2.08 7.32 -21.36
C PRO A 41 -1.69 8.77 -21.12
N GLU A 42 -2.70 9.63 -21.08
CA GLU A 42 -2.51 11.04 -20.84
C GLU A 42 -2.15 11.24 -19.37
N CYS A 43 -1.29 12.23 -19.15
CA CYS A 43 -0.82 12.61 -17.84
C CYS A 43 -1.12 14.09 -17.70
N THR A 44 -2.41 14.41 -17.56
CA THR A 44 -2.83 15.79 -17.48
C THR A 44 -2.08 16.69 -16.52
N LEU A 45 -2.00 16.32 -15.25
CA LEU A 45 -1.35 17.18 -14.27
C LEU A 45 0.12 17.42 -14.55
N ALA A 46 0.83 16.41 -15.06
CA ALA A 46 2.25 16.54 -15.38
C ALA A 46 2.42 17.56 -16.52
N GLN A 47 1.56 17.51 -17.53
CA GLN A 47 1.60 18.44 -18.65
C GLN A 47 1.42 19.89 -18.22
N LEU A 48 0.37 20.11 -17.42
CA LEU A 48 0.03 21.42 -16.91
C LEU A 48 1.14 21.96 -16.00
N GLY A 49 1.65 21.09 -15.14
CA GLY A 49 2.70 21.49 -14.21
C GLY A 49 3.97 21.91 -14.96
N ALA A 50 4.36 21.14 -15.98
CA ALA A 50 5.55 21.43 -16.75
C ALA A 50 5.43 22.74 -17.53
N ALA A 51 4.28 22.92 -18.16
CA ALA A 51 4.02 24.11 -18.95
C ALA A 51 4.06 25.34 -18.07
N LYS A 52 3.45 25.26 -16.89
CA LYS A 52 3.42 26.36 -15.94
C LYS A 52 4.75 26.69 -15.29
N MET A 53 5.53 25.68 -14.92
CA MET A 53 6.83 25.89 -14.30
C MET A 53 7.72 26.59 -15.32
N TRP A 54 7.63 26.17 -16.58
CA TRP A 54 8.44 26.80 -17.62
C TRP A 54 8.08 28.27 -17.78
N ARG A 55 6.79 28.58 -17.88
CA ARG A 55 6.36 29.96 -18.03
C ARG A 55 6.79 30.80 -16.84
N LEU A 56 6.72 30.29 -15.63
CA LEU A 56 7.10 31.03 -14.44
C LEU A 56 8.61 31.36 -14.41
N LEU A 57 9.40 30.47 -15.02
CA LEU A 57 10.83 30.64 -15.07
C LEU A 57 11.23 31.59 -16.19
N HIS A 58 10.30 31.84 -17.11
CA HIS A 58 10.60 32.69 -18.26
C HIS A 58 9.74 33.94 -18.34
N GLY A 59 9.60 34.65 -17.23
CA GLY A 59 8.85 35.88 -17.18
C GLY A 59 7.54 35.99 -16.46
N GLU A 60 6.88 34.91 -16.05
CA GLU A 60 5.60 35.03 -15.37
C GLU A 60 5.59 34.93 -13.86
N SER A 61 6.70 34.74 -13.17
CA SER A 61 6.63 34.70 -11.71
C SER A 61 6.33 36.12 -11.22
N LYS A 62 5.82 36.26 -10.01
CA LYS A 62 5.51 37.59 -9.48
C LYS A 62 6.75 38.42 -9.21
N LYS A 63 7.84 37.80 -8.78
CA LYS A 63 9.05 38.54 -8.46
C LYS A 63 10.26 38.27 -9.34
N GLY A 64 10.11 37.61 -10.48
CA GLY A 64 11.26 37.36 -11.35
C GLY A 64 12.01 36.11 -10.90
N TYR A 65 11.61 35.54 -9.76
CA TYR A 65 12.20 34.32 -9.26
C TYR A 65 11.17 33.56 -8.42
N ILE A 66 11.31 32.24 -8.41
CA ILE A 66 10.41 31.40 -7.65
C ILE A 66 11.04 31.02 -6.32
N ASN A 67 10.43 31.33 -5.18
CA ASN A 67 11.05 30.87 -3.92
C ASN A 67 10.12 29.83 -3.33
N SER A 68 10.63 28.63 -3.05
CA SER A 68 9.81 27.56 -2.50
C SER A 68 10.26 27.08 -1.13
N LEU A 69 9.36 26.35 -0.49
CA LEU A 69 9.55 25.78 0.84
C LEU A 69 9.21 24.29 0.82
N GLY A 70 10.06 23.44 1.37
CA GLY A 70 9.81 22.01 1.38
C GLY A 70 8.50 21.67 2.10
N ALA A 71 7.69 20.85 1.46
CA ALA A 71 6.40 20.46 2.07
C ALA A 71 6.31 18.94 2.14
N LEU A 72 5.75 18.41 3.23
CA LEU A 72 5.66 16.95 3.31
C LEU A 72 4.22 16.44 3.37
N THR A 73 3.20 17.29 3.34
CA THR A 73 1.82 16.77 3.32
C THR A 73 1.04 17.59 2.28
N GLY A 74 -0.03 17.01 1.74
CA GLY A 74 -0.85 17.77 0.76
C GLY A 74 -1.39 19.03 1.43
N GLY A 75 -1.76 18.94 2.70
CA GLY A 75 -2.28 20.12 3.42
C GLY A 75 -1.26 21.24 3.49
N GLN A 76 0.00 20.89 3.78
CA GLN A 76 1.04 21.93 3.85
C GLN A 76 1.09 22.63 2.49
N ALA A 77 1.04 21.85 1.41
CA ALA A 77 1.07 22.46 0.08
C ALA A 77 -0.15 23.35 -0.08
N LEU A 78 -1.30 22.89 0.41
CA LEU A 78 -2.53 23.69 0.32
C LEU A 78 -2.30 25.08 0.91
N GLN A 79 -1.84 25.16 2.14
CA GLN A 79 -1.60 26.46 2.78
C GLN A 79 -0.62 27.31 1.97
N GLN A 80 0.40 26.69 1.37
CA GLN A 80 1.35 27.44 0.57
C GLN A 80 0.66 28.08 -0.63
N ALA A 81 -0.23 27.30 -1.26
CA ALA A 81 -0.94 27.82 -2.43
C ALA A 81 -1.79 29.02 -2.01
N LYS A 82 -2.40 28.91 -0.83
CA LYS A 82 -3.26 29.99 -0.33
C LYS A 82 -2.46 31.23 0.06
N ALA A 83 -1.24 31.02 0.56
CA ALA A 83 -0.40 32.15 0.96
C ALA A 83 0.29 32.83 -0.20
N GLY A 84 0.24 32.33 -1.42
CA GLY A 84 0.90 32.99 -2.53
C GLY A 84 2.16 32.35 -3.10
N ILE A 85 2.62 31.23 -2.56
CA ILE A 85 3.80 30.55 -3.11
C ILE A 85 3.50 30.11 -4.53
N GLU A 86 4.46 30.10 -5.45
CA GLU A 86 4.19 29.69 -6.82
C GLU A 86 4.64 28.30 -7.20
N ALA A 87 5.41 27.62 -6.37
CA ALA A 87 5.87 26.26 -6.72
C ALA A 87 6.08 25.45 -5.44
N VAL A 88 5.78 24.16 -5.44
CA VAL A 88 5.97 23.38 -4.21
C VAL A 88 7.28 22.59 -4.34
N TYR A 89 8.08 22.61 -3.29
CA TYR A 89 9.34 21.87 -3.30
C TYR A 89 9.13 20.61 -2.45
N LEU A 90 9.36 19.44 -3.01
CA LEU A 90 9.17 18.20 -2.23
C LEU A 90 10.50 17.56 -1.84
N SER A 91 10.93 17.69 -0.61
CA SER A 91 12.15 17.15 -0.07
C SER A 91 12.21 15.67 0.23
N GLY A 92 13.24 14.99 -0.29
CA GLY A 92 13.43 13.56 -0.03
C GLY A 92 13.83 13.36 1.43
N TRP A 93 14.56 14.33 1.98
CA TRP A 93 14.99 14.26 3.37
C TRP A 93 13.76 14.22 4.28
N GLN A 94 12.78 15.06 3.95
CA GLN A 94 11.57 15.13 4.76
C GLN A 94 10.77 13.82 4.65
N VAL A 95 10.77 13.27 3.46
CA VAL A 95 10.06 12.01 3.19
C VAL A 95 10.70 10.89 3.99
N ALA A 96 12.04 10.87 3.99
CA ALA A 96 12.78 9.84 4.73
C ALA A 96 12.51 9.92 6.22
N ALA A 97 12.33 11.14 6.72
CA ALA A 97 12.07 11.33 8.13
C ALA A 97 10.63 11.16 8.60
N ASP A 98 9.64 11.45 7.76
CA ASP A 98 8.27 11.38 8.31
C ASP A 98 7.18 11.17 7.27
N ALA A 99 7.50 10.71 6.06
CA ALA A 99 6.44 10.52 5.07
C ALA A 99 6.81 9.53 3.99
N ASN A 100 7.37 8.38 4.36
CA ASN A 100 7.72 7.40 3.35
C ASN A 100 6.85 6.14 3.48
N LEU A 101 6.86 5.31 2.46
CA LEU A 101 6.07 4.09 2.44
C LEU A 101 6.57 2.97 3.34
N ALA A 102 7.69 3.13 4.04
CA ALA A 102 8.12 2.06 4.94
C ALA A 102 7.55 2.38 6.32
N ALA A 103 6.90 3.54 6.40
CA ALA A 103 6.30 3.97 7.67
C ALA A 103 7.36 4.02 8.78
N SER A 104 8.59 4.40 8.41
CA SER A 104 9.66 4.50 9.40
C SER A 104 10.40 5.83 9.34
N MET A 105 11.09 6.15 10.43
CA MET A 105 11.87 7.39 10.46
C MET A 105 13.32 7.08 10.09
N TYR A 106 13.79 7.66 8.98
CA TYR A 106 15.13 7.43 8.51
C TYR A 106 15.98 8.69 8.28
N PRO A 107 17.28 8.48 8.38
CA PRO A 107 18.25 9.53 8.06
C PRO A 107 18.22 9.63 6.54
N ASP A 108 18.81 10.65 5.95
CA ASP A 108 18.78 10.85 4.51
C ASP A 108 19.78 10.00 3.75
N GLN A 109 19.58 8.69 3.70
CA GLN A 109 20.49 7.80 2.99
C GLN A 109 19.84 6.88 1.97
N SER A 110 18.81 7.36 1.29
CA SER A 110 18.08 6.60 0.28
C SER A 110 17.74 5.21 0.84
N LEU A 111 17.17 5.21 2.03
CA LEU A 111 16.79 3.98 2.71
C LEU A 111 15.34 3.57 2.45
N TYR A 112 14.49 4.53 2.10
CA TYR A 112 13.06 4.26 1.87
C TYR A 112 12.73 3.68 0.51
N PRO A 113 11.52 3.10 0.38
CA PRO A 113 11.08 2.51 -0.87
C PRO A 113 11.01 3.53 -1.98
N ALA A 114 11.59 3.19 -3.13
CA ALA A 114 11.72 4.09 -4.27
C ALA A 114 10.44 4.72 -4.80
N ASN A 115 9.25 4.21 -4.43
CA ASN A 115 8.03 4.85 -4.92
C ASN A 115 7.47 5.79 -3.87
N SER A 116 8.24 6.11 -2.83
CA SER A 116 7.73 6.98 -1.79
C SER A 116 7.51 8.44 -2.16
N VAL A 117 8.43 9.05 -2.92
CA VAL A 117 8.25 10.47 -3.23
C VAL A 117 7.06 10.69 -4.15
N PRO A 118 6.94 9.86 -5.16
CA PRO A 118 5.84 9.93 -6.12
C PRO A 118 4.50 9.79 -5.36
N ALA A 119 4.47 9.04 -4.27
CA ALA A 119 3.24 8.89 -3.49
C ALA A 119 2.85 10.21 -2.84
N VAL A 120 3.84 10.99 -2.41
CA VAL A 120 3.54 12.29 -1.82
C VAL A 120 3.15 13.27 -2.92
N VAL A 121 3.75 13.13 -4.10
CA VAL A 121 3.43 13.99 -5.23
C VAL A 121 1.92 13.82 -5.53
N GLU A 122 1.48 12.57 -5.49
CA GLU A 122 0.10 12.21 -5.70
C GLU A 122 -0.81 12.80 -4.63
N ARG A 123 -0.39 12.76 -3.37
CA ARG A 123 -1.18 13.32 -2.29
C ARG A 123 -1.38 14.84 -2.44
N ILE A 124 -0.29 15.51 -2.81
CA ILE A 124 -0.32 16.95 -2.99
C ILE A 124 -1.27 17.31 -4.12
N ASN A 125 -1.15 16.62 -5.25
CA ASN A 125 -2.01 16.87 -6.39
C ASN A 125 -3.48 16.56 -6.05
N ASN A 126 -3.73 15.57 -5.20
CA ASN A 126 -5.10 15.23 -4.83
C ASN A 126 -5.71 16.29 -3.92
N THR A 127 -4.87 16.86 -3.06
CA THR A 127 -5.33 17.91 -2.17
C THR A 127 -5.69 19.15 -3.01
N PHE A 128 -4.89 19.40 -4.04
CA PHE A 128 -5.09 20.53 -4.92
C PHE A 128 -6.38 20.36 -5.74
N ARG A 129 -6.62 19.15 -6.21
CA ARG A 129 -7.82 18.86 -7.01
C ARG A 129 -9.06 19.18 -6.16
N ARG A 130 -9.05 18.75 -4.91
CA ARG A 130 -10.13 18.99 -3.97
C ARG A 130 -10.37 20.48 -3.77
N ALA A 131 -9.34 21.24 -3.40
CA ALA A 131 -9.47 22.68 -3.21
C ALA A 131 -10.06 23.33 -4.46
N ASP A 132 -9.60 22.89 -5.63
CA ASP A 132 -10.11 23.39 -6.90
C ASP A 132 -11.59 23.04 -7.06
N GLN A 133 -11.98 21.82 -6.70
CA GLN A 133 -13.38 21.41 -6.83
C GLN A 133 -14.27 22.24 -5.91
N ILE A 134 -13.77 22.50 -4.72
CA ILE A 134 -14.54 23.30 -3.76
C ILE A 134 -14.82 24.70 -4.30
N GLN A 135 -13.78 25.27 -4.88
CA GLN A 135 -13.83 26.62 -5.43
C GLN A 135 -14.72 26.68 -6.66
N TRP A 136 -14.56 25.69 -7.54
CA TRP A 136 -15.36 25.64 -8.75
C TRP A 136 -16.83 25.38 -8.44
N SER A 137 -17.11 24.46 -7.53
CA SER A 137 -18.49 24.13 -7.20
C SER A 137 -19.21 25.32 -6.57
N ALA A 138 -18.47 26.21 -5.92
CA ALA A 138 -19.05 27.38 -5.28
C ALA A 138 -19.18 28.55 -6.25
N GLY A 139 -18.94 28.35 -7.54
CA GLY A 139 -19.06 29.40 -8.52
C GLY A 139 -17.80 30.13 -8.92
N ILE A 140 -16.88 30.34 -8.00
CA ILE A 140 -15.63 31.03 -8.30
C ILE A 140 -14.90 30.41 -9.48
N GLU A 141 -14.99 31.04 -10.64
CA GLU A 141 -14.35 30.54 -11.86
C GLU A 141 -13.06 31.29 -12.18
N PRO A 142 -12.26 30.69 -13.06
CA PRO A 142 -11.00 31.27 -13.48
C PRO A 142 -11.17 32.69 -13.96
N GLY A 143 -10.44 33.62 -13.36
CA GLY A 143 -10.54 35.03 -13.74
C GLY A 143 -11.30 35.83 -12.68
N ASP A 144 -11.77 35.13 -11.66
CA ASP A 144 -12.51 35.77 -10.58
C ASP A 144 -11.55 36.47 -9.62
N PRO A 145 -11.97 37.61 -9.09
CA PRO A 145 -11.19 38.40 -8.17
C PRO A 145 -10.96 37.71 -6.82
N ARG A 146 -11.20 36.41 -6.76
CA ARG A 146 -11.01 35.65 -5.52
C ARG A 146 -10.60 34.21 -5.82
N TYR A 147 -10.46 33.94 -7.10
CA TYR A 147 -10.07 32.66 -7.63
C TYR A 147 -8.59 32.38 -7.40
N VAL A 148 -8.29 31.32 -6.65
CA VAL A 148 -6.92 30.92 -6.38
C VAL A 148 -6.54 29.76 -7.30
N ASP A 149 -5.40 29.90 -7.97
CA ASP A 149 -4.93 28.83 -8.87
C ASP A 149 -4.20 27.83 -7.98
N TYR A 150 -4.90 26.74 -7.64
CA TYR A 150 -4.34 25.75 -6.75
C TYR A 150 -3.32 24.81 -7.39
N PHE A 151 -3.25 24.70 -8.70
CA PHE A 151 -2.30 23.75 -9.29
C PHE A 151 -0.87 24.28 -9.35
N LEU A 152 -0.18 24.26 -8.23
CA LEU A 152 1.22 24.69 -8.19
C LEU A 152 2.13 23.59 -8.73
N PRO A 153 3.08 23.96 -9.57
CA PRO A 153 4.04 23.00 -10.11
C PRO A 153 4.75 22.34 -8.93
N ILE A 154 4.98 21.04 -8.95
CA ILE A 154 5.63 20.35 -7.85
C ILE A 154 7.05 19.97 -8.26
N VAL A 155 8.05 20.35 -7.44
CA VAL A 155 9.43 20.01 -7.79
C VAL A 155 9.79 18.84 -6.87
N ALA A 156 10.13 17.70 -7.44
CA ALA A 156 10.40 16.57 -6.53
C ALA A 156 11.78 15.95 -6.64
N ASP A 157 12.28 15.46 -5.52
CA ASP A 157 13.59 14.85 -5.35
C ASP A 157 13.63 13.37 -5.67
N ALA A 158 14.29 12.96 -6.73
CA ALA A 158 14.46 11.58 -7.16
C ALA A 158 15.82 11.03 -6.69
N GLU A 159 16.47 11.77 -5.80
CA GLU A 159 17.77 11.38 -5.24
C GLU A 159 18.71 10.90 -6.34
N ALA A 160 19.24 9.69 -6.27
CA ALA A 160 20.12 9.22 -7.34
C ALA A 160 19.40 8.21 -8.19
N GLY A 161 18.06 8.16 -8.06
CA GLY A 161 17.30 7.21 -8.85
C GLY A 161 17.27 5.81 -8.30
N PHE A 162 17.73 5.59 -7.08
CA PHE A 162 17.68 4.29 -6.44
C PHE A 162 18.24 3.09 -7.17
N GLY A 163 19.44 3.20 -7.77
CA GLY A 163 20.03 2.06 -8.47
C GLY A 163 20.65 2.45 -9.80
N GLY A 164 20.45 1.64 -10.82
CA GLY A 164 20.99 1.89 -12.14
C GLY A 164 20.07 2.74 -13.02
N VAL A 165 20.40 2.81 -14.30
CA VAL A 165 19.63 3.60 -15.26
C VAL A 165 18.16 3.18 -15.38
N LEU A 166 17.88 1.90 -15.21
CA LEU A 166 16.49 1.43 -15.34
C LEU A 166 15.68 1.87 -14.14
N ASN A 167 16.24 1.86 -12.93
CA ASN A 167 15.50 2.32 -11.76
C ASN A 167 15.23 3.83 -11.86
N ALA A 168 16.14 4.59 -12.47
CA ALA A 168 15.93 6.03 -12.57
C ALA A 168 14.78 6.26 -13.56
N PHE A 169 14.81 5.43 -14.59
CA PHE A 169 13.81 5.48 -15.64
C PHE A 169 12.43 5.23 -15.03
N GLU A 170 12.32 4.16 -14.24
CA GLU A 170 11.05 3.83 -13.58
C GLU A 170 10.67 4.90 -12.57
N LEU A 171 11.66 5.51 -11.92
CA LEU A 171 11.36 6.54 -10.94
C LEU A 171 10.78 7.77 -11.66
N MET A 172 11.36 8.14 -12.79
CA MET A 172 10.87 9.28 -13.55
C MET A 172 9.43 9.01 -13.98
N LYS A 173 9.17 7.80 -14.45
CA LYS A 173 7.81 7.42 -14.87
C LYS A 173 6.80 7.65 -13.75
N ALA A 174 7.14 7.21 -12.55
CA ALA A 174 6.33 7.39 -11.36
C ALA A 174 6.10 8.86 -11.08
N MET A 175 7.16 9.68 -11.15
CA MET A 175 7.00 11.10 -10.89
C MET A 175 5.99 11.75 -11.84
N ILE A 176 6.14 11.47 -13.11
CA ILE A 176 5.29 12.01 -14.17
C ILE A 176 3.84 11.55 -14.03
N GLU A 177 3.63 10.26 -13.84
CA GLU A 177 2.27 9.74 -13.68
C GLU A 177 1.58 10.37 -12.49
N ALA A 178 2.33 10.65 -11.43
CA ALA A 178 1.75 11.28 -10.25
C ALA A 178 1.54 12.78 -10.44
N GLY A 179 2.09 13.36 -11.49
CA GLY A 179 1.93 14.77 -11.75
C GLY A 179 3.03 15.72 -11.35
N ALA A 180 4.29 15.26 -11.27
CA ALA A 180 5.36 16.20 -10.89
C ALA A 180 5.66 17.11 -12.07
N ALA A 181 6.07 18.35 -11.85
CA ALA A 181 6.41 19.26 -12.93
C ALA A 181 7.92 19.26 -13.25
N ALA A 182 8.71 19.01 -12.24
CA ALA A 182 10.16 18.96 -12.29
C ALA A 182 10.71 17.95 -11.29
N VAL A 183 11.83 17.35 -11.68
CA VAL A 183 12.50 16.34 -10.86
C VAL A 183 14.01 16.54 -10.81
N HIS A 184 14.62 16.35 -9.65
CA HIS A 184 16.07 16.51 -9.56
C HIS A 184 16.80 15.21 -9.25
N PHE A 185 17.90 15.01 -9.98
CA PHE A 185 18.82 13.88 -9.79
C PHE A 185 20.20 14.41 -9.35
N GLU A 186 20.89 13.68 -8.48
CA GLU A 186 22.19 14.11 -7.96
C GLU A 186 23.30 13.14 -8.29
N ASP A 187 24.57 13.60 -8.18
CA ASP A 187 25.69 12.73 -8.54
C ASP A 187 26.36 12.03 -7.38
N GLN A 188 25.86 12.16 -6.16
CA GLN A 188 26.47 11.46 -5.04
C GLN A 188 25.74 10.12 -4.86
N LEU A 189 26.39 9.21 -4.16
CA LEU A 189 25.81 7.89 -3.88
C LEU A 189 25.57 7.93 -2.37
N ALA A 190 24.36 8.27 -1.95
CA ALA A 190 24.05 8.42 -0.54
C ALA A 190 24.05 7.13 0.25
N SER A 191 23.84 6.00 -0.42
CA SER A 191 23.79 4.73 0.29
C SER A 191 25.18 4.25 0.71
N VAL A 192 26.19 5.06 0.42
CA VAL A 192 27.57 4.68 0.75
C VAL A 192 28.32 5.75 1.53
N LYS A 193 27.62 6.61 2.27
CA LYS A 193 28.33 7.64 3.04
C LYS A 193 29.11 6.93 4.13
N LYS A 194 30.42 6.79 3.96
CA LYS A 194 31.22 6.06 4.93
C LYS A 194 31.39 6.76 6.26
N CYS A 195 31.62 5.94 7.29
CA CYS A 195 31.81 6.43 8.65
C CYS A 195 33.19 7.07 8.79
N GLY A 200 32.52 11.20 4.41
CA GLY A 200 31.71 12.22 3.75
C GLY A 200 31.04 11.67 2.50
N LYS A 201 30.62 12.57 1.61
CA LYS A 201 29.93 12.22 0.39
C LYS A 201 30.81 11.53 -0.65
N VAL A 202 30.18 10.64 -1.42
CA VAL A 202 30.86 9.92 -2.47
C VAL A 202 30.15 10.14 -3.80
N LEU A 203 30.91 10.65 -4.76
CA LEU A 203 30.42 10.90 -6.09
C LEU A 203 30.60 9.66 -6.96
N VAL A 204 29.91 9.67 -8.08
CA VAL A 204 30.02 8.61 -9.06
C VAL A 204 30.72 9.31 -10.26
N PRO A 205 31.33 8.52 -11.11
CA PRO A 205 31.97 9.09 -12.29
C PRO A 205 30.99 10.00 -13.01
N THR A 206 31.49 11.00 -13.73
CA THR A 206 30.64 11.92 -14.46
C THR A 206 29.74 11.22 -15.46
N GLN A 207 30.28 10.33 -16.27
CA GLN A 207 29.47 9.64 -17.25
C GLN A 207 28.28 8.89 -16.61
N GLU A 208 28.43 8.35 -15.42
CA GLU A 208 27.35 7.64 -14.75
C GLU A 208 26.21 8.60 -14.39
N ALA A 209 26.55 9.78 -13.88
CA ALA A 209 25.52 10.75 -13.53
C ALA A 209 24.81 11.25 -14.78
N ILE A 210 25.54 11.31 -15.90
CA ILE A 210 24.96 11.74 -17.16
C ILE A 210 24.00 10.68 -17.70
N GLN A 211 24.35 9.40 -17.48
CA GLN A 211 23.48 8.33 -17.96
C GLN A 211 22.10 8.38 -17.30
N LYS A 212 22.05 8.80 -16.06
CA LYS A 212 20.82 8.93 -15.31
C LYS A 212 20.00 10.11 -15.81
N LEU A 213 20.66 11.22 -16.18
CA LEU A 213 19.94 12.37 -16.70
C LEU A 213 19.29 11.97 -18.03
N VAL A 214 20.04 11.18 -18.80
CA VAL A 214 19.55 10.72 -20.10
C VAL A 214 18.36 9.78 -19.95
N ALA A 215 18.46 8.84 -19.01
CA ALA A 215 17.40 7.88 -18.74
C ALA A 215 16.13 8.65 -18.36
N ALA A 216 16.29 9.66 -17.50
CA ALA A 216 15.19 10.48 -17.03
C ALA A 216 14.53 11.24 -18.19
N ARG A 217 15.37 11.84 -19.04
CA ARG A 217 14.83 12.58 -20.17
C ARG A 217 14.15 11.65 -21.16
N LEU A 218 14.68 10.46 -21.38
CA LEU A 218 14.09 9.50 -22.31
C LEU A 218 12.66 9.12 -21.86
N CYS A 219 12.49 8.82 -20.59
CA CYS A 219 11.15 8.48 -20.05
C CYS A 219 10.21 9.65 -20.26
N ALA A 220 10.67 10.88 -19.98
CA ALA A 220 9.79 12.03 -20.20
C ALA A 220 9.45 12.10 -21.68
N ASP A 221 10.45 11.94 -22.56
CA ASP A 221 10.15 11.99 -23.98
C ASP A 221 9.16 10.90 -24.37
N VAL A 222 9.30 9.71 -23.79
CA VAL A 222 8.42 8.60 -24.14
C VAL A 222 6.97 8.94 -23.71
N THR A 223 6.82 9.52 -22.53
CA THR A 223 5.51 9.89 -22.04
C THR A 223 4.96 11.10 -22.78
N GLY A 224 5.82 11.85 -23.46
CA GLY A 224 5.37 13.03 -24.19
C GLY A 224 5.19 14.24 -23.30
N VAL A 225 5.72 14.23 -22.08
CA VAL A 225 5.57 15.38 -21.19
C VAL A 225 6.92 16.12 -21.11
N PRO A 226 6.93 17.43 -21.27
CA PRO A 226 8.15 18.21 -21.23
C PRO A 226 8.59 18.55 -19.82
N THR A 227 8.69 17.55 -18.95
CA THR A 227 9.06 17.73 -17.56
C THR A 227 10.41 18.40 -17.38
N LEU A 228 10.52 19.31 -16.41
CA LEU A 228 11.80 19.98 -16.19
C LEU A 228 12.73 19.02 -15.44
N LEU A 229 13.97 18.93 -15.90
CA LEU A 229 14.97 18.05 -15.28
C LEU A 229 16.04 18.92 -14.64
N VAL A 230 16.24 18.73 -13.35
CA VAL A 230 17.23 19.47 -12.59
C VAL A 230 18.44 18.58 -12.28
N ALA A 231 19.60 18.94 -12.80
CA ALA A 231 20.83 18.18 -12.53
C ALA A 231 21.52 18.77 -11.31
N ARG A 232 21.66 17.99 -10.26
CA ARG A 232 22.30 18.44 -9.03
C ARG A 232 23.68 17.81 -8.82
N THR A 233 24.64 18.64 -8.41
CA THR A 233 25.98 18.15 -8.14
C THR A 233 26.33 18.35 -6.68
N ASP A 234 26.89 17.34 -6.04
CA ASP A 234 27.30 17.44 -4.64
C ASP A 234 28.84 17.56 -4.58
N ALA A 235 29.44 17.77 -5.72
CA ALA A 235 30.90 17.84 -5.84
C ALA A 235 31.57 18.96 -5.09
N ASP A 236 30.84 19.95 -4.59
CA ASP A 236 31.49 21.04 -3.87
C ASP A 236 32.03 20.50 -2.55
N ALA A 237 31.35 19.53 -1.93
CA ALA A 237 31.85 19.01 -0.67
C ALA A 237 32.31 17.56 -0.72
N ALA A 238 32.10 16.85 -1.81
CA ALA A 238 32.51 15.45 -1.89
C ALA A 238 33.97 15.26 -2.32
N ASP A 239 34.78 14.65 -1.45
CA ASP A 239 36.18 14.39 -1.78
C ASP A 239 36.45 12.92 -2.02
N LEU A 240 35.41 12.15 -2.33
CA LEU A 240 35.53 10.73 -2.59
C LEU A 240 34.75 10.41 -3.87
N ILE A 241 35.28 9.48 -4.66
CA ILE A 241 34.58 9.11 -5.91
C ILE A 241 34.59 7.58 -5.94
N THR A 242 33.60 6.94 -6.55
CA THR A 242 33.58 5.47 -6.53
C THR A 242 34.60 4.77 -7.42
N SER A 243 34.95 5.41 -8.53
CA SER A 243 35.85 4.84 -9.49
C SER A 243 36.51 5.89 -10.37
N ASP A 244 37.64 5.52 -11.00
CA ASP A 244 38.35 6.44 -11.88
C ASP A 244 38.10 6.13 -13.34
N CYS A 245 37.08 5.36 -13.65
CA CYS A 245 36.78 4.99 -15.01
C CYS A 245 36.52 6.15 -15.96
N ASP A 246 36.08 7.32 -15.52
CA ASP A 246 35.83 8.40 -16.49
C ASP A 246 37.03 9.34 -16.64
N PRO A 247 37.58 9.42 -17.84
CA PRO A 247 38.72 10.30 -18.11
C PRO A 247 38.44 11.73 -17.70
N TYR A 248 37.19 12.15 -17.93
CA TYR A 248 36.79 13.52 -17.58
C TYR A 248 37.06 13.84 -16.13
N ASP A 249 37.09 12.88 -15.23
CA ASP A 249 37.32 13.18 -13.83
C ASP A 249 38.79 13.09 -13.41
N SER A 250 39.65 12.57 -14.26
CA SER A 250 41.06 12.36 -13.89
C SER A 250 41.76 13.48 -13.19
N GLU A 251 41.57 14.74 -13.55
CA GLU A 251 42.28 15.82 -12.89
C GLU A 251 41.90 15.99 -11.42
N PHE A 252 40.74 15.53 -10.96
CA PHE A 252 40.41 15.76 -9.55
C PHE A 252 40.82 14.57 -8.69
N ILE A 253 41.13 13.48 -9.34
CA ILE A 253 41.52 12.22 -8.69
C ILE A 253 42.99 12.22 -8.31
N THR A 254 43.29 12.15 -7.02
CA THR A 254 44.67 12.19 -6.55
C THR A 254 45.44 10.89 -6.75
N GLY A 255 44.76 9.75 -6.63
CA GLY A 255 45.43 8.46 -6.81
C GLY A 255 45.33 7.72 -5.47
N GLU A 256 45.10 8.45 -4.39
CA GLU A 256 44.95 7.82 -3.09
C GLU A 256 43.67 6.97 -3.16
N ARG A 257 43.65 5.84 -2.46
CA ARG A 257 42.47 4.96 -2.50
C ARG A 257 42.11 4.55 -1.09
N THR A 258 40.81 4.41 -0.77
CA THR A 258 40.41 4.06 0.59
C THR A 258 40.28 2.57 0.82
N SER A 259 39.94 2.19 2.05
CA SER A 259 39.78 0.77 2.37
C SER A 259 38.59 0.18 1.61
N GLU A 260 37.63 1.02 1.24
CA GLU A 260 36.46 0.56 0.50
C GLU A 260 36.76 0.46 -1.00
N GLY A 261 37.91 1.03 -1.39
CA GLY A 261 38.28 1.01 -2.80
C GLY A 261 37.89 2.31 -3.50
N PHE A 262 37.45 3.30 -2.73
CA PHE A 262 37.08 4.59 -3.31
C PHE A 262 38.35 5.43 -3.54
N PHE A 263 38.28 6.35 -4.48
CA PHE A 263 39.40 7.25 -4.77
C PHE A 263 39.17 8.64 -4.17
N ARG A 264 40.21 9.18 -3.52
CA ARG A 264 40.10 10.51 -2.94
C ARG A 264 40.15 11.53 -4.08
N THR A 265 39.45 12.65 -3.94
CA THR A 265 39.47 13.66 -5.00
C THR A 265 39.65 15.03 -4.35
N HIS A 266 39.95 16.01 -5.21
CA HIS A 266 40.10 17.37 -4.69
C HIS A 266 38.72 18.05 -4.74
N ALA A 267 38.09 18.13 -3.58
CA ALA A 267 36.77 18.76 -3.53
C ALA A 267 36.90 20.28 -3.51
N GLY A 268 35.82 20.96 -3.90
CA GLY A 268 35.80 22.41 -3.93
C GLY A 268 34.99 22.89 -5.15
N ILE A 269 34.90 24.19 -5.30
CA ILE A 269 34.13 24.77 -6.39
C ILE A 269 34.61 24.35 -7.76
N GLU A 270 35.91 24.10 -7.89
CA GLU A 270 36.43 23.67 -9.19
C GLU A 270 35.83 22.29 -9.52
N GLN A 271 35.69 21.42 -8.51
CA GLN A 271 35.09 20.11 -8.83
C GLN A 271 33.62 20.31 -9.21
N ALA A 272 32.91 21.16 -8.51
CA ALA A 272 31.50 21.46 -8.75
C ALA A 272 31.29 22.06 -10.13
N ILE A 273 32.22 22.92 -10.55
CA ILE A 273 32.13 23.50 -11.89
C ILE A 273 32.30 22.48 -12.99
N SER A 274 33.23 21.52 -12.89
CA SER A 274 33.33 20.57 -13.99
C SER A 274 32.06 19.70 -14.05
N ARG A 275 31.44 19.37 -12.93
CA ARG A 275 30.21 18.57 -12.99
C ARG A 275 29.08 19.43 -13.59
N GLY A 276 28.97 20.67 -13.11
CA GLY A 276 27.95 21.60 -13.58
C GLY A 276 27.99 21.74 -15.09
N LEU A 277 29.21 21.91 -15.63
CA LEU A 277 29.42 22.05 -17.05
C LEU A 277 29.08 20.77 -17.81
N ALA A 278 29.48 19.63 -17.27
CA ALA A 278 29.18 18.37 -17.96
C ALA A 278 27.67 18.12 -18.01
N TYR A 279 26.95 18.48 -16.95
CA TYR A 279 25.50 18.22 -16.96
C TYR A 279 24.66 19.24 -17.69
N ALA A 280 25.10 20.47 -17.84
CA ALA A 280 24.36 21.56 -18.45
C ALA A 280 23.50 21.22 -19.65
N PRO A 281 24.06 20.63 -20.69
CA PRO A 281 23.34 20.31 -21.89
C PRO A 281 22.27 19.23 -21.77
N TYR A 282 22.23 18.51 -20.66
CA TYR A 282 21.28 17.44 -20.49
C TYR A 282 20.18 17.81 -19.49
N ALA A 283 20.28 18.97 -18.88
CA ALA A 283 19.34 19.43 -17.89
C ALA A 283 18.75 20.80 -18.16
N ASP A 284 17.57 21.05 -17.60
CA ASP A 284 16.88 22.32 -17.73
C ASP A 284 17.40 23.30 -16.70
N LEU A 285 17.81 22.78 -15.55
CA LEU A 285 18.37 23.59 -14.48
C LEU A 285 19.60 22.91 -13.88
N VAL A 286 20.57 23.71 -13.43
CA VAL A 286 21.77 23.13 -12.82
C VAL A 286 21.80 23.58 -11.38
N TRP A 287 22.06 22.67 -10.46
CA TRP A 287 22.08 23.00 -9.04
C TRP A 287 23.29 22.46 -8.31
N CYS A 288 24.09 23.38 -7.77
CA CYS A 288 25.28 22.99 -7.00
C CYS A 288 24.89 23.19 -5.54
N GLU A 289 24.61 22.04 -4.90
CA GLU A 289 24.15 22.03 -3.52
C GLU A 289 25.16 22.67 -2.59
N THR A 290 24.66 23.46 -1.65
CA THR A 290 25.53 24.14 -0.69
C THR A 290 24.79 24.26 0.64
N SER A 291 25.53 24.59 1.69
CA SER A 291 25.00 24.69 3.03
C SER A 291 24.90 26.10 3.60
N THR A 292 25.78 27.01 3.20
CA THR A 292 25.73 28.36 3.73
C THR A 292 25.64 29.42 2.65
N PRO A 293 24.81 30.42 2.91
CA PRO A 293 24.62 31.53 1.99
C PRO A 293 25.94 32.25 1.76
N ASP A 294 26.40 32.23 0.52
CA ASP A 294 27.66 32.90 0.18
C ASP A 294 27.57 33.49 -1.22
N LEU A 295 27.20 34.76 -1.31
CA LEU A 295 27.07 35.41 -2.61
C LEU A 295 28.31 35.30 -3.49
N GLU A 296 29.52 35.44 -2.94
CA GLU A 296 30.70 35.38 -3.83
C GLU A 296 30.86 34.00 -4.43
N LEU A 297 30.57 32.97 -3.63
CA LEU A 297 30.68 31.60 -4.11
C LEU A 297 29.63 31.37 -5.19
N ALA A 298 28.45 31.91 -4.94
CA ALA A 298 27.32 31.81 -5.86
C ALA A 298 27.65 32.50 -7.18
N ARG A 299 28.27 33.67 -7.06
CA ARG A 299 28.68 34.43 -8.24
C ARG A 299 29.75 33.66 -9.01
N ARG A 300 30.68 33.00 -8.29
CA ARG A 300 31.70 32.26 -9.03
C ARG A 300 31.11 31.07 -9.78
N PHE A 301 30.29 30.27 -9.10
CA PHE A 301 29.69 29.11 -9.80
C PHE A 301 28.90 29.56 -11.01
N ALA A 302 28.11 30.62 -10.87
CA ALA A 302 27.30 31.13 -11.96
C ALA A 302 28.12 31.65 -13.13
N GLN A 303 29.14 32.48 -12.85
CA GLN A 303 29.96 32.99 -13.97
C GLN A 303 30.60 31.86 -14.75
N ALA A 304 31.04 30.84 -14.01
CA ALA A 304 31.72 29.70 -14.67
C ALA A 304 30.76 28.95 -15.58
N ILE A 305 29.53 28.69 -15.11
CA ILE A 305 28.56 28.01 -15.97
C ILE A 305 28.19 28.88 -17.17
N HIS A 306 27.79 30.13 -16.91
CA HIS A 306 27.39 31.04 -17.98
C HIS A 306 28.51 31.37 -18.96
N ALA A 307 29.78 31.14 -18.63
CA ALA A 307 30.82 31.41 -19.64
C ALA A 307 30.64 30.44 -20.80
N LYS A 308 30.15 29.23 -20.55
CA LYS A 308 29.96 28.27 -21.62
C LYS A 308 28.48 28.14 -21.99
N TYR A 309 27.61 28.32 -21.01
CA TYR A 309 26.17 28.20 -21.25
C TYR A 309 25.45 29.44 -20.71
N PRO A 310 25.50 30.52 -21.46
CA PRO A 310 24.89 31.77 -21.08
C PRO A 310 23.37 31.60 -21.10
N GLY A 311 22.71 32.11 -20.07
CA GLY A 311 21.26 31.96 -20.00
C GLY A 311 20.87 30.74 -19.18
N LYS A 312 21.77 29.77 -19.00
CA LYS A 312 21.44 28.58 -18.23
C LYS A 312 20.77 28.90 -16.90
N LEU A 313 19.57 28.36 -16.67
CA LEU A 313 18.88 28.60 -15.41
C LEU A 313 19.58 27.79 -14.31
N LEU A 314 19.63 28.36 -13.12
CA LEU A 314 20.25 27.73 -11.99
C LEU A 314 19.25 27.63 -10.85
N ALA A 315 19.51 26.69 -9.95
CA ALA A 315 18.69 26.49 -8.77
C ALA A 315 19.58 26.77 -7.57
N TYR A 316 19.01 27.31 -6.51
CA TYR A 316 19.82 27.62 -5.35
C TYR A 316 19.22 27.10 -4.06
N ASN A 317 19.94 26.13 -3.55
CA ASN A 317 19.64 25.46 -2.29
C ASN A 317 19.98 26.47 -1.20
N CYS A 318 18.99 26.71 -0.37
CA CYS A 318 19.11 27.65 0.74
C CYS A 318 19.14 26.95 2.08
N SER A 335 18.05 41.85 0.20
CA SER A 335 18.50 41.87 -1.18
C SER A 335 19.26 40.59 -1.55
N PHE A 336 19.40 39.67 -0.60
CA PHE A 336 20.12 38.42 -0.86
C PHE A 336 19.60 37.82 -2.16
N GLN A 337 18.33 37.44 -2.18
CA GLN A 337 17.62 36.81 -3.27
C GLN A 337 17.59 37.55 -4.59
N GLN A 338 17.55 38.88 -4.59
CA GLN A 338 17.49 39.61 -5.86
C GLN A 338 18.80 39.53 -6.63
N GLN A 339 19.94 39.60 -5.95
CA GLN A 339 21.22 39.51 -6.66
C GLN A 339 21.38 38.11 -7.24
N LEU A 340 21.02 37.11 -6.45
CA LEU A 340 21.09 35.72 -6.90
C LEU A 340 20.28 35.58 -8.19
N SER A 341 19.07 36.15 -8.08
CA SER A 341 18.17 36.12 -9.24
C SER A 341 18.87 36.80 -10.40
N ASP A 342 19.52 37.95 -10.13
CA ASP A 342 20.21 38.63 -11.23
C ASP A 342 21.31 37.73 -11.82
N MET A 343 21.94 36.92 -10.96
CA MET A 343 23.00 36.03 -11.42
C MET A 343 22.48 34.82 -12.18
N GLY A 344 21.17 34.57 -12.13
CA GLY A 344 20.64 33.43 -12.84
C GLY A 344 19.96 32.41 -11.95
N TYR A 345 20.00 32.61 -10.65
CA TYR A 345 19.37 31.68 -9.71
C TYR A 345 17.88 32.01 -9.60
N LYS A 346 17.14 31.56 -10.60
CA LYS A 346 15.71 31.80 -10.71
C LYS A 346 14.83 30.88 -9.88
N PHE A 347 15.37 29.76 -9.39
CA PHE A 347 14.60 28.86 -8.54
C PHE A 347 15.34 28.71 -7.21
N GLN A 348 14.83 29.32 -6.16
CA GLN A 348 15.43 29.33 -4.84
C GLN A 348 14.55 28.66 -3.79
N PHE A 349 15.17 27.91 -2.86
CA PHE A 349 14.33 27.23 -1.88
C PHE A 349 15.04 26.72 -0.65
N ILE A 350 14.24 26.65 0.41
CA ILE A 350 14.71 26.11 1.68
C ILE A 350 14.14 24.69 1.69
N THR A 351 15.01 23.70 1.58
CA THR A 351 14.55 22.32 1.53
C THR A 351 13.84 21.77 2.74
N LEU A 352 14.26 22.08 3.96
CA LEU A 352 13.65 21.52 5.15
C LEU A 352 12.70 22.42 5.90
N ALA A 353 12.15 23.46 5.30
CA ALA A 353 11.23 24.37 5.96
C ALA A 353 9.97 23.70 6.50
N GLY A 354 9.32 22.86 5.68
CA GLY A 354 8.10 22.20 6.11
C GLY A 354 8.27 21.37 7.36
N ILE A 355 9.34 20.58 7.46
CA ILE A 355 9.49 19.76 8.67
C ILE A 355 9.89 20.60 9.87
N HIS A 356 10.73 21.61 9.71
CA HIS A 356 11.09 22.46 10.86
C HIS A 356 9.83 23.19 11.34
N SER A 357 9.07 23.70 10.37
CA SER A 357 7.81 24.35 10.70
C SER A 357 6.86 23.44 11.48
N MET A 358 6.67 22.21 11.03
CA MET A 358 5.78 21.26 11.68
C MET A 358 6.24 20.80 13.06
N TRP A 359 7.41 20.20 13.14
CA TRP A 359 7.92 19.69 14.41
C TRP A 359 8.15 20.74 15.48
N PHE A 360 8.65 21.91 15.10
CA PHE A 360 8.89 22.98 16.06
C PHE A 360 7.58 23.41 16.74
N ASN A 361 6.63 23.82 15.89
CA ASN A 361 5.34 24.26 16.41
C ASN A 361 4.63 23.19 17.20
N MET A 362 4.82 21.91 16.86
CA MET A 362 4.16 20.87 17.64
C MET A 362 4.81 20.87 19.02
N PHE A 363 6.14 20.97 19.04
CA PHE A 363 6.86 20.99 20.31
C PHE A 363 6.45 22.18 21.16
N ASP A 364 6.46 23.36 20.54
CA ASP A 364 6.10 24.59 21.25
C ASP A 364 4.77 24.40 21.98
N LEU A 365 3.73 24.21 21.17
CA LEU A 365 2.37 24.00 21.68
C LEU A 365 2.32 22.92 22.74
N ALA A 366 2.85 21.73 22.48
CA ALA A 366 2.80 20.64 23.45
C ALA A 366 3.60 20.90 24.72
N ASN A 367 4.77 21.54 24.61
CA ASN A 367 5.56 21.82 25.79
C ASN A 367 4.74 22.60 26.83
N ALA A 368 4.10 23.68 26.38
CA ALA A 368 3.27 24.49 27.27
C ALA A 368 2.04 23.72 27.74
N TYR A 369 1.34 23.10 26.81
CA TYR A 369 0.15 22.32 27.12
C TYR A 369 0.36 21.27 28.20
N ALA A 370 1.43 20.50 28.10
CA ALA A 370 1.72 19.45 29.07
C ALA A 370 1.83 19.95 30.51
N GLN A 371 2.24 21.20 30.70
CA GLN A 371 2.41 21.76 32.03
C GLN A 371 1.12 22.12 32.74
N GLY A 372 0.12 22.61 32.02
CA GLY A 372 -1.14 23.00 32.64
C GLY A 372 -1.74 24.21 31.92
N GLU A 373 -2.93 24.63 32.33
CA GLU A 373 -3.57 25.77 31.67
C GLU A 373 -3.70 25.45 30.18
N GLY A 374 -4.00 24.18 29.92
CA GLY A 374 -4.15 23.62 28.61
C GLY A 374 -4.89 24.41 27.55
N MET A 375 -6.13 24.83 27.82
CA MET A 375 -6.86 25.57 26.79
C MET A 375 -6.31 26.96 26.59
N LYS A 376 -5.69 27.56 27.60
CA LYS A 376 -5.12 28.90 27.43
C LYS A 376 -4.00 28.91 26.41
N HIS A 377 -3.12 27.91 26.49
CA HIS A 377 -2.02 27.82 25.54
C HIS A 377 -2.50 27.55 24.13
N TYR A 378 -3.54 26.73 23.98
CA TYR A 378 -4.05 26.44 22.64
C TYR A 378 -4.65 27.68 22.00
N VAL A 379 -5.33 28.47 22.83
CA VAL A 379 -5.95 29.69 22.33
C VAL A 379 -4.96 30.77 21.94
N GLU A 380 -3.86 30.91 22.68
CA GLU A 380 -2.87 31.93 22.37
C GLU A 380 -1.87 31.53 21.29
N LYS A 381 -1.50 30.25 21.27
CA LYS A 381 -0.54 29.78 20.27
C LYS A 381 -1.19 29.45 18.93
N VAL A 382 -2.46 29.07 18.92
CA VAL A 382 -3.10 28.72 17.65
C VAL A 382 -4.38 29.48 17.34
N GLN A 383 -5.42 29.39 18.17
CA GLN A 383 -6.66 30.06 17.85
C GLN A 383 -6.54 31.56 17.56
N GLN A 384 -6.06 32.35 18.51
CA GLN A 384 -5.94 33.79 18.29
C GLN A 384 -5.27 34.10 16.96
N PRO A 385 -4.06 33.60 16.75
CA PRO A 385 -3.31 33.81 15.54
C PRO A 385 -4.06 33.40 14.28
N GLU A 386 -4.78 32.28 14.32
CA GLU A 386 -5.56 31.88 13.14
C GLU A 386 -6.54 32.99 12.79
N PHE A 387 -7.19 33.52 13.83
CA PHE A 387 -8.15 34.61 13.61
C PHE A 387 -7.49 35.80 12.94
N ALA A 388 -6.30 36.18 13.40
CA ALA A 388 -5.62 37.32 12.78
C ALA A 388 -5.24 36.99 11.34
N ALA A 389 -5.02 35.69 11.10
CA ALA A 389 -4.64 35.22 9.78
C ALA A 389 -5.73 35.38 8.73
N ALA A 390 -6.99 35.24 9.15
CA ALA A 390 -8.11 35.32 8.23
C ALA A 390 -8.01 36.50 7.27
N LYS A 391 -7.54 37.63 7.77
CA LYS A 391 -7.42 38.84 6.96
C LYS A 391 -6.39 38.72 5.85
N ASP A 392 -5.49 37.73 5.92
CA ASP A 392 -4.48 37.59 4.88
C ASP A 392 -4.77 36.50 3.87
N GLY A 393 -5.93 35.87 3.95
CA GLY A 393 -6.27 34.81 3.00
C GLY A 393 -6.28 33.44 3.65
N TYR A 394 -6.00 33.39 4.94
CA TYR A 394 -6.02 32.10 5.65
C TYR A 394 -7.50 31.77 5.90
N THR A 395 -7.94 30.60 5.46
CA THR A 395 -9.32 30.19 5.61
C THR A 395 -9.57 28.98 6.49
N PHE A 396 -8.55 28.31 7.01
CA PHE A 396 -8.78 27.12 7.81
C PHE A 396 -9.54 27.38 9.09
N VAL A 397 -9.81 28.65 9.43
CA VAL A 397 -10.56 28.89 10.67
C VAL A 397 -11.89 28.15 10.52
N SER A 398 -12.32 28.01 9.27
CA SER A 398 -13.53 27.28 8.90
C SER A 398 -13.07 25.91 8.34
N HIS A 399 -12.59 25.05 9.22
CA HIS A 399 -12.06 23.76 8.83
C HIS A 399 -12.99 22.76 8.19
N GLN A 400 -14.29 22.81 8.47
CA GLN A 400 -15.19 21.82 7.86
C GLN A 400 -15.29 22.07 6.36
N GLN A 401 -15.24 23.34 6.00
CA GLN A 401 -15.34 23.74 4.60
C GLN A 401 -14.04 23.52 3.83
N GLU A 402 -12.93 23.77 4.53
CA GLU A 402 -11.61 23.66 3.90
C GLU A 402 -11.34 22.26 3.37
N VAL A 403 -11.84 21.28 4.10
CA VAL A 403 -11.64 19.87 3.78
C VAL A 403 -12.69 19.30 2.84
N GLY A 404 -13.62 20.13 2.36
CA GLY A 404 -14.64 19.69 1.43
C GLY A 404 -15.97 19.24 1.96
N THR A 405 -16.35 19.61 3.19
CA THR A 405 -17.66 19.18 3.71
C THR A 405 -18.79 19.74 2.84
N GLY A 406 -18.60 20.93 2.29
CA GLY A 406 -19.58 21.61 1.45
C GLY A 406 -19.65 21.01 0.06
N TYR A 407 -18.52 20.49 -0.42
CA TYR A 407 -18.48 19.89 -1.74
C TYR A 407 -19.24 18.57 -1.73
N PHE A 408 -18.95 17.72 -0.75
CA PHE A 408 -19.65 16.45 -0.64
C PHE A 408 -21.11 16.69 -0.26
N ASP A 409 -21.43 17.84 0.35
CA ASP A 409 -22.82 18.14 0.71
C ASP A 409 -23.59 18.30 -0.61
N LYS A 410 -22.96 18.99 -1.55
CA LYS A 410 -23.54 19.17 -2.87
C LYS A 410 -23.70 17.84 -3.61
N VAL A 411 -22.72 16.95 -3.46
CA VAL A 411 -22.82 15.65 -4.13
C VAL A 411 -24.04 14.88 -3.61
N THR A 412 -24.14 14.84 -2.29
CA THR A 412 -25.22 14.18 -1.59
C THR A 412 -26.58 14.72 -2.05
N THR A 413 -26.71 16.03 -1.99
CA THR A 413 -27.93 16.73 -2.40
C THR A 413 -28.35 16.39 -3.82
N ILE A 414 -27.38 16.33 -4.73
CA ILE A 414 -27.66 16.02 -6.12
C ILE A 414 -28.10 14.58 -6.33
N ILE A 415 -27.53 13.66 -5.56
CA ILE A 415 -27.87 12.25 -5.69
C ILE A 415 -29.27 11.98 -5.15
N GLN A 416 -29.57 12.58 -4.01
CA GLN A 416 -30.85 12.41 -3.35
C GLN A 416 -31.96 13.29 -3.89
N GLY A 417 -31.69 14.04 -4.95
CA GLY A 417 -32.69 14.90 -5.55
C GLY A 417 -32.06 16.12 -6.22
N LYS B 2 14.50 -6.92 31.10
CA LYS B 2 15.78 -7.61 30.96
C LYS B 2 16.83 -6.58 30.58
N THR B 3 17.87 -6.43 31.39
CA THR B 3 18.86 -5.40 31.16
C THR B 3 19.97 -5.72 30.18
N ARG B 4 20.72 -4.67 29.87
CA ARG B 4 21.83 -4.69 28.93
C ARG B 4 22.86 -5.76 29.26
N THR B 5 23.32 -5.81 30.51
CA THR B 5 24.30 -6.81 30.91
C THR B 5 23.75 -8.22 30.76
N GLN B 6 22.52 -8.43 31.20
CA GLN B 6 21.90 -9.75 31.10
C GLN B 6 21.69 -10.12 29.62
N GLN B 7 21.41 -9.13 28.79
CA GLN B 7 21.21 -9.40 27.36
C GLN B 7 22.53 -9.81 26.73
N ILE B 8 23.57 -9.09 27.13
CA ILE B 8 24.92 -9.37 26.64
C ILE B 8 25.29 -10.79 27.04
N GLU B 9 25.09 -11.09 28.31
CA GLU B 9 25.38 -12.41 28.85
C GLU B 9 24.64 -13.49 28.07
N GLU B 10 23.35 -13.29 27.81
CA GLU B 10 22.58 -14.28 27.07
C GLU B 10 23.17 -14.54 25.69
N LEU B 11 23.39 -13.48 24.92
CA LEU B 11 23.94 -13.61 23.58
C LEU B 11 25.22 -14.45 23.56
N GLN B 12 26.16 -14.05 24.41
CA GLN B 12 27.43 -14.77 24.51
C GLN B 12 27.18 -16.26 24.70
N LYS B 13 26.26 -16.62 25.59
CA LYS B 13 25.98 -18.03 25.80
C LYS B 13 25.29 -18.63 24.58
N GLU B 14 24.33 -17.91 23.99
CA GLU B 14 23.65 -18.46 22.82
C GLU B 14 24.65 -18.83 21.72
N TRP B 15 25.62 -17.96 21.47
CA TRP B 15 26.60 -18.24 20.42
C TRP B 15 27.49 -19.45 20.66
N THR B 16 27.39 -20.12 21.80
CA THR B 16 28.20 -21.31 22.04
C THR B 16 27.33 -22.55 21.78
N GLN B 17 26.06 -22.30 21.49
CA GLN B 17 25.12 -23.40 21.22
C GLN B 17 25.43 -24.00 19.86
N PRO B 18 25.04 -25.24 19.60
CA PRO B 18 25.31 -25.92 18.35
C PRO B 18 24.76 -25.24 17.12
N ARG B 19 23.67 -24.50 17.25
CA ARG B 19 23.07 -23.81 16.11
C ARG B 19 24.09 -22.95 15.38
N TRP B 20 25.00 -22.38 16.17
CA TRP B 20 26.01 -21.48 15.63
C TRP B 20 27.36 -22.08 15.30
N GLU B 21 27.50 -23.40 15.36
CA GLU B 21 28.78 -24.02 15.05
C GLU B 21 29.27 -23.68 13.64
N GLY B 22 30.56 -23.36 13.55
CA GLY B 22 31.20 -23.02 12.30
C GLY B 22 30.79 -21.64 11.78
N ILE B 23 30.08 -20.86 12.58
CA ILE B 23 29.65 -19.56 12.10
C ILE B 23 30.45 -18.40 12.69
N THR B 24 31.00 -17.59 11.79
CA THR B 24 31.78 -16.43 12.19
C THR B 24 30.96 -15.14 12.23
N ARG B 25 31.16 -14.39 13.30
CA ARG B 25 30.51 -13.09 13.47
C ARG B 25 31.67 -12.14 13.80
N PRO B 26 31.90 -11.15 12.98
CA PRO B 26 32.99 -10.20 13.19
C PRO B 26 32.63 -9.09 14.15
N TYR B 27 31.70 -9.30 15.08
CA TYR B 27 31.33 -8.25 16.02
C TYR B 27 31.07 -8.86 17.39
N SER B 28 30.78 -8.06 18.39
CA SER B 28 30.52 -8.57 19.72
C SER B 28 29.05 -8.57 20.12
N ALA B 29 28.76 -9.35 21.16
CA ALA B 29 27.41 -9.42 21.71
C ALA B 29 27.05 -8.01 22.15
N GLU B 30 28.07 -7.32 22.68
CA GLU B 30 27.83 -5.95 23.14
C GLU B 30 27.50 -5.02 21.97
N ASP B 31 28.05 -5.27 20.80
CA ASP B 31 27.73 -4.42 19.66
C ASP B 31 26.24 -4.65 19.32
N VAL B 32 25.83 -5.91 19.36
CA VAL B 32 24.45 -6.30 19.04
C VAL B 32 23.43 -5.62 19.94
N VAL B 33 23.64 -5.71 21.24
CA VAL B 33 22.72 -5.13 22.20
C VAL B 33 22.63 -3.63 22.18
N LYS B 34 23.64 -2.88 21.74
CA LYS B 34 23.51 -1.44 21.76
C LYS B 34 22.62 -0.93 20.63
N LEU B 35 22.33 -1.81 19.67
CA LEU B 35 21.48 -1.45 18.55
C LEU B 35 20.03 -1.83 18.76
N ARG B 36 19.69 -2.51 19.84
CA ARG B 36 18.35 -2.98 20.10
C ARG B 36 17.27 -2.02 20.59
N GLY B 37 17.60 -1.17 21.55
CA GLY B 37 16.59 -0.25 22.11
C GLY B 37 16.18 -0.87 23.45
N SER B 38 15.37 -0.14 24.22
CA SER B 38 14.91 -0.62 25.51
C SER B 38 13.76 -1.60 25.37
N VAL B 39 13.10 -1.58 24.22
CA VAL B 39 11.97 -2.47 23.94
C VAL B 39 12.21 -3.13 22.59
N ASN B 40 12.12 -4.46 22.57
CA ASN B 40 12.35 -5.22 21.33
C ASN B 40 11.14 -6.11 21.09
N PRO B 41 10.26 -5.70 20.18
CA PRO B 41 9.04 -6.42 19.89
C PRO B 41 9.26 -7.85 19.43
N GLU B 42 8.42 -8.76 19.91
CA GLU B 42 8.54 -10.16 19.53
C GLU B 42 8.13 -10.41 18.07
N CYS B 43 8.77 -11.39 17.46
CA CYS B 43 8.50 -11.84 16.09
C CYS B 43 8.16 -13.32 16.18
N THR B 44 6.98 -13.63 16.72
CA THR B 44 6.58 -15.04 16.88
C THR B 44 6.69 -15.91 15.65
N LEU B 45 6.16 -15.50 14.51
CA LEU B 45 6.23 -16.32 13.30
C LEU B 45 7.67 -16.55 12.83
N ALA B 46 8.48 -15.49 12.84
CA ALA B 46 9.90 -15.62 12.43
C ALA B 46 10.62 -16.59 13.34
N GLN B 47 10.35 -16.54 14.64
CA GLN B 47 10.98 -17.46 15.58
C GLN B 47 10.62 -18.91 15.29
N LEU B 48 9.31 -19.19 15.13
CA LEU B 48 8.87 -20.55 14.86
C LEU B 48 9.38 -21.09 13.54
N GLY B 49 9.32 -20.23 12.50
CA GLY B 49 9.78 -20.70 11.20
C GLY B 49 11.28 -21.01 11.19
N ALA B 50 12.11 -20.20 11.85
CA ALA B 50 13.55 -20.49 11.83
C ALA B 50 13.86 -21.79 12.56
N ALA B 51 13.27 -21.96 13.75
CA ALA B 51 13.50 -23.16 14.52
C ALA B 51 13.04 -24.39 13.74
N LYS B 52 11.90 -24.27 13.05
CA LYS B 52 11.39 -25.43 12.30
C LYS B 52 12.26 -25.73 11.10
N MET B 53 12.64 -24.65 10.41
CA MET B 53 13.49 -24.83 9.22
C MET B 53 14.79 -25.52 9.65
N TRP B 54 15.34 -25.13 10.79
CA TRP B 54 16.60 -25.76 11.25
C TRP B 54 16.41 -27.25 11.48
N ARG B 55 15.33 -27.59 12.20
CA ARG B 55 15.02 -29.00 12.48
C ARG B 55 14.84 -29.80 11.21
N LEU B 56 14.12 -29.27 10.21
CA LEU B 56 13.88 -30.00 8.98
C LEU B 56 15.19 -30.29 8.24
N LEU B 57 16.13 -29.35 8.33
CA LEU B 57 17.41 -29.54 7.66
C LEU B 57 18.32 -30.49 8.41
N HIS B 58 17.98 -30.81 9.65
CA HIS B 58 18.80 -31.75 10.40
C HIS B 58 18.04 -32.98 10.86
N GLY B 59 17.47 -33.72 9.94
CA GLY B 59 16.76 -34.94 10.25
C GLY B 59 15.26 -34.99 10.36
N GLU B 60 14.54 -33.90 10.54
CA GLU B 60 13.09 -34.00 10.66
C GLU B 60 12.30 -33.88 9.38
N SER B 61 12.92 -33.74 8.21
CA SER B 61 12.19 -33.67 6.95
C SER B 61 11.78 -35.09 6.55
N LYS B 62 10.63 -35.26 5.93
CA LYS B 62 10.15 -36.57 5.53
C LYS B 62 11.10 -37.33 4.60
N LYS B 63 11.55 -36.70 3.51
CA LYS B 63 12.43 -37.40 2.59
C LYS B 63 13.93 -37.24 2.80
N GLY B 64 14.41 -36.47 3.77
CA GLY B 64 15.87 -36.35 3.94
C GLY B 64 16.34 -35.04 3.30
N TYR B 65 15.48 -34.47 2.47
CA TYR B 65 15.71 -33.20 1.82
C TYR B 65 14.39 -32.43 1.70
N ILE B 66 14.48 -31.12 1.63
CA ILE B 66 13.32 -30.27 1.47
C ILE B 66 13.26 -29.81 0.01
N ASN B 67 12.14 -30.10 -0.64
CA ASN B 67 11.97 -29.69 -2.05
C ASN B 67 10.83 -28.68 -2.09
N SER B 68 11.11 -27.52 -2.67
CA SER B 68 10.17 -26.42 -2.73
C SER B 68 9.83 -25.92 -4.11
N LEU B 69 8.77 -25.09 -4.17
CA LEU B 69 8.26 -24.56 -5.42
C LEU B 69 7.93 -23.08 -5.20
N GLY B 70 8.40 -22.19 -6.07
CA GLY B 70 8.11 -20.76 -5.87
C GLY B 70 6.62 -20.45 -5.85
N ALA B 71 6.18 -19.69 -4.87
CA ALA B 71 4.79 -19.31 -4.70
C ALA B 71 4.64 -17.80 -4.72
N LEU B 72 3.56 -17.30 -5.31
CA LEU B 72 3.43 -15.84 -5.35
C LEU B 72 2.14 -15.32 -4.73
N THR B 73 1.30 -16.17 -4.15
CA THR B 73 0.09 -15.71 -3.48
C THR B 73 -0.06 -16.54 -2.20
N GLY B 74 -0.74 -16.00 -1.20
CA GLY B 74 -0.91 -16.80 0.04
C GLY B 74 -1.60 -18.13 -0.29
N GLY B 75 -2.55 -18.08 -1.22
CA GLY B 75 -3.32 -19.24 -1.66
C GLY B 75 -2.48 -20.33 -2.29
N GLN B 76 -1.48 -19.97 -3.11
CA GLN B 76 -0.63 -21.02 -3.69
C GLN B 76 0.08 -21.75 -2.55
N ALA B 77 0.55 -20.96 -1.59
CA ALA B 77 1.26 -21.52 -0.44
C ALA B 77 0.37 -22.46 0.37
N LEU B 78 -0.87 -22.00 0.62
CA LEU B 78 -1.83 -22.82 1.36
C LEU B 78 -2.02 -24.19 0.71
N GLN B 79 -2.14 -24.22 -0.61
CA GLN B 79 -2.31 -25.48 -1.33
C GLN B 79 -1.05 -26.34 -1.19
N GLN B 80 0.11 -25.66 -1.17
CA GLN B 80 1.36 -26.45 -0.98
C GLN B 80 1.34 -27.08 0.39
N ALA B 81 0.91 -26.30 1.39
CA ALA B 81 0.85 -26.85 2.76
C ALA B 81 -0.06 -28.07 2.80
N LYS B 82 -1.21 -27.98 2.11
CA LYS B 82 -2.19 -29.06 2.08
C LYS B 82 -1.65 -30.25 1.30
N ALA B 83 -0.79 -30.00 0.31
CA ALA B 83 -0.23 -31.10 -0.47
C ALA B 83 0.96 -31.77 0.18
N GLY B 84 1.42 -31.35 1.35
CA GLY B 84 2.56 -32.02 1.96
C GLY B 84 3.92 -31.35 1.75
N ILE B 85 3.95 -30.18 1.14
CA ILE B 85 5.25 -29.47 0.93
C ILE B 85 5.78 -29.05 2.29
N GLU B 86 7.09 -29.07 2.58
CA GLU B 86 7.54 -28.67 3.92
C GLU B 86 8.07 -27.26 4.08
N ALA B 87 8.33 -26.59 2.97
CA ALA B 87 8.81 -25.21 3.07
C ALA B 87 8.39 -24.50 1.78
N VAL B 88 8.13 -23.22 1.91
CA VAL B 88 7.73 -22.37 0.80
C VAL B 88 8.87 -21.53 0.27
N TYR B 89 9.04 -21.58 -1.06
CA TYR B 89 10.09 -20.74 -1.64
C TYR B 89 9.43 -19.52 -2.28
N LEU B 90 9.91 -18.34 -1.90
CA LEU B 90 9.39 -17.08 -2.42
C LEU B 90 10.40 -16.39 -3.33
N SER B 91 10.23 -16.55 -4.62
CA SER B 91 11.03 -16.03 -5.70
C SER B 91 10.86 -14.56 -6.05
N GLY B 92 12.00 -13.85 -6.16
CA GLY B 92 11.97 -12.45 -6.51
C GLY B 92 11.55 -12.28 -7.96
N TRP B 93 11.89 -13.24 -8.83
CA TRP B 93 11.51 -13.14 -10.24
C TRP B 93 9.97 -13.12 -10.34
N GLN B 94 9.31 -14.04 -9.63
CA GLN B 94 7.84 -14.07 -9.71
C GLN B 94 7.21 -12.79 -9.19
N VAL B 95 7.76 -12.20 -8.13
CA VAL B 95 7.27 -10.96 -7.55
C VAL B 95 7.39 -9.80 -8.52
N ALA B 96 8.56 -9.73 -9.18
CA ALA B 96 8.80 -8.71 -10.19
C ALA B 96 7.80 -8.83 -11.33
N ALA B 97 7.50 -10.08 -11.68
CA ALA B 97 6.57 -10.32 -12.78
C ALA B 97 5.09 -10.07 -12.47
N ASP B 98 4.65 -10.48 -11.27
CA ASP B 98 3.20 -10.43 -11.04
C ASP B 98 2.76 -10.16 -9.62
N ALA B 99 3.65 -9.79 -8.70
CA ALA B 99 3.19 -9.53 -7.34
C ALA B 99 4.01 -8.49 -6.61
N ASN B 100 4.29 -7.33 -7.22
CA ASN B 100 5.08 -6.34 -6.48
C ASN B 100 4.27 -5.09 -6.16
N LEU B 101 4.82 -4.25 -5.29
CA LEU B 101 4.18 -3.03 -4.87
C LEU B 101 4.14 -1.88 -5.85
N ALA B 102 4.70 -2.00 -7.05
CA ALA B 102 4.62 -0.91 -8.01
C ALA B 102 3.46 -1.30 -8.95
N ALA B 103 2.90 -2.49 -8.69
CA ALA B 103 1.77 -3.00 -9.47
C ALA B 103 2.13 -3.06 -10.94
N SER B 104 3.37 -3.47 -11.22
CA SER B 104 3.82 -3.49 -12.61
C SER B 104 4.49 -4.81 -12.94
N MET B 105 4.55 -5.09 -14.23
CA MET B 105 5.20 -6.30 -14.66
C MET B 105 6.64 -5.89 -15.05
N TYR B 106 7.61 -6.49 -14.37
CA TYR B 106 9.00 -6.26 -14.63
C TYR B 106 9.84 -7.53 -14.82
N PRO B 107 10.93 -7.38 -15.57
CA PRO B 107 11.90 -8.47 -15.73
C PRO B 107 12.68 -8.53 -14.42
N ASP B 108 13.51 -9.53 -14.21
CA ASP B 108 14.26 -9.74 -12.99
C ASP B 108 15.52 -8.89 -12.84
N GLN B 109 15.37 -7.59 -12.67
CA GLN B 109 16.52 -6.70 -12.51
C GLN B 109 16.39 -5.75 -11.35
N SER B 110 15.79 -6.16 -10.25
CA SER B 110 15.63 -5.33 -9.08
C SER B 110 14.93 -4.01 -9.34
N LEU B 111 13.88 -4.02 -10.15
CA LEU B 111 13.20 -2.73 -10.41
C LEU B 111 12.10 -2.38 -9.41
N TYR B 112 11.50 -3.38 -8.77
CA TYR B 112 10.42 -3.14 -7.80
C TYR B 112 10.87 -2.54 -6.48
N PRO B 113 9.96 -1.90 -5.76
CA PRO B 113 10.22 -1.30 -4.47
C PRO B 113 10.69 -2.38 -3.49
N ALA B 114 11.72 -2.02 -2.73
CA ALA B 114 12.42 -2.91 -1.84
C ALA B 114 11.58 -3.59 -0.77
N ASN B 115 10.42 -3.06 -0.41
CA ASN B 115 9.58 -3.70 0.56
C ASN B 115 8.59 -4.67 -0.06
N SER B 116 8.71 -5.06 -1.32
CA SER B 116 7.76 -5.95 -1.95
C SER B 116 7.81 -7.41 -1.53
N VAL B 117 8.99 -8.02 -1.39
CA VAL B 117 9.03 -9.44 -1.00
C VAL B 117 8.45 -9.62 0.39
N PRO B 118 8.78 -8.76 1.33
CA PRO B 118 8.27 -8.81 2.67
C PRO B 118 6.72 -8.75 2.70
N ALA B 119 6.14 -7.97 1.79
CA ALA B 119 4.68 -7.81 1.72
C ALA B 119 4.07 -9.16 1.34
N VAL B 120 4.78 -9.92 0.52
CA VAL B 120 4.29 -11.23 0.11
C VAL B 120 4.46 -12.25 1.23
N VAL B 121 5.54 -12.09 2.02
CA VAL B 121 5.75 -12.95 3.17
C VAL B 121 4.57 -12.80 4.15
N GLU B 122 4.17 -11.58 4.43
CA GLU B 122 3.06 -11.29 5.33
C GLU B 122 1.75 -11.90 4.80
N ARG B 123 1.51 -11.77 3.49
CA ARG B 123 0.33 -12.35 2.86
C ARG B 123 0.24 -13.84 3.11
N ILE B 124 1.39 -14.50 2.88
CA ILE B 124 1.49 -15.94 3.06
C ILE B 124 1.22 -16.32 4.52
N ASN B 125 1.95 -15.67 5.43
CA ASN B 125 1.74 -16.00 6.83
C ASN B 125 0.29 -15.69 7.20
N ASN B 126 -0.29 -14.60 6.70
CA ASN B 126 -1.70 -14.31 7.05
C ASN B 126 -2.61 -15.40 6.50
N THR B 127 -2.32 -15.96 5.33
CA THR B 127 -3.14 -17.05 4.83
C THR B 127 -3.04 -18.25 5.77
N PHE B 128 -1.82 -18.55 6.19
CA PHE B 128 -1.60 -19.68 7.07
C PHE B 128 -2.32 -19.44 8.41
N ARG B 129 -2.27 -18.23 8.93
CA ARG B 129 -2.97 -17.97 10.20
C ARG B 129 -4.47 -18.26 10.04
N ARG B 130 -5.07 -17.92 8.91
CA ARG B 130 -6.49 -18.18 8.70
C ARG B 130 -6.77 -19.68 8.69
N ALA B 131 -6.03 -20.46 7.90
CA ALA B 131 -6.21 -21.89 7.83
C ALA B 131 -6.09 -22.56 9.20
N ASP B 132 -5.10 -22.13 9.97
CA ASP B 132 -4.87 -22.69 11.30
C ASP B 132 -6.06 -22.37 12.21
N GLN B 133 -6.60 -21.18 12.13
CA GLN B 133 -7.73 -20.80 12.97
C GLN B 133 -8.99 -21.60 12.67
N ILE B 134 -9.18 -21.85 11.38
CA ILE B 134 -10.34 -22.61 10.92
C ILE B 134 -10.27 -24.01 11.50
N GLN B 135 -9.08 -24.60 11.38
CA GLN B 135 -8.78 -25.93 11.87
C GLN B 135 -8.97 -26.01 13.38
N TRP B 136 -8.41 -25.03 14.07
CA TRP B 136 -8.52 -25.00 15.53
C TRP B 136 -9.96 -24.76 16.01
N SER B 137 -10.68 -23.86 15.34
CA SER B 137 -12.06 -23.58 15.73
C SER B 137 -12.92 -24.83 15.62
N ALA B 138 -12.59 -25.67 14.65
CA ALA B 138 -13.27 -26.93 14.42
C ALA B 138 -12.84 -27.98 15.44
N GLY B 139 -11.99 -27.63 16.40
CA GLY B 139 -11.54 -28.57 17.41
C GLY B 139 -10.37 -29.47 17.05
N ILE B 140 -9.74 -29.30 15.91
CA ILE B 140 -8.60 -30.13 15.50
C ILE B 140 -7.28 -29.55 16.00
N GLU B 141 -6.59 -30.27 16.87
CA GLU B 141 -5.34 -29.80 17.45
C GLU B 141 -4.13 -30.63 17.09
N PRO B 142 -2.95 -30.07 17.35
CA PRO B 142 -1.70 -30.76 17.07
C PRO B 142 -1.78 -32.14 17.72
N GLY B 143 -1.37 -33.18 17.00
CA GLY B 143 -1.45 -34.53 17.57
C GLY B 143 -2.57 -35.29 16.85
N ASP B 144 -3.66 -34.56 16.61
CA ASP B 144 -4.81 -35.13 15.92
C ASP B 144 -4.38 -35.53 14.52
N PRO B 145 -4.68 -36.75 14.11
CA PRO B 145 -4.32 -37.28 12.82
C PRO B 145 -4.86 -36.53 11.63
N ARG B 146 -5.81 -35.62 11.82
CA ARG B 146 -6.35 -34.88 10.67
C ARG B 146 -5.83 -33.45 10.71
N TYR B 147 -4.97 -33.21 11.69
CA TYR B 147 -4.36 -31.90 11.88
C TYR B 147 -3.36 -31.67 10.75
N VAL B 148 -3.36 -30.46 10.22
CA VAL B 148 -2.42 -30.08 9.18
C VAL B 148 -1.58 -28.93 9.75
N ASP B 149 -0.26 -29.06 9.68
CA ASP B 149 0.61 -27.99 10.20
C ASP B 149 0.75 -26.97 9.06
N TYR B 150 0.05 -25.85 9.18
CA TYR B 150 0.08 -24.83 8.15
C TYR B 150 1.27 -23.88 8.15
N PHE B 151 1.92 -23.71 9.29
CA PHE B 151 3.02 -22.73 9.33
C PHE B 151 4.30 -23.29 8.72
N LEU B 152 4.31 -23.29 7.38
CA LEU B 152 5.50 -23.78 6.68
C LEU B 152 6.55 -22.67 6.74
N PRO B 153 7.78 -23.01 7.02
CA PRO B 153 8.85 -22.02 7.04
C PRO B 153 8.89 -21.35 5.66
N ILE B 154 9.13 -20.06 5.59
CA ILE B 154 9.22 -19.33 4.33
C ILE B 154 10.67 -18.88 4.03
N VAL B 155 11.13 -19.24 2.86
CA VAL B 155 12.46 -18.89 2.36
C VAL B 155 12.29 -17.75 1.36
N ALA B 156 12.75 -16.54 1.68
CA ALA B 156 12.59 -15.40 0.81
C ALA B 156 13.82 -14.82 0.12
N ASP B 157 13.56 -14.26 -1.05
CA ASP B 157 14.54 -13.63 -1.92
C ASP B 157 14.80 -12.17 -1.59
N ALA B 158 16.00 -11.85 -1.12
CA ALA B 158 16.34 -10.47 -0.77
C ALA B 158 17.26 -9.85 -1.82
N GLU B 159 17.44 -10.50 -2.96
CA GLU B 159 18.28 -10.04 -4.05
C GLU B 159 19.67 -9.61 -3.55
N ALA B 160 20.09 -8.37 -3.76
CA ALA B 160 21.41 -7.94 -3.25
C ALA B 160 21.16 -6.84 -2.21
N GLY B 161 19.95 -6.82 -1.66
CA GLY B 161 19.70 -5.79 -0.65
C GLY B 161 19.23 -4.44 -1.17
N PHE B 162 19.13 -4.21 -2.47
CA PHE B 162 18.64 -2.91 -2.95
C PHE B 162 19.43 -1.69 -2.50
N GLY B 163 20.76 -1.76 -2.57
CA GLY B 163 21.60 -0.63 -2.18
C GLY B 163 22.83 -1.13 -1.44
N GLY B 164 23.21 -0.40 -0.40
CA GLY B 164 24.38 -0.75 0.39
C GLY B 164 23.99 -1.62 1.57
N VAL B 165 24.88 -1.67 2.56
CA VAL B 165 24.70 -2.47 3.74
C VAL B 165 23.49 -2.05 4.57
N LEU B 166 23.18 -0.76 4.64
CA LEU B 166 22.02 -0.36 5.46
C LEU B 166 20.72 -0.77 4.77
N ASN B 167 20.72 -0.74 3.44
CA ASN B 167 19.53 -1.16 2.71
C ASN B 167 19.26 -2.63 3.02
N ALA B 168 20.33 -3.41 3.00
CA ALA B 168 20.27 -4.84 3.24
C ALA B 168 19.84 -5.10 4.67
N PHE B 169 20.32 -4.23 5.54
CA PHE B 169 19.99 -4.36 6.96
C PHE B 169 18.49 -4.12 7.14
N GLU B 170 17.98 -3.09 6.49
CA GLU B 170 16.55 -2.76 6.61
C GLU B 170 15.67 -3.82 5.96
N LEU B 171 16.12 -4.44 4.88
CA LEU B 171 15.36 -5.47 4.19
C LEU B 171 15.29 -6.72 5.08
N MET B 172 16.40 -7.11 5.68
CA MET B 172 16.43 -8.28 6.54
C MET B 172 15.39 -8.11 7.66
N LYS B 173 15.37 -6.90 8.20
CA LYS B 173 14.47 -6.53 9.27
C LYS B 173 13.01 -6.67 8.81
N ALA B 174 12.71 -6.14 7.64
CA ALA B 174 11.35 -6.24 7.11
C ALA B 174 10.99 -7.72 6.95
N MET B 175 11.93 -8.51 6.43
CA MET B 175 11.74 -9.94 6.26
C MET B 175 11.40 -10.71 7.54
N ILE B 176 12.11 -10.35 8.62
CA ILE B 176 11.93 -11.01 9.91
C ILE B 176 10.59 -10.60 10.54
N GLU B 177 10.26 -9.31 10.50
CA GLU B 177 9.00 -8.87 11.10
C GLU B 177 7.81 -9.47 10.37
N ALA B 178 7.94 -9.80 9.09
CA ALA B 178 6.86 -10.39 8.32
C ALA B 178 6.76 -11.89 8.57
N GLY B 179 7.82 -12.49 9.12
CA GLY B 179 7.86 -13.89 9.45
C GLY B 179 8.62 -14.84 8.59
N ALA B 180 9.56 -14.36 7.77
CA ALA B 180 10.35 -15.26 6.92
C ALA B 180 11.20 -16.16 7.83
N ALA B 181 11.47 -17.37 7.41
CA ALA B 181 12.30 -18.26 8.22
C ALA B 181 13.77 -18.18 7.73
N ALA B 182 13.95 -17.93 6.44
CA ALA B 182 15.28 -17.90 5.84
C ALA B 182 15.26 -16.82 4.74
N VAL B 183 16.43 -16.25 4.49
CA VAL B 183 16.59 -15.18 3.51
C VAL B 183 17.85 -15.36 2.68
N HIS B 184 17.78 -15.11 1.37
CA HIS B 184 18.99 -15.27 0.56
C HIS B 184 19.46 -13.93 -0.02
N PHE B 185 20.77 -13.79 -0.10
CA PHE B 185 21.44 -12.60 -0.65
C PHE B 185 22.45 -13.02 -1.69
N GLU B 186 22.55 -12.30 -2.81
CA GLU B 186 23.43 -12.67 -3.90
C GLU B 186 24.59 -11.67 -4.11
N ASP B 187 25.62 -12.08 -4.85
CA ASP B 187 26.77 -11.20 -5.05
C ASP B 187 26.82 -10.52 -6.40
N GLN B 188 25.79 -10.64 -7.22
CA GLN B 188 25.75 -9.94 -8.49
C GLN B 188 25.12 -8.56 -8.22
N LEU B 189 25.20 -7.68 -9.19
CA LEU B 189 24.66 -6.32 -9.07
C LEU B 189 23.63 -6.21 -10.20
N ALA B 190 22.43 -6.76 -10.00
CA ALA B 190 21.45 -6.81 -11.09
C ALA B 190 21.10 -5.45 -11.66
N SER B 191 21.27 -4.39 -10.89
CA SER B 191 20.97 -3.04 -11.37
C SER B 191 21.84 -2.67 -12.56
N VAL B 192 22.67 -3.60 -13.01
CA VAL B 192 23.54 -3.34 -14.16
C VAL B 192 23.69 -4.55 -15.07
N LYS B 193 22.71 -5.45 -15.06
CA LYS B 193 22.78 -6.63 -15.90
C LYS B 193 22.73 -6.23 -17.38
N LYS B 194 23.85 -6.35 -18.07
CA LYS B 194 23.89 -5.99 -19.49
C LYS B 194 23.84 -7.23 -20.36
N GLY B 200 26.54 -9.17 -19.67
CA GLY B 200 26.06 -10.25 -18.80
C GLY B 200 26.00 -9.79 -17.34
N LYS B 201 26.11 -10.77 -16.42
CA LYS B 201 26.06 -10.46 -15.01
C LYS B 201 27.37 -9.84 -14.51
N VAL B 202 27.23 -9.00 -13.51
CA VAL B 202 28.33 -8.30 -12.87
C VAL B 202 28.44 -8.57 -11.39
N LEU B 203 29.58 -9.06 -10.92
CA LEU B 203 29.77 -9.30 -9.50
C LEU B 203 30.29 -8.07 -8.76
N VAL B 204 30.14 -8.07 -7.44
CA VAL B 204 30.72 -7.06 -6.57
C VAL B 204 31.92 -7.81 -5.95
N PRO B 205 32.87 -7.08 -5.41
CA PRO B 205 34.04 -7.67 -4.79
C PRO B 205 33.66 -8.61 -3.65
N THR B 206 34.46 -9.65 -3.41
CA THR B 206 34.16 -10.61 -2.37
C THR B 206 33.88 -10.00 -1.01
N GLN B 207 34.66 -9.01 -0.59
CA GLN B 207 34.44 -8.40 0.70
C GLN B 207 33.12 -7.62 0.75
N GLU B 208 32.65 -7.11 -0.38
CA GLU B 208 31.38 -6.37 -0.35
C GLU B 208 30.25 -7.37 -0.10
N ALA B 209 30.30 -8.50 -0.80
CA ALA B 209 29.27 -9.53 -0.61
C ALA B 209 29.21 -9.96 0.85
N ILE B 210 30.40 -10.19 1.44
CA ILE B 210 30.47 -10.62 2.82
C ILE B 210 29.88 -9.57 3.74
N GLN B 211 30.10 -8.28 3.45
CA GLN B 211 29.53 -7.26 4.35
C GLN B 211 27.99 -7.30 4.35
N LYS B 212 27.40 -7.62 3.21
CA LYS B 212 25.93 -7.71 3.14
C LYS B 212 25.46 -8.88 3.99
N LEU B 213 26.19 -10.00 3.93
CA LEU B 213 25.83 -11.15 4.76
C LEU B 213 25.98 -10.78 6.22
N VAL B 214 27.02 -9.98 6.52
CA VAL B 214 27.25 -9.58 7.91
C VAL B 214 26.13 -8.67 8.41
N ALA B 215 25.76 -7.72 7.55
CA ALA B 215 24.69 -6.78 7.91
C ALA B 215 23.41 -7.60 8.17
N ALA B 216 23.12 -8.61 7.34
CA ALA B 216 21.90 -9.40 7.55
C ALA B 216 21.94 -10.14 8.88
N ARG B 217 23.08 -10.79 9.15
CA ARG B 217 23.21 -11.53 10.39
C ARG B 217 23.10 -10.63 11.61
N LEU B 218 23.64 -9.42 11.50
CA LEU B 218 23.60 -8.45 12.59
C LEU B 218 22.13 -8.10 12.88
N CYS B 219 21.40 -7.79 11.79
CA CYS B 219 19.97 -7.43 12.03
C CYS B 219 19.27 -8.57 12.75
N ALA B 220 19.44 -9.79 12.26
CA ALA B 220 18.79 -10.93 12.93
C ALA B 220 19.19 -11.02 14.40
N ASP B 221 20.47 -10.90 14.72
CA ASP B 221 20.92 -10.96 16.12
C ASP B 221 20.32 -9.80 16.92
N VAL B 222 20.15 -8.63 16.28
CA VAL B 222 19.55 -7.54 17.06
C VAL B 222 18.11 -7.89 17.42
N THR B 223 17.35 -8.43 16.44
CA THR B 223 15.95 -8.79 16.68
C THR B 223 15.89 -9.97 17.64
N GLY B 224 16.94 -10.79 17.61
CA GLY B 224 17.00 -11.93 18.51
C GLY B 224 16.44 -13.20 17.91
N VAL B 225 16.30 -13.26 16.60
CA VAL B 225 15.78 -14.47 15.96
C VAL B 225 16.84 -15.18 15.14
N PRO B 226 16.97 -16.48 15.30
CA PRO B 226 17.92 -17.29 14.57
C PRO B 226 17.61 -17.55 13.11
N THR B 227 17.20 -16.53 12.38
CA THR B 227 16.87 -16.69 10.95
C THR B 227 17.98 -17.36 10.16
N LEU B 228 17.66 -18.22 9.21
CA LEU B 228 18.70 -18.86 8.40
C LEU B 228 19.14 -17.88 7.30
N LEU B 229 20.44 -17.89 7.02
CA LEU B 229 20.98 -16.96 6.01
C LEU B 229 21.51 -17.81 4.87
N VAL B 230 21.07 -17.54 3.64
CA VAL B 230 21.50 -18.31 2.49
C VAL B 230 22.39 -17.39 1.63
N ALA B 231 23.66 -17.76 1.51
CA ALA B 231 24.59 -16.95 0.69
C ALA B 231 24.56 -17.53 -0.71
N ARG B 232 24.19 -16.72 -1.68
CA ARG B 232 24.17 -17.18 -3.06
C ARG B 232 25.29 -16.53 -3.88
N THR B 233 25.86 -17.27 -4.82
CA THR B 233 26.89 -16.62 -5.64
C THR B 233 26.44 -16.73 -7.08
N ASP B 234 26.61 -15.69 -7.88
CA ASP B 234 26.27 -15.81 -9.30
C ASP B 234 27.58 -15.95 -10.11
N ALA B 235 28.68 -16.27 -9.46
CA ALA B 235 29.98 -16.38 -10.14
C ALA B 235 30.12 -17.41 -11.24
N ASP B 236 29.26 -18.41 -11.35
CA ASP B 236 29.38 -19.39 -12.42
C ASP B 236 29.08 -18.76 -13.79
N ALA B 237 28.30 -17.69 -13.79
CA ALA B 237 27.97 -17.03 -15.06
C ALA B 237 28.45 -15.60 -15.15
N ALA B 238 29.08 -15.05 -14.13
CA ALA B 238 29.52 -13.66 -14.16
C ALA B 238 30.98 -13.49 -14.53
N ASP B 239 31.24 -12.83 -15.66
CA ASP B 239 32.63 -12.61 -16.09
C ASP B 239 33.05 -11.16 -15.99
N LEU B 240 32.38 -10.39 -15.13
CA LEU B 240 32.67 -8.99 -14.89
C LEU B 240 32.61 -8.74 -13.38
N ILE B 241 33.46 -7.86 -12.90
CA ILE B 241 33.48 -7.53 -11.48
C ILE B 241 33.48 -6.00 -11.39
N THR B 242 32.85 -5.41 -10.39
CA THR B 242 32.79 -3.96 -10.32
C THR B 242 34.12 -3.27 -10.03
N SER B 243 34.96 -3.94 -9.26
CA SER B 243 36.23 -3.34 -8.86
C SER B 243 37.26 -4.38 -8.46
N ASP B 244 38.52 -3.95 -8.39
CA ASP B 244 39.62 -4.83 -8.02
C ASP B 244 40.12 -4.56 -6.61
N CYS B 245 39.36 -3.83 -5.82
CA CYS B 245 39.72 -3.50 -4.45
C CYS B 245 39.94 -4.69 -3.55
N ASP B 246 39.46 -5.90 -3.86
CA ASP B 246 39.67 -7.02 -2.94
C ASP B 246 40.72 -7.99 -3.49
N PRO B 247 41.83 -8.13 -2.79
CA PRO B 247 42.92 -9.02 -3.18
C PRO B 247 42.47 -10.47 -3.29
N TYR B 248 41.37 -10.81 -2.60
CA TYR B 248 40.86 -12.17 -2.66
C TYR B 248 40.41 -12.48 -4.08
N ASP B 249 39.97 -11.45 -4.82
CA ASP B 249 39.53 -11.65 -6.19
C ASP B 249 40.61 -11.57 -7.26
N SER B 250 41.84 -11.17 -6.85
CA SER B 250 42.89 -11.00 -7.85
C SER B 250 43.17 -12.19 -8.72
N GLU B 251 43.13 -13.45 -8.26
CA GLU B 251 43.43 -14.52 -9.21
C GLU B 251 42.48 -14.61 -10.40
N PHE B 252 41.27 -14.08 -10.33
CA PHE B 252 40.37 -14.16 -11.49
C PHE B 252 40.37 -12.88 -12.31
N ILE B 253 40.97 -11.83 -11.77
CA ILE B 253 41.02 -10.57 -12.50
C ILE B 253 42.18 -10.58 -13.49
N THR B 254 41.87 -10.43 -14.77
CA THR B 254 42.89 -10.47 -15.81
C THR B 254 43.74 -9.20 -15.85
N GLY B 255 43.10 -8.08 -15.53
CA GLY B 255 43.73 -6.78 -15.54
C GLY B 255 43.00 -5.90 -16.56
N GLU B 256 42.28 -6.53 -17.48
CA GLU B 256 41.51 -5.80 -18.48
C GLU B 256 40.27 -5.12 -17.88
N ARG B 257 40.06 -3.89 -18.30
CA ARG B 257 38.91 -3.11 -17.84
C ARG B 257 38.06 -2.69 -19.02
N THR B 258 36.74 -2.75 -18.88
CA THR B 258 35.83 -2.40 -19.97
C THR B 258 35.56 -0.89 -19.93
N SER B 259 34.84 -0.39 -20.91
CA SER B 259 34.53 1.04 -20.97
C SER B 259 33.73 1.55 -19.78
N GLU B 260 32.87 0.70 -19.22
CA GLU B 260 32.09 1.12 -18.07
C GLU B 260 32.97 1.19 -16.83
N GLY B 261 34.22 0.73 -16.97
CA GLY B 261 35.12 0.73 -15.82
C GLY B 261 35.08 -0.60 -15.07
N PHE B 262 34.33 -1.58 -15.56
CA PHE B 262 34.26 -2.88 -14.92
C PHE B 262 35.49 -3.71 -15.30
N PHE B 263 35.85 -4.67 -14.46
CA PHE B 263 37.01 -5.51 -14.77
C PHE B 263 36.62 -6.93 -15.19
N ARG B 264 37.17 -7.40 -16.30
CA ARG B 264 36.85 -8.73 -16.76
C ARG B 264 37.44 -9.78 -15.82
N THR B 265 36.71 -10.87 -15.65
CA THR B 265 37.15 -11.98 -14.81
C THR B 265 36.92 -13.27 -15.62
N HIS B 266 37.13 -14.41 -14.98
CA HIS B 266 36.91 -15.69 -15.64
C HIS B 266 35.69 -16.36 -15.01
N ALA B 267 34.58 -16.43 -15.75
CA ALA B 267 33.37 -17.06 -15.24
C ALA B 267 33.51 -18.58 -15.18
N GLY B 268 32.98 -19.25 -14.16
CA GLY B 268 33.10 -20.71 -14.10
C GLY B 268 33.01 -21.27 -12.70
N ILE B 269 33.04 -22.61 -12.52
CA ILE B 269 32.94 -23.13 -11.17
C ILE B 269 34.15 -22.72 -10.33
N GLU B 270 35.27 -22.45 -11.02
CA GLU B 270 36.44 -22.06 -10.22
C GLU B 270 36.11 -20.78 -9.49
N GLN B 271 35.53 -19.80 -10.19
CA GLN B 271 35.15 -18.55 -9.54
C GLN B 271 34.03 -18.82 -8.55
N ALA B 272 33.08 -19.69 -8.96
CA ALA B 272 31.95 -20.02 -8.05
C ALA B 272 32.48 -20.62 -6.77
N ILE B 273 33.44 -21.55 -6.95
CA ILE B 273 34.04 -22.21 -5.79
C ILE B 273 34.71 -21.22 -4.87
N SER B 274 35.47 -20.28 -5.48
CA SER B 274 36.14 -19.29 -4.63
C SER B 274 35.16 -18.48 -3.79
N ARG B 275 34.04 -18.06 -4.39
CA ARG B 275 33.06 -17.28 -3.61
C ARG B 275 32.36 -18.13 -2.57
N GLY B 276 31.99 -19.36 -2.97
CA GLY B 276 31.32 -20.26 -2.02
C GLY B 276 32.16 -20.48 -0.77
N LEU B 277 33.47 -20.71 -0.97
CA LEU B 277 34.39 -20.90 0.16
C LEU B 277 34.47 -19.68 1.05
N ALA B 278 34.43 -18.49 0.47
CA ALA B 278 34.51 -17.26 1.27
C ALA B 278 33.20 -16.98 2.01
N TYR B 279 32.06 -17.29 1.38
CA TYR B 279 30.79 -17.02 2.08
C TYR B 279 30.47 -18.08 3.13
N ALA B 280 31.00 -19.30 3.00
CA ALA B 280 30.70 -20.38 3.93
C ALA B 280 30.67 -20.08 5.40
N PRO B 281 31.72 -19.48 5.96
CA PRO B 281 31.77 -19.18 7.38
C PRO B 281 30.75 -18.15 7.83
N TYR B 282 30.12 -17.43 6.91
CA TYR B 282 29.13 -16.42 7.30
C TYR B 282 27.68 -16.85 7.12
N ALA B 283 27.41 -17.89 6.34
CA ALA B 283 26.05 -18.34 6.10
C ALA B 283 25.71 -19.75 6.52
N ASP B 284 24.42 -19.98 6.75
CA ASP B 284 23.91 -21.28 7.16
C ASP B 284 23.85 -22.19 5.95
N LEU B 285 23.57 -21.65 4.76
CA LEU B 285 23.54 -22.42 3.54
C LEU B 285 24.28 -21.67 2.42
N VAL B 286 24.86 -22.43 1.51
CA VAL B 286 25.58 -21.90 0.37
C VAL B 286 24.90 -22.32 -0.93
N TRP B 287 24.69 -21.38 -1.83
CA TRP B 287 24.02 -21.67 -3.10
C TRP B 287 24.72 -21.06 -4.30
N CYS B 288 24.98 -21.89 -5.29
CA CYS B 288 25.59 -21.48 -6.54
C CYS B 288 24.50 -21.57 -7.59
N GLU B 289 23.99 -20.42 -7.99
CA GLU B 289 22.89 -20.31 -8.94
C GLU B 289 23.20 -20.96 -10.27
N THR B 290 22.28 -21.77 -10.82
CA THR B 290 22.51 -22.42 -12.09
C THR B 290 21.36 -22.25 -13.07
N SER B 291 21.75 -22.29 -14.35
CA SER B 291 20.87 -22.15 -15.50
C SER B 291 20.69 -23.52 -16.18
N THR B 292 21.64 -24.40 -15.90
CA THR B 292 21.62 -25.75 -16.46
C THR B 292 21.68 -26.77 -15.32
N PRO B 293 20.58 -27.46 -15.13
CA PRO B 293 20.50 -28.52 -14.11
C PRO B 293 21.44 -29.61 -14.61
N ASP B 294 22.66 -29.60 -14.10
CA ASP B 294 23.71 -30.53 -14.48
C ASP B 294 24.35 -31.18 -13.26
N LEU B 295 24.22 -32.51 -13.20
CA LEU B 295 24.71 -33.32 -12.10
C LEU B 295 26.21 -33.29 -11.87
N GLU B 296 27.02 -33.41 -12.92
CA GLU B 296 28.47 -33.39 -12.76
C GLU B 296 28.96 -32.05 -12.21
N LEU B 297 28.29 -30.99 -12.67
CA LEU B 297 28.64 -29.63 -12.25
C LEU B 297 28.31 -29.48 -10.77
N ALA B 298 27.15 -30.00 -10.39
CA ALA B 298 26.69 -29.96 -9.01
C ALA B 298 27.62 -30.77 -8.09
N ARG B 299 28.05 -31.92 -8.58
CA ARG B 299 28.93 -32.77 -7.77
C ARG B 299 30.30 -32.10 -7.56
N ARG B 300 30.72 -31.39 -8.59
CA ARG B 300 32.01 -30.68 -8.56
C ARG B 300 31.98 -29.54 -7.55
N PHE B 301 30.85 -28.82 -7.52
CA PHE B 301 30.72 -27.71 -6.57
C PHE B 301 30.70 -28.18 -5.13
N ALA B 302 29.88 -29.20 -4.88
CA ALA B 302 29.74 -29.77 -3.55
C ALA B 302 31.05 -30.38 -3.07
N GLN B 303 31.71 -31.15 -3.93
CA GLN B 303 33.00 -31.75 -3.51
C GLN B 303 33.97 -30.67 -3.02
N ALA B 304 34.06 -29.58 -3.79
CA ALA B 304 34.93 -28.46 -3.47
C ALA B 304 34.67 -27.84 -2.12
N ILE B 305 33.38 -27.49 -1.94
CA ILE B 305 32.99 -26.90 -0.66
C ILE B 305 33.25 -27.88 0.47
N HIS B 306 32.89 -29.16 0.26
CA HIS B 306 33.05 -30.13 1.33
C HIS B 306 34.50 -30.51 1.59
N ALA B 307 35.40 -30.30 0.63
CA ALA B 307 36.81 -30.63 0.95
C ALA B 307 37.25 -29.71 2.07
N LYS B 308 36.68 -28.51 2.14
CA LYS B 308 37.01 -27.54 3.16
C LYS B 308 36.02 -27.46 4.32
N TYR B 309 34.71 -27.47 4.04
CA TYR B 309 33.76 -27.41 5.16
C TYR B 309 32.84 -28.64 5.09
N PRO B 310 33.29 -29.73 5.69
CA PRO B 310 32.56 -30.99 5.69
C PRO B 310 31.15 -30.84 6.24
N GLY B 311 30.17 -31.36 5.51
CA GLY B 311 28.78 -31.28 5.97
C GLY B 311 28.12 -29.94 5.73
N LYS B 312 28.82 -28.94 5.19
CA LYS B 312 28.17 -27.65 4.95
C LYS B 312 26.88 -27.87 4.18
N LEU B 313 25.79 -27.28 4.61
CA LEU B 313 24.50 -27.46 3.93
C LEU B 313 24.45 -26.64 2.65
N LEU B 314 24.05 -27.26 1.54
CA LEU B 314 23.93 -26.57 0.27
C LEU B 314 22.49 -26.47 -0.21
N ALA B 315 22.25 -25.54 -1.13
CA ALA B 315 20.94 -25.31 -1.73
C ALA B 315 21.14 -25.34 -3.24
N TYR B 316 20.17 -25.93 -3.92
CA TYR B 316 20.21 -26.06 -5.37
C TYR B 316 18.92 -25.58 -6.01
N ASN B 317 19.03 -24.82 -7.11
CA ASN B 317 17.80 -24.39 -7.78
C ASN B 317 17.86 -24.76 -9.26
N CYS B 318 16.76 -24.46 -9.91
CA CYS B 318 16.59 -24.55 -11.36
C CYS B 318 15.38 -23.65 -11.67
N SER B 319 15.37 -23.04 -12.83
CA SER B 319 14.27 -22.15 -13.20
C SER B 319 12.95 -22.85 -13.46
N PRO B 320 12.96 -23.80 -14.36
CA PRO B 320 14.14 -24.22 -15.10
C PRO B 320 14.06 -23.75 -16.54
N SER B 321 15.17 -23.88 -17.27
CA SER B 321 15.27 -23.50 -18.66
C SER B 321 14.39 -24.36 -19.57
N PHE B 322 13.92 -23.77 -20.67
CA PHE B 322 13.08 -24.52 -21.60
C PHE B 322 13.86 -25.69 -22.21
N ASN B 323 13.15 -26.81 -22.32
CA ASN B 323 13.58 -28.08 -22.82
C ASN B 323 14.87 -28.58 -22.16
N TRP B 324 15.08 -28.23 -20.90
CA TRP B 324 16.29 -28.69 -20.23
C TRP B 324 16.30 -30.22 -20.17
N GLN B 325 15.15 -30.79 -19.79
CA GLN B 325 15.07 -32.25 -19.72
C GLN B 325 15.32 -32.77 -21.13
N LYS B 326 15.06 -31.89 -22.10
CA LYS B 326 15.27 -32.23 -23.51
C LYS B 326 16.31 -33.34 -23.55
N ASN B 327 17.01 -33.45 -22.43
CA ASN B 327 17.99 -34.45 -22.17
C ASN B 327 18.59 -34.53 -20.77
N LEU B 328 18.51 -35.78 -20.42
CA LEU B 328 18.83 -36.62 -19.31
C LEU B 328 17.84 -37.76 -19.63
N ASP B 329 18.11 -39.01 -19.31
CA ASP B 329 17.08 -39.99 -19.68
C ASP B 329 15.97 -39.84 -18.65
N ASP B 330 14.78 -40.38 -18.92
CA ASP B 330 13.70 -40.25 -17.95
C ASP B 330 14.14 -40.75 -16.58
N LYS B 331 15.06 -41.74 -16.57
CA LYS B 331 15.52 -42.26 -15.29
C LYS B 331 16.33 -41.23 -14.50
N THR B 332 17.11 -40.42 -15.19
CA THR B 332 17.91 -39.41 -14.50
C THR B 332 17.01 -38.28 -14.03
N ILE B 333 15.94 -38.04 -14.79
CA ILE B 333 15.00 -37.00 -14.43
C ILE B 333 14.28 -37.36 -13.14
N ALA B 334 13.85 -38.61 -13.01
CA ALA B 334 13.13 -39.06 -11.82
C ALA B 334 13.96 -39.12 -10.55
N SER B 335 15.22 -39.53 -10.63
CA SER B 335 16.07 -39.61 -9.46
C SER B 335 16.89 -38.35 -9.23
N PHE B 336 16.74 -37.37 -10.11
CA PHE B 336 17.51 -36.13 -10.04
C PHE B 336 17.63 -35.58 -8.64
N GLN B 337 16.51 -35.36 -7.94
CA GLN B 337 16.56 -34.82 -6.59
C GLN B 337 17.20 -35.73 -5.56
N GLN B 338 17.16 -37.05 -5.73
CA GLN B 338 17.78 -37.94 -4.74
C GLN B 338 19.31 -37.92 -4.89
N GLN B 339 19.79 -37.91 -6.13
CA GLN B 339 21.24 -37.87 -6.37
C GLN B 339 21.81 -36.59 -5.78
N LEU B 340 21.10 -35.47 -5.92
CA LEU B 340 21.56 -34.20 -5.38
C LEU B 340 21.66 -34.21 -3.87
N SER B 341 20.65 -34.82 -3.26
CA SER B 341 20.58 -34.87 -1.80
C SER B 341 21.80 -35.60 -1.25
N ASP B 342 22.24 -36.62 -1.98
CA ASP B 342 23.40 -37.39 -1.52
C ASP B 342 24.68 -36.56 -1.66
N MET B 343 24.62 -35.46 -2.41
CA MET B 343 25.81 -34.61 -2.55
C MET B 343 25.86 -33.57 -1.45
N GLY B 344 24.75 -33.37 -0.74
CA GLY B 344 24.70 -32.40 0.33
C GLY B 344 23.68 -31.28 0.09
N TYR B 345 23.01 -31.27 -1.03
CA TYR B 345 21.99 -30.28 -1.36
C TYR B 345 20.69 -30.64 -0.64
N LYS B 346 20.53 -30.20 0.58
CA LYS B 346 19.35 -30.52 1.38
C LYS B 346 18.14 -29.63 1.12
N PHE B 347 18.35 -28.53 0.39
CA PHE B 347 17.24 -27.62 0.09
C PHE B 347 17.20 -27.45 -1.41
N GLN B 348 16.21 -28.03 -2.08
CA GLN B 348 16.08 -27.97 -3.51
C GLN B 348 14.82 -27.20 -3.91
N PHE B 349 14.91 -26.40 -5.00
CA PHE B 349 13.72 -25.64 -5.36
C PHE B 349 13.61 -25.24 -6.82
N ILE B 350 12.35 -25.21 -7.26
CA ILE B 350 12.05 -24.78 -8.64
C ILE B 350 11.50 -23.37 -8.42
N THR B 351 12.32 -22.38 -8.77
CA THR B 351 11.99 -20.99 -8.57
C THR B 351 10.74 -20.48 -9.28
N LEU B 352 10.54 -20.80 -10.54
CA LEU B 352 9.37 -20.26 -11.25
C LEU B 352 8.19 -21.23 -11.37
N ALA B 353 8.09 -22.22 -10.50
CA ALA B 353 7.01 -23.20 -10.58
C ALA B 353 5.64 -22.55 -10.49
N GLY B 354 5.44 -21.73 -9.46
CA GLY B 354 4.16 -21.05 -9.25
C GLY B 354 3.68 -20.22 -10.42
N ILE B 355 4.54 -19.40 -11.01
CA ILE B 355 4.11 -18.54 -12.11
C ILE B 355 3.85 -19.41 -13.33
N HIS B 356 4.65 -20.45 -13.55
CA HIS B 356 4.40 -21.30 -14.72
C HIS B 356 3.05 -22.05 -14.50
N SER B 357 2.91 -22.62 -13.32
CA SER B 357 1.68 -23.33 -12.97
C SER B 357 0.47 -22.42 -13.23
N MET B 358 0.45 -21.23 -12.64
CA MET B 358 -0.64 -20.30 -12.78
C MET B 358 -0.90 -19.84 -14.20
N TRP B 359 0.13 -19.26 -14.83
CA TRP B 359 -0.05 -18.70 -16.17
C TRP B 359 -0.43 -19.74 -17.19
N PHE B 360 0.24 -20.90 -17.21
CA PHE B 360 -0.12 -21.89 -18.23
C PHE B 360 -1.58 -22.37 -18.08
N ASN B 361 -1.98 -22.74 -16.87
CA ASN B 361 -3.35 -23.28 -16.67
C ASN B 361 -4.42 -22.28 -17.01
N MET B 362 -4.21 -20.99 -16.76
CA MET B 362 -5.17 -19.96 -17.12
C MET B 362 -5.27 -19.89 -18.65
N PHE B 363 -4.10 -20.00 -19.31
CA PHE B 363 -4.05 -19.96 -20.76
C PHE B 363 -4.84 -21.13 -21.35
N ASP B 364 -4.54 -22.31 -20.86
CA ASP B 364 -5.15 -23.56 -21.26
C ASP B 364 -6.67 -23.52 -21.11
N LEU B 365 -7.14 -23.12 -19.94
CA LEU B 365 -8.59 -23.03 -19.71
C LEU B 365 -9.20 -22.02 -20.68
N ALA B 366 -8.68 -20.79 -20.69
CA ALA B 366 -9.19 -19.72 -21.51
C ALA B 366 -9.12 -19.93 -23.02
N ASN B 367 -8.10 -20.60 -23.53
CA ASN B 367 -8.04 -20.79 -24.99
C ASN B 367 -9.21 -21.66 -25.45
N ALA B 368 -9.53 -22.67 -24.66
CA ALA B 368 -10.65 -23.56 -24.98
C ALA B 368 -11.98 -22.85 -24.76
N TYR B 369 -12.16 -22.14 -23.66
CA TYR B 369 -13.39 -21.43 -23.33
C TYR B 369 -13.73 -20.33 -24.34
N ALA B 370 -12.71 -19.60 -24.80
CA ALA B 370 -12.97 -18.53 -25.76
C ALA B 370 -13.53 -19.02 -27.09
N GLN B 371 -13.32 -20.29 -27.41
CA GLN B 371 -13.79 -20.88 -28.67
C GLN B 371 -15.25 -21.30 -28.68
N GLY B 372 -15.82 -21.60 -27.52
CA GLY B 372 -17.22 -22.00 -27.43
C GLY B 372 -17.35 -23.21 -26.49
N GLU B 373 -18.59 -23.66 -26.29
CA GLU B 373 -18.84 -24.79 -25.39
C GLU B 373 -18.09 -24.54 -24.08
N GLY B 374 -18.16 -23.28 -23.67
CA GLY B 374 -17.50 -22.80 -22.49
C GLY B 374 -17.60 -23.62 -21.22
N MET B 375 -18.83 -24.00 -20.84
CA MET B 375 -19.00 -24.70 -19.56
C MET B 375 -18.41 -26.08 -19.61
N LYS B 376 -18.40 -26.72 -20.77
CA LYS B 376 -17.82 -28.05 -20.90
C LYS B 376 -16.33 -28.00 -20.54
N HIS B 377 -15.66 -27.01 -21.13
CA HIS B 377 -14.21 -26.90 -20.86
C HIS B 377 -13.94 -26.66 -19.40
N TYR B 378 -14.75 -25.83 -18.76
CA TYR B 378 -14.54 -25.57 -17.34
C TYR B 378 -14.76 -26.85 -16.55
N VAL B 379 -15.83 -27.59 -16.91
CA VAL B 379 -16.08 -28.84 -16.21
C VAL B 379 -14.96 -29.85 -16.43
N GLU B 380 -14.52 -29.96 -17.69
CA GLU B 380 -13.47 -30.93 -17.97
C GLU B 380 -12.08 -30.56 -17.49
N LYS B 381 -11.70 -29.29 -17.49
CA LYS B 381 -10.32 -28.94 -17.09
C LYS B 381 -10.14 -28.63 -15.62
N VAL B 382 -11.21 -28.20 -14.95
CA VAL B 382 -11.14 -27.84 -13.56
C VAL B 382 -12.00 -28.64 -12.59
N GLN B 383 -13.32 -28.49 -12.68
CA GLN B 383 -14.22 -29.17 -11.75
C GLN B 383 -14.02 -30.66 -11.64
N GLN B 384 -13.91 -31.40 -12.74
CA GLN B 384 -13.71 -32.85 -12.68
C GLN B 384 -12.45 -33.24 -11.96
N PRO B 385 -11.31 -32.68 -12.38
CA PRO B 385 -10.03 -32.96 -11.73
C PRO B 385 -10.08 -32.57 -10.26
N GLU B 386 -10.77 -31.48 -9.93
CA GLU B 386 -10.85 -31.09 -8.52
C GLU B 386 -11.56 -32.16 -7.69
N PHE B 387 -12.66 -32.68 -8.24
CA PHE B 387 -13.41 -33.70 -7.52
C PHE B 387 -12.54 -34.93 -7.33
N ALA B 388 -11.70 -35.28 -8.31
CA ALA B 388 -10.86 -36.46 -8.17
C ALA B 388 -9.71 -36.26 -7.18
N ALA B 389 -9.28 -35.02 -6.97
CA ALA B 389 -8.18 -34.79 -6.02
C ALA B 389 -8.68 -34.71 -4.58
N ALA B 390 -9.99 -34.73 -4.37
CA ALA B 390 -10.50 -34.64 -3.00
C ALA B 390 -9.99 -35.81 -2.17
N LYS B 391 -9.82 -36.97 -2.79
CA LYS B 391 -9.32 -38.15 -2.08
C LYS B 391 -7.91 -37.91 -1.54
N ASP B 392 -7.16 -37.03 -2.18
CA ASP B 392 -5.79 -36.74 -1.78
C ASP B 392 -5.62 -35.63 -0.78
N GLY B 393 -6.68 -34.98 -0.33
CA GLY B 393 -6.54 -33.90 0.63
C GLY B 393 -6.91 -32.51 0.11
N TYR B 394 -7.36 -32.42 -1.14
CA TYR B 394 -7.74 -31.11 -1.70
C TYR B 394 -9.13 -30.78 -1.17
N THR B 395 -9.28 -29.66 -0.47
CA THR B 395 -10.57 -29.30 0.09
C THR B 395 -11.20 -28.08 -0.55
N PHE B 396 -10.53 -27.47 -1.53
CA PHE B 396 -11.08 -26.27 -2.14
C PHE B 396 -12.34 -26.57 -2.96
N VAL B 397 -12.68 -27.85 -3.08
CA VAL B 397 -13.93 -28.22 -3.77
C VAL B 397 -15.03 -27.50 -2.98
N SER B 398 -14.87 -27.37 -1.66
CA SER B 398 -15.84 -26.62 -0.86
C SER B 398 -15.22 -25.25 -0.61
N HIS B 399 -15.33 -24.35 -1.58
CA HIS B 399 -14.68 -23.06 -1.48
C HIS B 399 -15.08 -22.12 -0.38
N GLN B 400 -16.34 -22.12 0.07
CA GLN B 400 -16.69 -21.18 1.14
C GLN B 400 -16.01 -21.54 2.45
N GLN B 401 -15.84 -22.81 2.77
CA GLN B 401 -15.22 -23.20 4.03
C GLN B 401 -13.72 -22.87 4.05
N GLU B 402 -13.08 -23.06 2.92
CA GLU B 402 -11.65 -22.87 2.74
C GLU B 402 -11.22 -21.46 3.09
N VAL B 403 -11.99 -20.44 2.73
CA VAL B 403 -11.58 -19.06 3.03
C VAL B 403 -12.08 -18.55 4.36
N GLY B 404 -12.70 -19.40 5.20
CA GLY B 404 -13.13 -18.94 6.49
C GLY B 404 -14.56 -18.52 6.74
N THR B 405 -15.47 -18.78 5.81
CA THR B 405 -16.88 -18.43 6.01
C THR B 405 -17.40 -19.07 7.32
N GLY B 406 -17.20 -20.22 7.57
CA GLY B 406 -17.66 -20.90 8.77
C GLY B 406 -17.11 -20.31 10.02
N TYR B 407 -15.82 -19.96 9.99
CA TYR B 407 -15.11 -19.36 11.10
C TYR B 407 -15.71 -18.00 11.47
N PHE B 408 -15.88 -17.15 10.48
CA PHE B 408 -16.43 -15.82 10.66
C PHE B 408 -17.93 -15.86 11.00
N ASP B 409 -18.62 -16.89 10.55
CA ASP B 409 -20.06 -16.99 10.84
C ASP B 409 -20.16 -17.27 12.34
N LYS B 410 -19.26 -18.11 12.83
CA LYS B 410 -19.20 -18.41 14.24
C LYS B 410 -18.85 -17.17 15.05
N VAL B 411 -17.96 -16.33 14.52
CA VAL B 411 -17.60 -15.10 15.24
C VAL B 411 -18.86 -14.23 15.32
N THR B 412 -19.59 -14.13 14.22
CA THR B 412 -20.81 -13.32 14.21
C THR B 412 -21.82 -13.81 15.25
N THR B 413 -21.96 -15.11 15.33
CA THR B 413 -22.86 -15.79 16.25
C THR B 413 -22.52 -15.57 17.72
N ILE B 414 -21.23 -15.60 18.07
CA ILE B 414 -20.80 -15.35 19.44
C ILE B 414 -21.17 -13.93 19.85
N ILE B 415 -20.99 -12.99 18.94
CA ILE B 415 -21.28 -11.59 19.14
C ILE B 415 -22.78 -11.29 19.24
N GLN B 416 -23.59 -12.01 18.47
CA GLN B 416 -25.03 -11.83 18.47
C GLN B 416 -25.71 -12.97 19.24
N GLY B 417 -25.66 -12.93 20.56
CA GLY B 417 -26.28 -14.00 21.36
C GLY B 417 -25.28 -14.49 22.40
N LYS C 2 -11.77 24.78 -21.23
CA LYS C 2 -13.13 24.81 -21.76
C LYS C 2 -14.01 25.57 -20.77
N THR C 3 -14.85 26.48 -21.26
CA THR C 3 -15.68 27.24 -20.32
C THR C 3 -16.76 26.33 -19.74
N ARG C 4 -17.27 26.75 -18.58
CA ARG C 4 -18.32 26.00 -17.90
C ARG C 4 -19.51 25.84 -18.84
N THR C 5 -20.03 26.97 -19.32
CA THR C 5 -21.20 26.94 -20.21
C THR C 5 -20.90 25.99 -21.38
N GLN C 6 -19.69 26.01 -21.90
CA GLN C 6 -19.34 25.11 -23.00
C GLN C 6 -19.44 23.66 -22.55
N GLN C 7 -19.02 23.38 -21.32
CA GLN C 7 -19.10 22.00 -20.82
C GLN C 7 -20.55 21.59 -20.63
N ILE C 8 -21.39 22.52 -20.19
CA ILE C 8 -22.80 22.20 -20.00
C ILE C 8 -23.44 21.82 -21.33
N GLU C 9 -23.19 22.64 -22.35
CA GLU C 9 -23.76 22.37 -23.67
C GLU C 9 -23.26 21.06 -24.26
N GLU C 10 -21.98 20.75 -24.11
CA GLU C 10 -21.46 19.50 -24.67
C GLU C 10 -22.08 18.27 -24.01
N LEU C 11 -22.37 18.34 -22.71
CA LEU C 11 -23.00 17.21 -22.04
C LEU C 11 -24.45 17.03 -22.50
N GLN C 12 -25.19 18.13 -22.48
CA GLN C 12 -26.59 18.10 -22.91
C GLN C 12 -26.70 17.40 -24.26
N LYS C 13 -25.78 17.68 -25.17
CA LYS C 13 -25.77 17.09 -26.50
C LYS C 13 -25.38 15.62 -26.45
N GLU C 14 -24.44 15.30 -25.56
CA GLU C 14 -24.00 13.92 -25.47
C GLU C 14 -25.11 13.01 -24.96
N TRP C 15 -25.96 13.50 -24.07
CA TRP C 15 -27.04 12.65 -23.54
C TRP C 15 -28.16 12.38 -24.54
N THR C 16 -28.07 12.96 -25.73
CA THR C 16 -29.07 12.71 -26.77
C THR C 16 -28.54 11.64 -27.72
N GLN C 17 -27.26 11.29 -27.56
CA GLN C 17 -26.65 10.27 -28.40
C GLN C 17 -27.22 8.90 -28.10
N PRO C 18 -27.11 7.97 -29.04
CA PRO C 18 -27.62 6.62 -28.91
C PRO C 18 -27.06 5.82 -27.75
N ARG C 19 -25.84 6.13 -27.31
CA ARG C 19 -25.27 5.43 -26.17
C ARG C 19 -26.17 5.56 -24.94
N TRP C 20 -26.83 6.70 -24.78
CA TRP C 20 -27.67 6.95 -23.62
C TRP C 20 -29.16 6.72 -23.82
N GLU C 21 -29.53 6.02 -24.88
CA GLU C 21 -30.94 5.73 -25.16
C GLU C 21 -31.53 4.80 -24.10
N GLY C 22 -32.60 5.28 -23.47
CA GLY C 22 -33.30 4.53 -22.44
C GLY C 22 -32.67 4.69 -21.06
N ILE C 23 -31.72 5.62 -20.91
CA ILE C 23 -31.07 5.80 -19.61
C ILE C 23 -31.62 6.99 -18.85
N THR C 24 -32.00 6.83 -17.60
CA THR C 24 -32.54 7.96 -16.85
C THR C 24 -31.53 8.62 -15.92
N ARG C 25 -31.50 9.95 -15.90
CA ARG C 25 -30.61 10.70 -15.04
C ARG C 25 -31.45 11.73 -14.26
N PRO C 26 -31.54 11.61 -12.96
CA PRO C 26 -32.31 12.52 -12.13
C PRO C 26 -31.62 13.82 -11.82
N TYR C 27 -30.60 14.20 -12.59
CA TYR C 27 -29.88 15.44 -12.34
C TYR C 27 -29.62 16.10 -13.68
N SER C 28 -29.22 17.37 -13.69
CA SER C 28 -28.95 18.05 -14.95
C SER C 28 -27.46 18.08 -15.27
N ALA C 29 -27.15 18.57 -16.47
CA ALA C 29 -25.79 18.73 -16.95
C ALA C 29 -25.07 19.76 -16.09
N GLU C 30 -25.79 20.79 -15.66
CA GLU C 30 -25.21 21.83 -14.82
C GLU C 30 -24.82 21.28 -13.44
N ASP C 31 -25.57 20.27 -12.99
CA ASP C 31 -25.27 19.65 -11.71
C ASP C 31 -23.93 18.92 -11.81
N VAL C 32 -23.74 18.24 -12.94
CA VAL C 32 -22.55 17.46 -13.22
C VAL C 32 -21.32 18.37 -13.30
N VAL C 33 -21.44 19.38 -14.16
CA VAL C 33 -20.35 20.31 -14.40
C VAL C 33 -19.94 21.09 -13.16
N LYS C 34 -20.82 21.27 -12.18
CA LYS C 34 -20.43 22.04 -11.00
C LYS C 34 -19.56 21.21 -10.05
N LEU C 35 -19.55 19.90 -10.23
CA LEU C 35 -18.75 19.05 -9.37
C LEU C 35 -17.36 18.74 -9.93
N ARG C 36 -17.04 19.17 -11.13
CA ARG C 36 -15.79 18.84 -11.78
C ARG C 36 -14.49 19.54 -11.39
N GLY C 37 -14.56 20.82 -11.06
CA GLY C 37 -13.33 21.55 -10.73
C GLY C 37 -12.90 22.17 -12.08
N SER C 38 -11.90 23.04 -12.10
CA SER C 38 -11.45 23.67 -13.34
C SER C 38 -10.55 22.82 -14.21
N VAL C 39 -9.98 21.76 -13.67
CA VAL C 39 -9.09 20.87 -14.40
C VAL C 39 -9.59 19.44 -14.19
N ASN C 40 -9.85 18.74 -15.27
CA ASN C 40 -10.38 17.36 -15.17
C ASN C 40 -9.41 16.43 -15.87
N PRO C 41 -8.62 15.69 -15.09
CA PRO C 41 -7.61 14.80 -15.64
C PRO C 41 -8.17 13.69 -16.53
N GLU C 42 -7.48 13.46 -17.64
CA GLU C 42 -7.88 12.42 -18.57
C GLU C 42 -7.69 11.02 -18.00
N CYS C 43 -8.61 10.12 -18.32
CA CYS C 43 -8.51 8.72 -17.87
C CYS C 43 -8.51 7.92 -19.17
N THR C 44 -7.35 7.91 -19.85
CA THR C 44 -7.29 7.23 -21.14
C THR C 44 -7.78 5.79 -21.19
N LEU C 45 -7.33 4.92 -20.30
CA LEU C 45 -7.71 3.52 -20.33
C LEU C 45 -9.21 3.30 -20.07
N ALA C 46 -9.80 4.09 -19.20
CA ALA C 46 -11.22 3.97 -18.87
C ALA C 46 -12.06 4.37 -20.08
N GLN C 47 -11.63 5.40 -20.80
CA GLN C 47 -12.27 5.85 -22.01
C GLN C 47 -12.23 4.75 -23.07
N LEU C 48 -11.04 4.17 -23.28
CA LEU C 48 -10.88 3.12 -24.26
C LEU C 48 -11.66 1.86 -23.89
N GLY C 49 -11.56 1.46 -22.63
CA GLY C 49 -12.28 0.25 -22.18
C GLY C 49 -13.79 0.40 -22.35
N ALA C 50 -14.36 1.52 -21.93
CA ALA C 50 -15.80 1.72 -22.04
C ALA C 50 -16.30 1.74 -23.48
N ALA C 51 -15.50 2.32 -24.37
CA ALA C 51 -15.88 2.38 -25.78
C ALA C 51 -15.84 0.98 -26.38
N LYS C 52 -14.76 0.26 -26.06
CA LYS C 52 -14.60 -1.08 -26.60
C LYS C 52 -15.66 -2.07 -26.13
N MET C 53 -15.98 -1.98 -24.85
CA MET C 53 -16.97 -2.85 -24.24
C MET C 53 -18.34 -2.60 -24.88
N TRP C 54 -18.66 -1.32 -25.08
CA TRP C 54 -19.93 -0.95 -25.69
C TRP C 54 -20.04 -1.54 -27.09
N ARG C 55 -18.98 -1.52 -27.88
CA ARG C 55 -18.99 -2.10 -29.21
C ARG C 55 -19.08 -3.62 -29.18
N LEU C 56 -18.36 -4.25 -28.26
CA LEU C 56 -18.42 -5.71 -28.19
C LEU C 56 -19.85 -6.15 -27.84
N LEU C 57 -20.54 -5.37 -27.01
CA LEU C 57 -21.90 -5.71 -26.62
C LEU C 57 -22.90 -5.38 -27.72
N HIS C 58 -22.49 -4.67 -28.76
CA HIS C 58 -23.38 -4.33 -29.85
C HIS C 58 -22.88 -4.80 -31.22
N GLY C 59 -22.67 -6.09 -31.38
CA GLY C 59 -22.23 -6.71 -32.60
C GLY C 59 -20.78 -6.95 -32.89
N GLU C 60 -19.82 -6.51 -32.07
CA GLU C 60 -18.42 -6.77 -32.46
C GLU C 60 -17.78 -7.94 -31.76
N SER C 61 -18.47 -8.64 -30.86
CA SER C 61 -17.86 -9.81 -30.23
C SER C 61 -17.73 -10.90 -31.30
N LYS C 62 -16.77 -11.77 -31.10
CA LYS C 62 -16.51 -12.86 -32.03
C LYS C 62 -17.70 -13.83 -32.09
N LYS C 63 -18.27 -14.17 -30.94
CA LYS C 63 -19.33 -15.17 -30.92
C LYS C 63 -20.75 -14.64 -30.75
N GLY C 64 -20.94 -13.34 -30.65
CA GLY C 64 -22.28 -12.79 -30.46
C GLY C 64 -22.46 -12.53 -28.95
N TYR C 65 -21.56 -13.07 -28.13
CA TYR C 65 -21.62 -12.85 -26.69
C TYR C 65 -20.21 -12.80 -26.10
N ILE C 66 -20.06 -12.13 -24.97
CA ILE C 66 -18.78 -12.05 -24.27
C ILE C 66 -18.79 -13.02 -23.09
N ASN C 67 -17.91 -14.00 -23.11
CA ASN C 67 -17.84 -14.95 -22.00
C ASN C 67 -16.53 -14.71 -21.25
N SER C 68 -16.61 -14.48 -19.95
CA SER C 68 -15.43 -14.17 -19.15
C SER C 68 -15.15 -15.13 -18.01
N LEU C 69 -13.97 -14.95 -17.41
CA LEU C 69 -13.48 -15.77 -16.32
C LEU C 69 -12.81 -14.88 -15.26
N GLY C 70 -13.14 -15.09 -14.00
CA GLY C 70 -12.57 -14.28 -12.94
C GLY C 70 -11.04 -14.38 -12.96
N ALA C 71 -10.40 -13.23 -12.79
CA ALA C 71 -8.94 -13.18 -12.77
C ALA C 71 -8.47 -12.38 -11.56
N LEU C 72 -7.46 -12.86 -10.82
CA LEU C 72 -7.04 -12.07 -9.67
C LEU C 72 -5.61 -11.54 -9.78
N THR C 73 -4.87 -11.79 -10.84
CA THR C 73 -3.54 -11.22 -11.03
C THR C 73 -3.40 -10.65 -12.45
N GLY C 74 -2.54 -9.66 -12.61
CA GLY C 74 -2.31 -9.06 -13.93
C GLY C 74 -1.91 -10.14 -14.94
N GLY C 75 -1.10 -11.08 -14.50
CA GLY C 75 -0.64 -12.19 -15.32
C GLY C 75 -1.75 -13.14 -15.76
N GLN C 76 -2.77 -13.35 -14.92
CA GLN C 76 -3.87 -14.23 -15.34
C GLN C 76 -4.62 -13.54 -16.48
N ALA C 77 -4.84 -12.25 -16.36
CA ALA C 77 -5.52 -11.47 -17.40
C ALA C 77 -4.72 -11.47 -18.69
N LEU C 78 -3.39 -11.37 -18.57
CA LEU C 78 -2.49 -11.40 -19.73
C LEU C 78 -2.69 -12.71 -20.49
N GLN C 79 -2.70 -13.86 -19.80
CA GLN C 79 -2.90 -15.13 -20.52
C GLN C 79 -4.30 -15.16 -21.16
N GLN C 80 -5.30 -14.54 -20.52
CA GLN C 80 -6.65 -14.53 -21.11
C GLN C 80 -6.65 -13.81 -22.45
N ALA C 81 -5.96 -12.67 -22.46
CA ALA C 81 -5.87 -11.88 -23.71
C ALA C 81 -5.15 -12.68 -24.78
N LYS C 82 -4.17 -13.50 -24.43
CA LYS C 82 -3.43 -14.29 -25.41
C LYS C 82 -4.27 -15.45 -25.93
N ALA C 83 -5.20 -15.89 -25.07
CA ALA C 83 -6.06 -17.02 -25.41
C ALA C 83 -7.27 -16.58 -26.21
N GLY C 84 -7.53 -15.27 -26.33
CA GLY C 84 -8.70 -14.87 -27.11
C GLY C 84 -9.90 -14.36 -26.33
N ILE C 85 -9.81 -14.23 -25.02
CA ILE C 85 -10.90 -13.72 -24.19
C ILE C 85 -11.10 -12.26 -24.55
N GLU C 86 -12.31 -11.73 -24.56
CA GLU C 86 -12.54 -10.37 -24.98
C GLU C 86 -12.80 -9.34 -23.89
N ALA C 87 -12.95 -9.78 -22.66
CA ALA C 87 -13.19 -8.88 -21.53
C ALA C 87 -12.76 -9.63 -20.27
N VAL C 88 -12.23 -8.92 -19.30
CA VAL C 88 -11.77 -9.51 -18.07
C VAL C 88 -12.79 -9.30 -16.96
N TYR C 89 -13.13 -10.33 -16.21
CA TYR C 89 -14.04 -10.22 -15.09
C TYR C 89 -13.20 -10.18 -13.80
N LEU C 90 -13.38 -9.14 -12.99
CA LEU C 90 -12.65 -9.00 -11.73
C LEU C 90 -13.56 -9.27 -10.52
N SER C 91 -13.49 -10.44 -9.94
CA SER C 91 -14.31 -10.87 -8.81
C SER C 91 -13.89 -10.39 -7.43
N GLY C 92 -14.84 -9.87 -6.65
CA GLY C 92 -14.60 -9.39 -5.31
C GLY C 92 -14.31 -10.53 -4.34
N TRP C 93 -14.95 -11.65 -4.63
CA TRP C 93 -14.76 -12.87 -3.84
C TRP C 93 -13.27 -13.28 -3.96
N GLN C 94 -12.78 -13.38 -5.20
CA GLN C 94 -11.36 -13.76 -5.39
C GLN C 94 -10.43 -12.76 -4.70
N VAL C 95 -10.73 -11.47 -4.77
CA VAL C 95 -9.94 -10.43 -4.12
C VAL C 95 -9.92 -10.61 -2.61
N ALA C 96 -11.08 -10.98 -2.03
CA ALA C 96 -11.21 -11.18 -0.60
C ALA C 96 -10.37 -12.36 -0.11
N ALA C 97 -10.37 -13.43 -0.92
CA ALA C 97 -9.63 -14.62 -0.56
C ALA C 97 -8.10 -14.52 -0.73
N ASP C 98 -7.62 -13.86 -1.78
CA ASP C 98 -6.17 -13.91 -2.03
C ASP C 98 -5.58 -12.69 -2.70
N ALA C 99 -6.22 -11.54 -2.77
CA ALA C 99 -5.61 -10.41 -3.45
C ALA C 99 -6.13 -9.09 -2.96
N ASN C 100 -6.23 -8.92 -1.64
CA ASN C 100 -6.73 -7.63 -1.15
C ASN C 100 -5.62 -6.85 -0.41
N LEU C 101 -5.90 -5.58 -0.13
CA LEU C 101 -4.97 -4.70 0.52
C LEU C 101 -4.78 -4.93 2.01
N ALA C 102 -5.59 -5.75 2.65
CA ALA C 102 -5.35 -6.03 4.08
C ALA C 102 -4.41 -7.24 4.13
N ALA C 103 -4.05 -7.77 2.97
CA ALA C 103 -3.15 -8.92 2.91
C ALA C 103 -3.66 -10.10 3.71
N SER C 104 -4.97 -10.29 3.78
CA SER C 104 -5.56 -11.38 4.54
C SER C 104 -6.52 -12.23 3.71
N MET C 105 -6.74 -13.45 4.17
CA MET C 105 -7.68 -14.33 3.47
C MET C 105 -9.06 -14.12 4.11
N TYR C 106 -10.01 -13.65 3.30
CA TYR C 106 -11.35 -13.43 3.82
C TYR C 106 -12.47 -14.12 3.06
N PRO C 107 -13.58 -14.35 3.75
CA PRO C 107 -14.79 -14.89 3.12
C PRO C 107 -15.46 -13.73 2.39
N ASP C 108 -16.47 -13.96 1.56
CA ASP C 108 -17.07 -12.87 0.80
C ASP C 108 -18.09 -12.03 1.54
N GLN C 109 -17.65 -11.15 2.44
CA GLN C 109 -18.51 -10.29 3.21
C GLN C 109 -18.05 -8.86 3.28
N SER C 110 -17.49 -8.31 2.21
CA SER C 110 -17.02 -6.94 2.19
C SER C 110 -16.16 -6.57 3.38
N LEU C 111 -15.23 -7.44 3.75
CA LEU C 111 -14.35 -7.15 4.88
C LEU C 111 -13.05 -6.43 4.51
N TYR C 112 -12.65 -6.42 3.25
CA TYR C 112 -11.41 -5.78 2.81
C TYR C 112 -11.56 -4.29 2.58
N PRO C 113 -10.45 -3.57 2.59
CA PRO C 113 -10.39 -2.13 2.40
C PRO C 113 -11.01 -1.78 1.06
N ALA C 114 -11.88 -0.78 1.02
CA ALA C 114 -12.62 -0.40 -0.16
C ALA C 114 -11.82 -0.14 -1.43
N ASN C 115 -10.52 0.14 -1.30
CA ASN C 115 -9.76 0.43 -2.52
C ASN C 115 -9.07 -0.81 -3.05
N SER C 116 -9.38 -2.01 -2.56
CA SER C 116 -8.70 -3.20 -3.08
C SER C 116 -8.98 -3.59 -4.52
N VAL C 117 -10.23 -3.49 -5.00
CA VAL C 117 -10.48 -3.91 -6.38
C VAL C 117 -9.83 -2.97 -7.38
N PRO C 118 -9.93 -1.67 -7.23
CA PRO C 118 -9.31 -0.71 -8.11
C PRO C 118 -7.79 -0.94 -8.17
N ALA C 119 -7.20 -1.40 -7.08
CA ALA C 119 -5.78 -1.71 -7.02
C ALA C 119 -5.48 -2.86 -7.97
N VAL C 120 -6.38 -3.85 -8.01
CA VAL C 120 -6.19 -4.98 -8.91
C VAL C 120 -6.46 -4.58 -10.36
N VAL C 121 -7.39 -3.65 -10.56
CA VAL C 121 -7.68 -3.14 -11.90
C VAL C 121 -6.42 -2.51 -12.50
N GLU C 122 -5.77 -1.70 -11.66
CA GLU C 122 -4.53 -1.03 -12.06
C GLU C 122 -3.45 -2.05 -12.37
N ARG C 123 -3.30 -3.12 -11.59
CA ARG C 123 -2.31 -4.13 -11.85
C ARG C 123 -2.53 -4.74 -13.24
N ILE C 124 -3.81 -5.06 -13.49
CA ILE C 124 -4.15 -5.67 -14.78
C ILE C 124 -3.83 -4.71 -15.91
N ASN C 125 -4.22 -3.44 -15.84
CA ASN C 125 -3.93 -2.52 -16.92
C ASN C 125 -2.42 -2.33 -17.10
N ASN C 126 -1.67 -2.27 -16.00
CA ASN C 126 -0.22 -2.12 -16.10
C ASN C 126 0.40 -3.30 -16.83
N THR C 127 -0.11 -4.51 -16.56
CA THR C 127 0.40 -5.70 -17.22
C THR C 127 0.10 -5.59 -18.72
N PHE C 128 -1.11 -5.11 -19.01
CA PHE C 128 -1.52 -4.95 -20.40
C PHE C 128 -0.59 -3.95 -21.11
N ARG C 129 -0.29 -2.84 -20.45
CA ARG C 129 0.59 -1.84 -21.04
C ARG C 129 1.97 -2.43 -21.38
N ARG C 130 2.53 -3.23 -20.47
CA ARG C 130 3.85 -3.81 -20.69
C ARG C 130 3.81 -4.73 -21.90
N ALA C 131 2.78 -5.55 -22.00
CA ALA C 131 2.67 -6.47 -23.13
C ALA C 131 2.58 -5.69 -24.44
N ASP C 132 1.78 -4.63 -24.42
CA ASP C 132 1.59 -3.81 -25.60
C ASP C 132 2.93 -3.16 -25.97
N GLN C 133 3.67 -2.73 -24.95
CA GLN C 133 4.96 -2.09 -25.23
C GLN C 133 5.94 -3.08 -25.85
N ILE C 134 5.92 -4.29 -25.29
CA ILE C 134 6.82 -5.32 -25.81
C ILE C 134 6.55 -5.49 -27.30
N GLN C 135 5.26 -5.71 -27.59
CA GLN C 135 4.79 -5.90 -28.93
C GLN C 135 5.09 -4.74 -29.87
N TRP C 136 4.83 -3.52 -29.42
CA TRP C 136 5.09 -2.34 -30.24
C TRP C 136 6.56 -2.14 -30.56
N SER C 137 7.41 -2.34 -29.56
CA SER C 137 8.85 -2.15 -29.69
C SER C 137 9.46 -3.21 -30.60
N ALA C 138 8.74 -4.30 -30.82
CA ALA C 138 9.22 -5.36 -31.70
C ALA C 138 8.73 -5.04 -33.10
N GLY C 139 8.05 -3.91 -33.23
CA GLY C 139 7.54 -3.49 -34.53
C GLY C 139 6.25 -4.15 -34.96
N ILE C 140 5.66 -5.00 -34.14
CA ILE C 140 4.38 -5.64 -34.49
C ILE C 140 3.27 -4.61 -34.30
N GLU C 141 2.74 -4.07 -35.38
CA GLU C 141 1.70 -3.05 -35.30
C GLU C 141 0.28 -3.56 -35.57
N PRO C 142 -0.69 -2.84 -35.01
CA PRO C 142 -2.09 -3.17 -35.15
C PRO C 142 -2.46 -3.59 -36.56
N GLY C 143 -2.89 -4.84 -36.71
CA GLY C 143 -3.26 -5.34 -38.03
C GLY C 143 -2.13 -6.19 -38.60
N ASP C 144 -1.40 -6.86 -37.72
CA ASP C 144 -0.29 -7.72 -38.11
C ASP C 144 -0.65 -9.17 -37.80
N PRO C 145 -0.23 -10.09 -38.65
CA PRO C 145 -0.50 -11.51 -38.49
C PRO C 145 -0.25 -12.07 -37.11
N ARG C 146 0.25 -11.26 -36.18
CA ARG C 146 0.51 -11.73 -34.83
C ARG C 146 0.25 -10.64 -33.79
N TYR C 147 -0.46 -9.60 -34.22
CA TYR C 147 -0.81 -8.47 -33.39
C TYR C 147 -1.95 -8.79 -32.43
N VAL C 148 -1.65 -8.94 -31.15
CA VAL C 148 -2.66 -9.19 -30.13
C VAL C 148 -3.13 -7.88 -29.49
N ASP C 149 -4.44 -7.62 -29.46
CA ASP C 149 -4.87 -6.36 -28.83
C ASP C 149 -4.94 -6.68 -27.33
N TYR C 150 -3.98 -6.19 -26.56
CA TYR C 150 -3.95 -6.49 -25.15
C TYR C 150 -4.92 -5.72 -24.28
N PHE C 151 -5.46 -4.58 -24.72
CA PHE C 151 -6.33 -3.83 -23.83
C PHE C 151 -7.76 -4.35 -23.77
N LEU C 152 -7.97 -5.40 -22.98
CA LEU C 152 -9.32 -5.95 -22.82
C LEU C 152 -10.08 -5.12 -21.79
N PRO C 153 -11.34 -4.83 -22.04
CA PRO C 153 -12.15 -4.07 -21.11
C PRO C 153 -12.18 -4.87 -19.81
N ILE C 154 -12.18 -4.24 -18.68
CA ILE C 154 -12.20 -4.91 -17.38
C ILE C 154 -13.53 -4.63 -16.67
N VAL C 155 -14.23 -5.68 -16.27
CA VAL C 155 -15.51 -5.51 -15.56
C VAL C 155 -15.21 -5.72 -14.08
N ALA C 156 -15.43 -4.73 -13.23
CA ALA C 156 -15.06 -4.90 -11.83
C ALA C 156 -16.21 -4.87 -10.81
N ASP C 157 -16.04 -5.68 -9.79
CA ASP C 157 -16.99 -5.83 -8.69
C ASP C 157 -16.86 -4.75 -7.63
N ALA C 158 -17.88 -3.89 -7.51
CA ALA C 158 -17.90 -2.83 -6.54
C ALA C 158 -18.79 -3.16 -5.33
N GLU C 159 -19.13 -4.43 -5.16
CA GLU C 159 -19.96 -4.89 -4.04
C GLU C 159 -21.15 -3.96 -3.82
N ALA C 160 -21.35 -3.45 -2.61
CA ALA C 160 -22.46 -2.53 -2.39
C ALA C 160 -21.93 -1.13 -2.14
N GLY C 161 -20.74 -0.84 -2.66
CA GLY C 161 -20.18 0.49 -2.47
C GLY C 161 -19.50 0.76 -1.16
N PHE C 162 -19.36 -0.19 -0.26
CA PHE C 162 -18.69 0.04 1.02
C PHE C 162 -19.25 1.16 1.89
N GLY C 163 -20.57 1.22 2.05
CA GLY C 163 -21.19 2.24 2.88
C GLY C 163 -22.36 2.96 2.25
N GLY C 164 -22.36 4.28 2.36
CA GLY C 164 -23.42 5.10 1.80
C GLY C 164 -23.11 5.50 0.36
N VAL C 165 -23.87 6.48 -0.10
CA VAL C 165 -23.74 6.99 -1.45
C VAL C 165 -22.39 7.67 -1.70
N LEU C 166 -21.79 8.30 -0.69
CA LEU C 166 -20.51 8.97 -0.92
C LEU C 166 -19.40 7.94 -1.04
N ASN C 167 -19.56 6.81 -0.34
CA ASN C 167 -18.61 5.73 -0.43
C ASN C 167 -18.66 5.11 -1.82
N ALA C 168 -19.88 4.96 -2.38
CA ALA C 168 -20.02 4.36 -3.70
C ALA C 168 -19.48 5.33 -4.75
N PHE C 169 -19.66 6.62 -4.49
CA PHE C 169 -19.17 7.66 -5.38
C PHE C 169 -17.63 7.61 -5.45
N GLU C 170 -16.97 7.53 -4.28
CA GLU C 170 -15.51 7.45 -4.25
C GLU C 170 -14.97 6.17 -4.85
N LEU C 171 -15.68 5.05 -4.68
CA LEU C 171 -15.22 3.78 -5.23
C LEU C 171 -15.33 3.79 -6.74
N MET C 172 -16.42 4.39 -7.23
CA MET C 172 -16.61 4.51 -8.68
C MET C 172 -15.45 5.31 -9.29
N LYS C 173 -15.11 6.40 -8.59
CA LYS C 173 -14.02 7.26 -9.06
C LYS C 173 -12.70 6.50 -9.16
N ALA C 174 -12.43 5.68 -8.15
CA ALA C 174 -11.20 4.89 -8.12
C ALA C 174 -11.21 3.83 -9.20
N MET C 175 -12.38 3.27 -9.49
CA MET C 175 -12.46 2.26 -10.54
C MET C 175 -12.11 2.91 -11.89
N ILE C 176 -12.64 4.10 -12.10
CA ILE C 176 -12.45 4.80 -13.37
C ILE C 176 -11.00 5.24 -13.55
N GLU C 177 -10.44 5.85 -12.54
CA GLU C 177 -9.05 6.30 -12.58
C GLU C 177 -8.13 5.12 -12.84
N ALA C 178 -8.46 3.93 -12.36
CA ALA C 178 -7.62 2.76 -12.60
C ALA C 178 -7.81 2.16 -13.97
N GLY C 179 -8.85 2.55 -14.71
CA GLY C 179 -9.06 2.03 -16.05
C GLY C 179 -10.10 0.94 -16.18
N ALA C 180 -11.08 0.85 -15.29
CA ALA C 180 -12.10 -0.20 -15.44
C ALA C 180 -13.06 0.20 -16.57
N ALA C 181 -13.56 -0.74 -17.34
CA ALA C 181 -14.51 -0.45 -18.41
C ALA C 181 -15.97 -0.59 -17.94
N ALA C 182 -16.21 -1.33 -16.88
CA ALA C 182 -17.56 -1.52 -16.34
C ALA C 182 -17.50 -1.86 -14.87
N VAL C 183 -18.51 -1.45 -14.10
CA VAL C 183 -18.57 -1.76 -12.67
C VAL C 183 -19.96 -2.28 -12.25
N HIS C 184 -20.00 -3.23 -11.32
CA HIS C 184 -21.30 -3.73 -10.86
C HIS C 184 -21.54 -3.43 -9.39
N PHE C 185 -22.76 -2.96 -9.11
CA PHE C 185 -23.23 -2.68 -7.76
C PHE C 185 -24.42 -3.61 -7.45
N GLU C 186 -24.54 -4.07 -6.21
CA GLU C 186 -25.59 -5.02 -5.83
C GLU C 186 -26.49 -4.48 -4.73
N ASP C 187 -27.67 -5.10 -4.55
CA ASP C 187 -28.59 -4.57 -3.55
C ASP C 187 -28.68 -5.29 -2.23
N GLN C 188 -27.80 -6.21 -1.91
CA GLN C 188 -27.78 -6.88 -0.63
C GLN C 188 -26.74 -6.16 0.26
N LEU C 189 -26.90 -6.22 1.56
CA LEU C 189 -25.97 -5.64 2.51
C LEU C 189 -25.21 -6.79 3.18
N ALA C 190 -24.11 -7.21 2.56
CA ALA C 190 -23.33 -8.32 3.06
C ALA C 190 -22.82 -8.10 4.48
N SER C 191 -22.57 -6.86 4.88
CA SER C 191 -22.06 -6.55 6.21
C SER C 191 -23.04 -6.87 7.33
N VAL C 192 -24.29 -7.14 7.01
CA VAL C 192 -25.26 -7.44 8.06
C VAL C 192 -25.96 -8.77 7.79
N LYS C 193 -25.30 -9.67 7.05
CA LYS C 193 -25.97 -10.93 6.77
C LYS C 193 -26.41 -11.52 8.11
N LYS C 194 -27.66 -11.99 8.16
CA LYS C 194 -28.19 -12.52 9.39
C LYS C 194 -27.66 -13.91 9.75
N CYS C 195 -27.32 -14.07 11.02
CA CYS C 195 -26.79 -15.33 11.53
C CYS C 195 -27.91 -16.16 12.17
N GLY C 196 -27.65 -17.46 12.26
CA GLY C 196 -28.55 -18.44 12.83
C GLY C 196 -29.82 -18.70 12.03
N HIS C 197 -30.92 -18.69 12.76
CA HIS C 197 -32.30 -18.88 12.49
C HIS C 197 -32.86 -18.72 11.09
N MET C 198 -32.51 -19.50 10.08
CA MET C 198 -33.16 -19.20 8.79
C MET C 198 -32.79 -17.74 8.51
N GLY C 199 -31.49 -17.51 8.37
CA GLY C 199 -30.98 -16.16 8.12
C GLY C 199 -30.40 -16.15 6.71
N GLY C 200 -29.59 -15.16 6.41
CA GLY C 200 -29.00 -15.11 5.06
C GLY C 200 -28.84 -13.66 4.58
N LYS C 201 -28.88 -13.48 3.25
CA LYS C 201 -28.69 -12.14 2.73
C LYS C 201 -29.90 -11.23 2.94
N VAL C 202 -29.55 -10.00 3.22
CA VAL C 202 -30.43 -8.90 3.49
C VAL C 202 -30.42 -7.84 2.42
N LEU C 203 -31.59 -7.54 1.85
CA LEU C 203 -31.71 -6.51 0.83
C LEU C 203 -31.90 -5.14 1.47
N VAL C 204 -31.70 -4.10 0.66
CA VAL C 204 -31.92 -2.73 1.09
C VAL C 204 -33.16 -2.33 0.28
N PRO C 205 -33.85 -1.28 0.68
CA PRO C 205 -35.02 -0.82 -0.04
C PRO C 205 -34.63 -0.47 -1.48
N THR C 206 -35.57 -0.66 -2.41
CA THR C 206 -35.29 -0.38 -3.81
C THR C 206 -34.70 1.00 -3.98
N GLN C 207 -35.27 2.01 -3.35
CA GLN C 207 -34.80 3.38 -3.45
C GLN C 207 -33.31 3.54 -3.09
N GLU C 208 -32.87 2.87 -2.03
CA GLU C 208 -31.48 2.95 -1.61
C GLU C 208 -30.54 2.36 -2.66
N ALA C 209 -30.94 1.25 -3.24
CA ALA C 209 -30.14 0.60 -4.27
C ALA C 209 -30.09 1.50 -5.51
N ILE C 210 -31.19 2.22 -5.73
CA ILE C 210 -31.22 3.12 -6.89
C ILE C 210 -30.29 4.30 -6.68
N GLN C 211 -30.26 4.87 -5.48
CA GLN C 211 -29.38 6.00 -5.22
C GLN C 211 -27.91 5.61 -5.40
N LYS C 212 -27.56 4.35 -5.15
CA LYS C 212 -26.16 3.97 -5.38
C LYS C 212 -25.84 3.93 -6.86
N LEU C 213 -26.81 3.53 -7.68
CA LEU C 213 -26.58 3.50 -9.12
C LEU C 213 -26.49 4.94 -9.63
N VAL C 214 -27.23 5.85 -9.01
CA VAL C 214 -27.21 7.25 -9.43
C VAL C 214 -25.89 7.88 -9.01
N ALA C 215 -25.42 7.48 -7.83
CA ALA C 215 -24.15 7.95 -7.32
C ALA C 215 -23.03 7.47 -8.27
N ALA C 216 -23.10 6.24 -8.79
CA ALA C 216 -22.04 5.78 -9.68
C ALA C 216 -22.12 6.45 -11.04
N ARG C 217 -23.34 6.70 -11.55
CA ARG C 217 -23.51 7.36 -12.83
C ARG C 217 -23.04 8.81 -12.76
N LEU C 218 -23.32 9.52 -11.68
CA LEU C 218 -22.92 10.91 -11.53
C LEU C 218 -21.37 11.02 -11.53
N CYS C 219 -20.74 10.14 -10.76
CA CYS C 219 -19.25 10.20 -10.72
C CYS C 219 -18.70 9.96 -12.11
N ALA C 220 -19.26 8.96 -12.83
CA ALA C 220 -18.82 8.70 -14.18
C ALA C 220 -19.01 9.93 -15.06
N ASP C 221 -20.17 10.58 -14.96
CA ASP C 221 -20.45 11.73 -15.81
C ASP C 221 -19.51 12.89 -15.48
N VAL C 222 -19.18 13.05 -14.21
CA VAL C 222 -18.28 14.15 -13.81
C VAL C 222 -16.91 13.94 -14.45
N THR C 223 -16.40 12.71 -14.37
CA THR C 223 -15.10 12.40 -14.97
C THR C 223 -15.19 12.48 -16.49
N GLY C 224 -16.41 12.36 -17.05
CA GLY C 224 -16.59 12.40 -18.48
C GLY C 224 -16.32 11.09 -19.22
N VAL C 225 -16.38 9.96 -18.55
CA VAL C 225 -16.15 8.66 -19.19
C VAL C 225 -17.46 7.86 -19.20
N PRO C 226 -17.84 7.26 -20.31
CA PRO C 226 -19.09 6.52 -20.42
C PRO C 226 -19.00 5.10 -19.91
N THR C 227 -18.55 4.98 -18.67
CA THR C 227 -18.37 3.69 -18.02
C THR C 227 -19.67 2.90 -17.98
N LEU C 228 -19.61 1.60 -18.22
CA LEU C 228 -20.81 0.77 -18.19
C LEU C 228 -21.15 0.39 -16.74
N LEU C 229 -22.42 0.55 -16.41
CA LEU C 229 -22.97 0.31 -15.09
C LEU C 229 -23.82 -0.96 -15.10
N VAL C 230 -23.41 -1.88 -14.22
CA VAL C 230 -24.09 -3.15 -14.14
C VAL C 230 -24.87 -3.20 -12.83
N ALA C 231 -26.20 -3.26 -12.94
CA ALA C 231 -27.02 -3.29 -11.72
C ALA C 231 -27.34 -4.74 -11.39
N ARG C 232 -26.89 -5.20 -10.22
CA ARG C 232 -27.12 -6.57 -9.82
C ARG C 232 -28.17 -6.67 -8.70
N THR C 233 -28.99 -7.73 -8.77
CA THR C 233 -29.97 -7.87 -7.67
C THR C 233 -29.78 -9.27 -7.09
N ASP C 234 -29.86 -9.36 -5.78
CA ASP C 234 -29.74 -10.60 -5.04
C ASP C 234 -31.13 -10.96 -4.46
N ALA C 235 -32.17 -10.36 -5.04
CA ALA C 235 -33.54 -10.58 -4.56
C ALA C 235 -34.11 -11.95 -4.86
N ASP C 236 -33.48 -12.77 -5.70
CA ASP C 236 -34.02 -14.08 -5.99
C ASP C 236 -33.95 -14.94 -4.72
N ALA C 237 -32.86 -14.78 -3.98
CA ALA C 237 -32.66 -15.57 -2.79
C ALA C 237 -32.78 -14.79 -1.49
N ALA C 238 -32.70 -13.48 -1.46
CA ALA C 238 -32.79 -12.78 -0.18
C ALA C 238 -34.25 -12.66 0.28
N ASP C 239 -34.55 -13.12 1.49
CA ASP C 239 -35.94 -13.00 1.96
C ASP C 239 -36.00 -12.09 3.18
N LEU C 240 -35.07 -11.14 3.23
CA LEU C 240 -34.97 -10.18 4.32
C LEU C 240 -34.67 -8.82 3.70
N ILE C 241 -35.27 -7.81 4.31
CA ILE C 241 -35.06 -6.43 3.84
C ILE C 241 -34.76 -5.66 5.12
N THR C 242 -33.96 -4.61 5.04
CA THR C 242 -33.58 -3.85 6.21
C THR C 242 -34.68 -2.90 6.65
N SER C 243 -35.55 -2.53 5.73
CA SER C 243 -36.60 -1.58 6.07
C SER C 243 -37.76 -1.61 5.09
N ASP C 244 -38.90 -1.06 5.54
CA ASP C 244 -40.09 -1.03 4.70
C ASP C 244 -40.43 0.40 4.28
N CYS C 245 -39.45 1.28 4.27
CA CYS C 245 -39.64 2.68 3.92
C CYS C 245 -40.05 2.89 2.48
N ASP C 246 -39.76 1.95 1.58
CA ASP C 246 -40.10 2.16 0.17
C ASP C 246 -41.37 1.42 -0.22
N PRO C 247 -42.40 2.18 -0.56
CA PRO C 247 -43.69 1.63 -0.97
C PRO C 247 -43.59 0.65 -2.13
N TYR C 248 -42.57 0.78 -2.96
CA TYR C 248 -42.40 -0.13 -4.09
C TYR C 248 -42.17 -1.55 -3.65
N ASP C 249 -41.65 -1.76 -2.45
CA ASP C 249 -41.40 -3.11 -1.98
C ASP C 249 -42.52 -3.67 -1.12
N SER C 250 -43.54 -2.86 -0.82
CA SER C 250 -44.61 -3.33 0.07
C SER C 250 -45.22 -4.66 -0.33
N GLU C 251 -45.38 -4.94 -1.61
CA GLU C 251 -45.97 -6.22 -2.02
C GLU C 251 -45.14 -7.43 -1.63
N PHE C 252 -43.83 -7.28 -1.41
CA PHE C 252 -43.05 -8.46 -1.04
C PHE C 252 -42.87 -8.58 0.46
N ILE C 253 -43.25 -7.53 1.19
CA ILE C 253 -43.12 -7.53 2.64
C ILE C 253 -44.21 -8.30 3.36
N THR C 254 -43.81 -9.36 4.02
CA THR C 254 -44.62 -10.28 4.78
C THR C 254 -45.27 -9.74 6.03
N GLY C 255 -44.61 -8.83 6.73
CA GLY C 255 -45.15 -8.24 7.95
C GLY C 255 -44.32 -8.70 9.16
N GLU C 256 -43.79 -9.91 9.08
CA GLU C 256 -42.97 -10.44 10.16
C GLU C 256 -41.65 -9.65 10.28
N ARG C 257 -41.14 -9.55 11.50
CA ARG C 257 -39.89 -8.92 11.80
C ARG C 257 -38.96 -9.86 12.57
N THR C 258 -37.67 -9.69 12.36
CA THR C 258 -36.67 -10.52 13.04
C THR C 258 -36.20 -9.76 14.28
N SER C 259 -35.36 -10.36 15.10
CA SER C 259 -34.89 -9.64 16.29
C SER C 259 -33.99 -8.46 15.93
N GLU C 260 -33.33 -8.48 14.77
CA GLU C 260 -32.45 -7.38 14.40
C GLU C 260 -33.23 -6.15 13.93
N GLY C 261 -34.50 -6.40 13.59
CA GLY C 261 -35.37 -5.33 13.09
C GLY C 261 -35.62 -5.50 11.60
N PHE C 262 -35.08 -6.56 11.01
CA PHE C 262 -35.27 -6.82 9.59
C PHE C 262 -36.72 -7.27 9.32
N PHE C 263 -37.15 -7.02 8.10
CA PHE C 263 -38.49 -7.44 7.71
C PHE C 263 -38.40 -8.59 6.71
N ARG C 264 -39.18 -9.64 6.93
CA ARG C 264 -39.15 -10.76 6.02
C ARG C 264 -39.90 -10.39 4.74
N THR C 265 -39.47 -11.02 3.65
CA THR C 265 -40.08 -10.78 2.35
C THR C 265 -40.28 -12.13 1.65
N HIS C 266 -41.10 -12.09 0.60
CA HIS C 266 -41.36 -13.27 -0.20
C HIS C 266 -40.26 -13.34 -1.26
N ALA C 267 -39.26 -14.18 -1.03
CA ALA C 267 -38.15 -14.28 -1.96
C ALA C 267 -38.58 -15.04 -3.20
N GLY C 268 -37.83 -14.92 -4.29
CA GLY C 268 -38.17 -15.65 -5.51
C GLY C 268 -38.00 -14.81 -6.76
N ILE C 269 -38.34 -15.40 -7.91
CA ILE C 269 -38.17 -14.70 -9.17
C ILE C 269 -39.04 -13.46 -9.29
N GLU C 270 -40.19 -13.42 -8.61
CA GLU C 270 -41.01 -12.21 -8.68
C GLU C 270 -40.30 -11.02 -8.06
N GLN C 271 -39.69 -11.19 -6.90
CA GLN C 271 -38.98 -10.09 -6.24
C GLN C 271 -37.77 -9.70 -7.11
N ALA C 272 -37.10 -10.69 -7.68
CA ALA C 272 -35.95 -10.42 -8.56
C ALA C 272 -36.41 -9.61 -9.76
N ILE C 273 -37.58 -10.00 -10.30
CA ILE C 273 -38.09 -9.26 -11.45
C ILE C 273 -38.41 -7.83 -11.09
N SER C 274 -39.01 -7.61 -9.90
CA SER C 274 -39.35 -6.23 -9.55
C SER C 274 -38.09 -5.38 -9.31
N ARG C 275 -37.00 -5.98 -8.83
CA ARG C 275 -35.78 -5.19 -8.63
C ARG C 275 -35.17 -4.91 -10.01
N GLY C 276 -35.17 -5.94 -10.85
CA GLY C 276 -34.62 -5.81 -12.20
C GLY C 276 -35.26 -4.66 -12.97
N LEU C 277 -36.59 -4.56 -12.89
CA LEU C 277 -37.34 -3.52 -13.59
C LEU C 277 -37.03 -2.15 -13.06
N ALA C 278 -36.89 -2.04 -11.74
CA ALA C 278 -36.59 -0.77 -11.11
C ALA C 278 -35.19 -0.27 -11.43
N TYR C 279 -34.20 -1.15 -11.50
CA TYR C 279 -32.83 -0.69 -11.80
C TYR C 279 -32.61 -0.48 -13.30
N ALA C 280 -33.33 -1.17 -14.17
CA ALA C 280 -33.16 -1.09 -15.61
C ALA C 280 -32.91 0.28 -16.23
N PRO C 281 -33.67 1.31 -15.92
CA PRO C 281 -33.48 2.63 -16.50
C PRO C 281 -32.24 3.33 -16.01
N TYR C 282 -31.63 2.82 -14.94
CA TYR C 282 -30.44 3.45 -14.40
C TYR C 282 -29.17 2.66 -14.71
N ALA C 283 -29.27 1.52 -15.37
CA ALA C 283 -28.06 0.73 -15.65
C ALA C 283 -27.98 0.29 -17.09
N ASP C 284 -26.79 -0.02 -17.57
CA ASP C 284 -26.61 -0.49 -18.93
C ASP C 284 -26.80 -1.99 -19.04
N LEU C 285 -26.61 -2.71 -17.93
CA LEU C 285 -26.79 -4.14 -17.93
C LEU C 285 -27.54 -4.51 -16.63
N VAL C 286 -28.36 -5.54 -16.73
CA VAL C 286 -29.07 -6.00 -15.54
C VAL C 286 -28.62 -7.42 -15.25
N TRP C 287 -28.34 -7.71 -14.00
CA TRP C 287 -27.88 -9.03 -13.61
C TRP C 287 -28.69 -9.51 -12.40
N CYS C 288 -29.24 -10.70 -12.52
CA CYS C 288 -30.01 -11.31 -11.45
C CYS C 288 -29.19 -12.51 -10.96
N GLU C 289 -28.51 -12.32 -9.85
CA GLU C 289 -27.67 -13.33 -9.26
C GLU C 289 -28.31 -14.72 -9.22
N THR C 290 -27.63 -15.76 -9.68
CA THR C 290 -28.25 -17.09 -9.64
C THR C 290 -27.31 -18.11 -9.01
N SER C 291 -27.89 -19.17 -8.48
CA SER C 291 -27.18 -20.24 -7.81
C SER C 291 -27.33 -21.62 -8.42
N THR C 292 -28.10 -21.77 -9.48
CA THR C 292 -28.31 -23.04 -10.14
C THR C 292 -28.39 -22.77 -11.65
N PRO C 293 -28.05 -23.75 -12.46
CA PRO C 293 -28.07 -23.60 -13.91
C PRO C 293 -29.44 -23.98 -14.46
N ASP C 294 -30.41 -23.09 -14.34
CA ASP C 294 -31.77 -23.33 -14.81
C ASP C 294 -32.13 -22.50 -16.04
N LEU C 295 -32.06 -23.09 -17.23
CA LEU C 295 -32.36 -22.34 -18.45
C LEU C 295 -33.77 -21.78 -18.47
N GLU C 296 -34.72 -22.50 -17.88
CA GLU C 296 -36.11 -22.05 -17.88
C GLU C 296 -36.28 -20.80 -17.04
N LEU C 297 -35.64 -20.77 -15.87
CA LEU C 297 -35.72 -19.59 -15.01
C LEU C 297 -35.08 -18.41 -15.72
N ALA C 298 -33.96 -18.68 -16.41
CA ALA C 298 -33.26 -17.62 -17.15
C ALA C 298 -34.21 -17.01 -18.18
N ARG C 299 -34.89 -17.87 -18.93
CA ARG C 299 -35.83 -17.40 -19.95
C ARG C 299 -36.92 -16.52 -19.37
N ARG C 300 -37.52 -16.98 -18.27
CA ARG C 300 -38.58 -16.27 -17.58
C ARG C 300 -38.11 -14.90 -17.12
N PHE C 301 -36.95 -14.85 -16.45
CA PHE C 301 -36.40 -13.58 -16.01
C PHE C 301 -36.20 -12.68 -17.22
N ALA C 302 -35.58 -13.23 -18.27
CA ALA C 302 -35.32 -12.40 -19.46
C ALA C 302 -36.60 -11.88 -20.10
N GLN C 303 -37.56 -12.77 -20.31
CA GLN C 303 -38.86 -12.36 -20.90
C GLN C 303 -39.50 -11.26 -20.08
N ALA C 304 -39.44 -11.36 -18.75
CA ALA C 304 -40.05 -10.31 -17.92
C ALA C 304 -39.41 -8.96 -18.07
N ILE C 305 -38.06 -8.92 -18.08
CA ILE C 305 -37.40 -7.62 -18.21
C ILE C 305 -37.70 -7.04 -19.59
N HIS C 306 -37.56 -7.89 -20.61
CA HIS C 306 -37.76 -7.48 -21.99
C HIS C 306 -39.19 -7.08 -22.31
N ALA C 307 -40.19 -7.63 -21.62
CA ALA C 307 -41.56 -7.19 -21.92
C ALA C 307 -41.65 -5.69 -21.69
N LYS C 308 -40.89 -5.15 -20.73
CA LYS C 308 -40.92 -3.72 -20.47
C LYS C 308 -39.76 -3.00 -21.13
N TYR C 309 -38.58 -3.62 -21.17
CA TYR C 309 -37.41 -2.96 -21.77
C TYR C 309 -36.79 -3.87 -22.82
N PRO C 310 -37.36 -3.85 -24.01
CA PRO C 310 -36.89 -4.69 -25.11
C PRO C 310 -35.42 -4.46 -25.43
N GLY C 311 -34.70 -5.53 -25.69
CA GLY C 311 -33.29 -5.42 -26.02
C GLY C 311 -32.38 -5.13 -24.82
N LYS C 312 -32.90 -4.85 -23.64
CA LYS C 312 -32.07 -4.60 -22.47
C LYS C 312 -30.99 -5.68 -22.33
N LEU C 313 -29.75 -5.24 -22.14
CA LEU C 313 -28.63 -6.18 -22.00
C LEU C 313 -28.64 -6.84 -20.63
N LEU C 314 -28.41 -8.14 -20.60
CA LEU C 314 -28.40 -8.87 -19.34
C LEU C 314 -27.08 -9.61 -19.13
N ALA C 315 -26.79 -9.85 -17.87
CA ALA C 315 -25.55 -10.61 -17.57
C ALA C 315 -25.97 -11.87 -16.84
N TYR C 316 -25.18 -12.92 -16.93
CA TYR C 316 -25.47 -14.19 -16.28
C TYR C 316 -24.21 -14.76 -15.65
N ASN C 317 -24.28 -15.22 -14.40
CA ASN C 317 -23.14 -15.76 -13.71
C ASN C 317 -23.34 -17.16 -13.16
N CYS C 318 -22.21 -17.68 -12.69
CA CYS C 318 -22.09 -18.92 -11.95
C CYS C 318 -20.71 -18.79 -11.25
N SER C 319 -20.63 -19.44 -10.09
CA SER C 319 -19.38 -19.35 -9.33
C SER C 319 -18.29 -20.26 -9.86
N PRO C 320 -18.52 -21.53 -10.08
CA PRO C 320 -19.79 -22.19 -9.82
C PRO C 320 -19.73 -22.91 -8.48
N SER C 321 -20.82 -22.93 -7.70
CA SER C 321 -20.75 -23.60 -6.41
C SER C 321 -21.15 -25.06 -6.49
N PHE C 322 -21.81 -25.42 -7.58
CA PHE C 322 -22.29 -26.80 -7.71
C PHE C 322 -21.58 -27.65 -8.74
N ASN C 323 -21.98 -28.91 -8.78
CA ASN C 323 -21.42 -29.86 -9.74
C ASN C 323 -22.31 -29.84 -10.99
N TRP C 324 -21.94 -29.07 -12.01
CA TRP C 324 -22.83 -28.96 -13.17
C TRP C 324 -23.29 -30.32 -13.69
N GLN C 325 -22.40 -31.30 -13.66
CA GLN C 325 -22.75 -32.62 -14.17
C GLN C 325 -23.79 -33.37 -13.35
N LYS C 326 -23.96 -32.94 -12.12
CA LYS C 326 -24.94 -33.49 -11.20
C LYS C 326 -26.32 -32.92 -11.53
N ASN C 327 -26.36 -31.67 -11.98
CA ASN C 327 -27.60 -31.00 -12.33
C ASN C 327 -28.05 -31.17 -13.78
N LEU C 328 -27.14 -31.41 -14.71
CA LEU C 328 -27.49 -31.45 -16.12
C LEU C 328 -26.83 -32.52 -16.96
N ASP C 329 -27.33 -32.70 -18.18
CA ASP C 329 -26.74 -33.68 -19.10
C ASP C 329 -25.60 -32.97 -19.85
N ASP C 330 -24.67 -33.72 -20.41
CA ASP C 330 -23.53 -33.14 -21.12
C ASP C 330 -23.88 -32.26 -22.30
N LYS C 331 -24.90 -32.59 -23.09
CA LYS C 331 -25.22 -31.74 -24.24
C LYS C 331 -25.70 -30.37 -23.80
N THR C 332 -26.47 -30.31 -22.72
CA THR C 332 -26.94 -29.00 -22.25
C THR C 332 -25.75 -28.22 -21.70
N ILE C 333 -24.82 -28.93 -21.07
CA ILE C 333 -23.63 -28.23 -20.51
C ILE C 333 -22.89 -27.53 -21.65
N ALA C 334 -22.67 -28.25 -22.74
CA ALA C 334 -22.01 -27.78 -23.93
C ALA C 334 -22.67 -26.61 -24.64
N SER C 335 -23.99 -26.60 -24.75
CA SER C 335 -24.64 -25.49 -25.45
C SER C 335 -25.18 -24.46 -24.49
N PHE C 336 -24.88 -24.58 -23.21
CA PHE C 336 -25.43 -23.62 -22.25
C PHE C 336 -25.22 -22.17 -22.59
N GLN C 337 -23.99 -21.73 -22.84
CA GLN C 337 -23.76 -20.32 -23.15
C GLN C 337 -24.45 -19.89 -24.43
N GLN C 338 -24.51 -20.74 -25.44
CA GLN C 338 -25.16 -20.34 -26.70
C GLN C 338 -26.66 -20.11 -26.47
N GLN C 339 -27.29 -20.98 -25.68
CA GLN C 339 -28.73 -20.83 -25.43
C GLN C 339 -29.02 -19.54 -24.69
N LEU C 340 -28.17 -19.22 -23.71
CA LEU C 340 -28.33 -18.00 -22.94
C LEU C 340 -28.29 -16.76 -23.83
N SER C 341 -27.34 -16.78 -24.75
CA SER C 341 -27.14 -15.65 -25.65
C SER C 341 -28.40 -15.38 -26.47
N ASP C 342 -29.01 -16.44 -26.98
CA ASP C 342 -30.23 -16.26 -27.77
C ASP C 342 -31.36 -15.71 -26.90
N MET C 343 -31.24 -15.74 -25.58
CA MET C 343 -32.26 -15.18 -24.73
C MET C 343 -31.96 -13.73 -24.37
N GLY C 344 -30.75 -13.25 -24.68
CA GLY C 344 -30.42 -11.87 -24.35
C GLY C 344 -29.31 -11.73 -23.32
N TYR C 345 -28.70 -12.83 -22.88
CA TYR C 345 -27.61 -12.71 -21.89
C TYR C 345 -26.33 -12.56 -22.70
N LYS C 346 -25.92 -11.32 -22.99
CA LYS C 346 -24.73 -11.09 -23.80
C LYS C 346 -23.41 -11.06 -23.03
N PHE C 347 -23.46 -10.99 -21.71
CA PHE C 347 -22.26 -10.96 -20.87
C PHE C 347 -22.38 -12.10 -19.86
N GLN C 348 -21.60 -13.15 -20.06
CA GLN C 348 -21.62 -14.33 -19.20
C GLN C 348 -20.26 -14.58 -18.57
N PHE C 349 -20.25 -15.09 -17.35
CA PHE C 349 -18.96 -15.31 -16.69
C PHE C 349 -18.94 -16.31 -15.56
N ILE C 350 -17.75 -16.85 -15.34
CA ILE C 350 -17.48 -17.80 -14.26
C ILE C 350 -16.67 -16.97 -13.27
N THR C 351 -17.31 -16.54 -12.19
CA THR C 351 -16.68 -15.70 -11.21
C THR C 351 -15.44 -16.22 -10.53
N LEU C 352 -15.41 -17.50 -10.20
CA LEU C 352 -14.25 -18.00 -9.47
C LEU C 352 -13.32 -18.89 -10.28
N ALA C 353 -13.33 -18.76 -11.60
CA ALA C 353 -12.47 -19.59 -12.43
C ALA C 353 -10.99 -19.36 -12.15
N GLY C 354 -10.54 -18.10 -12.04
CA GLY C 354 -9.12 -17.87 -11.80
C GLY C 354 -8.60 -18.47 -10.50
N ILE C 355 -9.39 -18.41 -9.43
CA ILE C 355 -8.91 -18.95 -8.15
C ILE C 355 -8.97 -20.46 -8.13
N HIS C 356 -10.00 -21.07 -8.73
CA HIS C 356 -10.07 -22.52 -8.82
C HIS C 356 -8.92 -23.02 -9.71
N SER C 357 -8.70 -22.34 -10.82
CA SER C 357 -7.62 -22.72 -11.75
C SER C 357 -6.26 -22.74 -11.04
N MET C 358 -5.98 -21.61 -10.39
CA MET C 358 -4.73 -21.42 -9.69
C MET C 358 -4.52 -22.36 -8.52
N TRP C 359 -5.46 -22.36 -7.56
CA TRP C 359 -5.34 -23.21 -6.38
C TRP C 359 -5.34 -24.69 -6.71
N PHE C 360 -6.22 -25.15 -7.59
CA PHE C 360 -6.20 -26.57 -7.92
C PHE C 360 -4.86 -26.99 -8.57
N ASN C 361 -4.39 -26.22 -9.57
CA ASN C 361 -3.15 -26.62 -10.26
C ASN C 361 -1.95 -26.58 -9.33
N MET C 362 -1.91 -25.67 -8.35
CA MET C 362 -0.76 -25.70 -7.43
C MET C 362 -0.82 -27.00 -6.62
N PHE C 363 -2.05 -27.32 -6.15
CA PHE C 363 -2.23 -28.51 -5.32
C PHE C 363 -1.79 -29.76 -6.05
N ASP C 364 -2.26 -29.92 -7.27
CA ASP C 364 -1.96 -31.05 -8.13
C ASP C 364 -0.46 -31.23 -8.36
N LEU C 365 0.20 -30.11 -8.67
CA LEU C 365 1.65 -30.20 -8.88
C LEU C 365 2.34 -30.52 -7.55
N ALA C 366 2.02 -29.75 -6.51
CA ALA C 366 2.65 -29.94 -5.22
C ALA C 366 2.48 -31.33 -4.64
N ASN C 367 1.26 -31.85 -4.71
CA ASN C 367 0.97 -33.18 -4.17
C ASN C 367 1.87 -34.24 -4.77
N ALA C 368 2.08 -34.27 -6.07
CA ALA C 368 2.97 -35.26 -6.69
C ALA C 368 4.44 -34.97 -6.37
N TYR C 369 4.84 -33.72 -6.51
CA TYR C 369 6.19 -33.26 -6.21
C TYR C 369 6.66 -33.61 -4.82
N ALA C 370 5.85 -33.35 -3.80
CA ALA C 370 6.21 -33.67 -2.43
C ALA C 370 6.46 -35.15 -2.15
N GLN C 371 5.96 -36.05 -2.99
CA GLN C 371 6.19 -37.46 -2.70
C GLN C 371 7.50 -37.98 -3.29
N GLY C 372 8.07 -37.27 -4.26
CA GLY C 372 9.34 -37.74 -4.85
C GLY C 372 9.30 -37.59 -6.37
N GLU C 373 10.40 -37.96 -7.02
CA GLU C 373 10.52 -37.86 -8.47
C GLU C 373 10.07 -36.48 -8.93
N GLY C 374 10.34 -35.51 -8.07
CA GLY C 374 9.97 -34.13 -8.28
C GLY C 374 10.11 -33.54 -9.66
N MET C 375 11.28 -33.70 -10.30
CA MET C 375 11.47 -33.08 -11.61
C MET C 375 10.63 -33.73 -12.70
N LYS C 376 10.37 -35.04 -12.61
CA LYS C 376 9.53 -35.72 -13.59
C LYS C 376 8.11 -35.15 -13.52
N HIS C 377 7.62 -34.85 -12.32
CA HIS C 377 6.26 -34.31 -12.20
C HIS C 377 6.19 -32.90 -12.78
N TYR C 378 7.21 -32.08 -12.45
CA TYR C 378 7.24 -30.74 -13.02
C TYR C 378 7.26 -30.86 -14.56
N VAL C 379 8.03 -31.82 -15.08
CA VAL C 379 8.10 -31.99 -16.52
C VAL C 379 6.78 -32.48 -17.12
N GLU C 380 6.15 -33.47 -16.49
CA GLU C 380 4.89 -33.98 -17.02
C GLU C 380 3.69 -33.06 -16.80
N LYS C 381 3.58 -32.43 -15.63
CA LYS C 381 2.44 -31.57 -15.36
C LYS C 381 2.55 -30.16 -15.89
N VAL C 382 3.75 -29.62 -16.11
CA VAL C 382 3.86 -28.23 -16.57
C VAL C 382 4.61 -27.98 -17.85
N GLN C 383 5.87 -28.37 -17.96
CA GLN C 383 6.68 -28.12 -19.15
C GLN C 383 6.19 -28.76 -20.43
N GLN C 384 5.83 -30.03 -20.38
CA GLN C 384 5.34 -30.71 -21.59
C GLN C 384 4.07 -30.07 -22.11
N PRO C 385 3.10 -29.82 -21.24
CA PRO C 385 1.85 -29.17 -21.63
C PRO C 385 2.11 -27.79 -22.20
N GLU C 386 3.09 -27.07 -21.66
CA GLU C 386 3.43 -25.74 -22.16
C GLU C 386 3.97 -25.78 -23.59
N PHE C 387 4.85 -26.74 -23.88
CA PHE C 387 5.43 -26.83 -25.21
C PHE C 387 4.31 -27.11 -26.21
N ALA C 388 3.38 -27.97 -25.83
CA ALA C 388 2.24 -28.32 -26.68
C ALA C 388 1.34 -27.12 -26.93
N ALA C 389 1.20 -26.25 -25.92
CA ALA C 389 0.37 -25.06 -26.05
C ALA C 389 0.95 -23.98 -26.95
N ALA C 390 2.24 -24.05 -27.28
CA ALA C 390 2.90 -23.07 -28.12
C ALA C 390 2.16 -22.84 -29.43
N LYS C 391 1.75 -23.93 -30.05
CA LYS C 391 1.01 -23.90 -31.31
C LYS C 391 -0.23 -23.01 -31.20
N ASP C 392 -0.81 -22.93 -30.01
CA ASP C 392 -2.03 -22.15 -29.80
C ASP C 392 -1.84 -20.70 -29.43
N GLY C 393 -0.61 -20.22 -29.33
CA GLY C 393 -0.37 -18.82 -28.99
C GLY C 393 0.28 -18.61 -27.64
N TYR C 394 0.51 -19.69 -26.89
CA TYR C 394 1.14 -19.55 -25.58
C TYR C 394 2.62 -19.20 -25.79
N THR C 395 3.09 -18.09 -25.28
CA THR C 395 4.49 -17.71 -25.44
C THR C 395 5.28 -17.73 -24.14
N PHE C 396 4.66 -18.05 -23.00
CA PHE C 396 5.39 -18.00 -21.74
C PHE C 396 6.50 -19.05 -21.71
N VAL C 397 6.57 -19.89 -22.75
CA VAL C 397 7.65 -20.88 -22.79
C VAL C 397 8.95 -20.06 -22.85
N SER C 398 8.85 -18.87 -23.44
CA SER C 398 9.98 -17.93 -23.45
C SER C 398 9.70 -16.95 -22.30
N HIS C 399 9.93 -17.39 -21.08
CA HIS C 399 9.60 -16.56 -19.93
C HIS C 399 10.33 -15.25 -19.80
N GLN C 400 11.59 -15.09 -20.22
CA GLN C 400 12.21 -13.78 -20.03
C GLN C 400 11.55 -12.69 -20.87
N GLN C 401 11.28 -13.00 -22.13
CA GLN C 401 10.66 -12.06 -23.04
C GLN C 401 9.25 -11.64 -22.58
N GLU C 402 8.48 -12.62 -22.13
CA GLU C 402 7.10 -12.37 -21.70
C GLU C 402 7.02 -11.23 -20.71
N VAL C 403 7.92 -11.15 -19.73
CA VAL C 403 7.85 -10.10 -18.73
C VAL C 403 8.57 -8.81 -19.07
N GLY C 404 9.04 -8.60 -20.30
CA GLY C 404 9.69 -7.33 -20.60
C GLY C 404 11.20 -7.29 -20.63
N THR C 405 11.87 -8.42 -20.55
CA THR C 405 13.33 -8.44 -20.58
C THR C 405 13.86 -7.82 -21.88
N GLY C 406 13.22 -8.11 -22.99
CA GLY C 406 13.60 -7.59 -24.30
C GLY C 406 13.36 -6.08 -24.36
N TYR C 407 12.22 -5.68 -23.79
CA TYR C 407 11.84 -4.29 -23.77
C TYR C 407 12.86 -3.47 -22.98
N PHE C 408 13.19 -3.91 -21.76
CA PHE C 408 14.13 -3.14 -20.96
C PHE C 408 15.54 -3.17 -21.55
N ASP C 409 15.90 -4.20 -22.29
CA ASP C 409 17.24 -4.26 -22.90
C ASP C 409 17.36 -3.15 -23.94
N LYS C 410 16.28 -2.90 -24.67
CA LYS C 410 16.25 -1.85 -25.66
C LYS C 410 16.32 -0.49 -24.95
N VAL C 411 15.73 -0.39 -23.76
CA VAL C 411 15.78 0.87 -23.03
C VAL C 411 17.25 1.14 -22.67
N THR C 412 17.88 0.15 -22.08
CA THR C 412 19.27 0.17 -21.66
C THR C 412 20.19 0.58 -22.80
N THR C 413 20.06 -0.06 -23.94
CA THR C 413 20.85 0.19 -25.13
C THR C 413 20.68 1.61 -25.65
N ILE C 414 19.46 2.15 -25.55
CA ILE C 414 19.22 3.52 -25.99
C ILE C 414 19.89 4.52 -25.05
N ILE C 415 19.80 4.28 -23.76
CA ILE C 415 20.39 5.18 -22.77
C ILE C 415 21.90 5.25 -22.93
N GLN C 416 22.52 4.09 -23.11
CA GLN C 416 23.98 4.04 -23.28
C GLN C 416 24.33 4.19 -24.75
N GLY C 417 23.31 4.39 -25.58
CA GLY C 417 23.44 4.55 -27.01
C GLY C 417 24.51 5.53 -27.43
N LYS D 2 0.86 -24.21 24.57
CA LYS D 2 -0.07 -24.20 25.71
C LYS D 2 -1.40 -24.83 25.32
N THR D 3 -1.91 -25.67 26.20
CA THR D 3 -3.16 -26.40 26.01
C THR D 3 -4.43 -25.57 25.95
N ARG D 4 -5.42 -26.07 25.20
CA ARG D 4 -6.70 -25.40 25.06
C ARG D 4 -7.28 -25.17 26.45
N THR D 5 -7.22 -26.22 27.26
CA THR D 5 -7.71 -26.19 28.63
C THR D 5 -6.99 -25.16 29.48
N GLN D 6 -5.67 -25.11 29.39
CA GLN D 6 -4.92 -24.13 30.18
C GLN D 6 -5.35 -22.73 29.73
N GLN D 7 -5.48 -22.58 28.41
CA GLN D 7 -5.87 -21.27 27.89
C GLN D 7 -7.20 -20.80 28.46
N ILE D 8 -8.17 -21.71 28.50
CA ILE D 8 -9.49 -21.32 29.05
C ILE D 8 -9.37 -21.01 30.53
N GLU D 9 -8.57 -21.82 31.22
CA GLU D 9 -8.39 -21.62 32.66
C GLU D 9 -7.72 -20.30 32.98
N GLU D 10 -6.61 -20.01 32.30
CA GLU D 10 -5.92 -18.75 32.57
C GLU D 10 -6.82 -17.58 32.28
N LEU D 11 -7.57 -17.70 31.17
CA LEU D 11 -8.47 -16.65 30.74
C LEU D 11 -9.50 -16.34 31.83
N GLN D 12 -10.08 -17.38 32.43
CA GLN D 12 -11.09 -17.20 33.48
C GLN D 12 -10.51 -16.51 34.72
N LYS D 13 -9.37 -17.01 35.19
CA LYS D 13 -8.73 -16.39 36.36
C LYS D 13 -8.45 -14.93 36.07
N GLU D 14 -8.00 -14.64 34.85
CA GLU D 14 -7.70 -13.25 34.51
C GLU D 14 -8.94 -12.36 34.56
N TRP D 15 -10.11 -12.89 34.18
CA TRP D 15 -11.31 -12.08 34.21
C TRP D 15 -11.74 -11.71 35.62
N THR D 16 -11.19 -12.33 36.66
CA THR D 16 -11.56 -11.98 38.02
C THR D 16 -10.65 -10.88 38.56
N GLN D 17 -9.63 -10.54 37.80
CA GLN D 17 -8.69 -9.49 38.20
C GLN D 17 -9.30 -8.10 38.17
N PRO D 18 -8.79 -7.22 39.02
CA PRO D 18 -9.24 -5.85 39.15
C PRO D 18 -9.36 -5.13 37.81
N ARG D 19 -8.47 -5.45 36.88
CA ARG D 19 -8.54 -4.82 35.56
C ARG D 19 -9.94 -4.97 34.97
N TRP D 20 -10.62 -6.07 35.32
CA TRP D 20 -11.92 -6.37 34.76
C TRP D 20 -13.16 -6.18 35.60
N GLU D 21 -13.06 -5.70 36.84
CA GLU D 21 -14.26 -5.47 37.65
C GLU D 21 -15.20 -4.47 36.97
N GLY D 22 -16.49 -4.78 37.03
CA GLY D 22 -17.50 -3.91 36.46
C GLY D 22 -17.71 -4.10 34.97
N ILE D 23 -16.85 -4.88 34.32
CA ILE D 23 -16.94 -5.11 32.89
C ILE D 23 -17.70 -6.39 32.56
N THR D 24 -18.70 -6.26 31.67
CA THR D 24 -19.48 -7.44 31.30
C THR D 24 -19.05 -8.05 29.96
N ARG D 25 -19.03 -9.37 29.90
CA ARG D 25 -18.69 -10.12 28.70
C ARG D 25 -19.81 -11.15 28.47
N PRO D 26 -20.59 -10.98 27.41
CA PRO D 26 -21.67 -11.88 27.06
C PRO D 26 -21.23 -13.21 26.50
N TYR D 27 -19.94 -13.49 26.46
CA TYR D 27 -19.46 -14.77 25.92
C TYR D 27 -18.56 -15.43 26.95
N SER D 28 -18.25 -16.71 26.76
CA SER D 28 -17.40 -17.44 27.68
C SER D 28 -15.93 -17.50 27.25
N ALA D 29 -15.11 -17.94 28.19
CA ALA D 29 -13.68 -18.10 27.95
C ALA D 29 -13.47 -19.12 26.83
N GLU D 30 -14.29 -20.17 26.82
CA GLU D 30 -14.17 -21.20 25.80
C GLU D 30 -14.44 -20.62 24.41
N ASP D 31 -15.38 -19.66 24.33
CA ASP D 31 -15.66 -19.06 23.03
C ASP D 31 -14.40 -18.34 22.52
N VAL D 32 -13.77 -17.61 23.42
CA VAL D 32 -12.57 -16.85 23.08
C VAL D 32 -11.50 -17.78 22.52
N VAL D 33 -11.09 -18.76 23.31
CA VAL D 33 -10.06 -19.69 22.89
C VAL D 33 -10.36 -20.42 21.61
N LYS D 34 -11.63 -20.68 21.30
CA LYS D 34 -11.91 -21.42 20.07
C LYS D 34 -11.61 -20.61 18.82
N LEU D 35 -11.57 -19.31 18.92
CA LEU D 35 -11.28 -18.42 17.81
C LEU D 35 -9.79 -18.08 17.70
N ARG D 36 -8.91 -18.61 18.54
CA ARG D 36 -7.51 -18.22 18.52
C ARG D 36 -6.56 -18.84 17.49
N GLY D 37 -6.64 -20.15 17.32
CA GLY D 37 -5.73 -20.85 16.40
C GLY D 37 -4.67 -21.45 17.38
N SER D 38 -3.86 -22.35 16.92
CA SER D 38 -2.85 -22.99 17.76
C SER D 38 -1.63 -22.08 17.95
N VAL D 39 -1.47 -21.07 17.12
CA VAL D 39 -0.36 -20.14 17.22
C VAL D 39 -0.95 -18.73 17.33
N ASN D 40 -0.61 -17.99 18.36
CA ASN D 40 -1.13 -16.63 18.54
C ASN D 40 0.08 -15.69 18.67
N PRO D 41 0.36 -14.98 17.59
CA PRO D 41 1.49 -14.07 17.55
C PRO D 41 1.42 -12.98 18.61
N GLU D 42 2.56 -12.71 19.23
CA GLU D 42 2.67 -11.68 20.26
C GLU D 42 2.51 -10.28 19.68
N CYS D 43 1.89 -9.42 20.47
CA CYS D 43 1.67 -8.03 20.14
C CYS D 43 2.32 -7.21 21.27
N THR D 44 3.65 -7.15 21.23
CA THR D 44 4.41 -6.43 22.26
C THR D 44 4.03 -4.99 22.51
N LEU D 45 4.05 -4.13 21.50
CA LEU D 45 3.73 -2.72 21.70
C LEU D 45 2.31 -2.52 22.24
N ALA D 46 1.35 -3.31 21.77
CA ALA D 46 -0.03 -3.21 22.22
C ALA D 46 -0.11 -3.57 23.70
N GLN D 47 0.58 -4.63 24.11
CA GLN D 47 0.60 -5.02 25.52
C GLN D 47 1.16 -3.88 26.38
N LEU D 48 2.34 -3.37 26.02
CA LEU D 48 2.95 -2.27 26.78
C LEU D 48 2.08 -1.03 26.85
N GLY D 49 1.50 -0.57 25.74
CA GLY D 49 0.68 0.62 25.75
C GLY D 49 -0.60 0.47 26.56
N ALA D 50 -1.24 -0.69 26.52
CA ALA D 50 -2.48 -0.90 27.28
C ALA D 50 -2.18 -0.89 28.77
N ALA D 51 -1.11 -1.55 29.18
CA ALA D 51 -0.75 -1.58 30.59
C ALA D 51 -0.40 -0.18 31.07
N LYS D 52 0.40 0.53 30.26
CA LYS D 52 0.81 1.89 30.64
C LYS D 52 -0.38 2.84 30.70
N MET D 53 -1.30 2.75 29.75
CA MET D 53 -2.46 3.65 29.75
C MET D 53 -3.29 3.39 31.00
N TRP D 54 -3.47 2.13 31.36
CA TRP D 54 -4.24 1.78 32.55
C TRP D 54 -3.63 2.40 33.81
N ARG D 55 -2.30 2.28 33.93
CA ARG D 55 -1.59 2.84 35.08
C ARG D 55 -1.72 4.36 35.10
N LEU D 56 -1.55 5.02 33.97
CA LEU D 56 -1.70 6.47 33.95
C LEU D 56 -3.06 6.89 34.47
N LEU D 57 -4.11 6.24 33.98
CA LEU D 57 -5.48 6.54 34.38
C LEU D 57 -5.77 6.19 35.83
N HIS D 58 -4.90 5.42 36.47
CA HIS D 58 -5.12 5.05 37.86
C HIS D 58 -4.06 5.56 38.81
N GLY D 59 -3.73 6.85 38.72
CA GLY D 59 -2.76 7.46 39.59
C GLY D 59 -1.37 7.77 39.12
N GLU D 60 -0.83 7.12 38.09
CA GLU D 60 0.53 7.42 37.67
C GLU D 60 0.71 8.58 36.71
N SER D 61 -0.33 9.35 36.41
CA SER D 61 -0.15 10.50 35.53
C SER D 61 0.44 11.65 36.35
N LYS D 62 1.07 12.62 35.69
CA LYS D 62 1.66 13.75 36.39
C LYS D 62 0.65 14.71 37.01
N LYS D 63 -0.38 15.11 36.28
CA LYS D 63 -1.37 16.05 36.78
C LYS D 63 -2.67 15.44 37.30
N GLY D 64 -2.80 14.13 37.38
CA GLY D 64 -4.03 13.51 37.88
C GLY D 64 -4.96 13.20 36.71
N TYR D 65 -4.65 13.77 35.56
CA TYR D 65 -5.42 13.55 34.34
C TYR D 65 -4.47 13.57 33.15
N ILE D 66 -4.90 12.93 32.06
CA ILE D 66 -4.08 12.89 30.85
C ILE D 66 -4.66 13.83 29.81
N ASN D 67 -3.89 14.81 29.39
CA ASN D 67 -4.35 15.76 28.39
C ASN D 67 -3.55 15.52 27.10
N SER D 68 -4.23 15.24 26.00
CA SER D 68 -3.57 14.95 24.73
C SER D 68 -3.91 15.93 23.61
N LEU D 69 -3.20 15.76 22.50
CA LEU D 69 -3.34 16.57 21.31
C LEU D 69 -3.35 15.68 20.07
N GLY D 70 -4.27 15.93 19.14
CA GLY D 70 -4.33 15.11 17.94
C GLY D 70 -3.07 15.22 17.09
N ALA D 71 -2.49 14.07 16.77
CA ALA D 71 -1.28 13.99 15.96
C ALA D 71 -1.55 13.22 14.66
N LEU D 72 -1.00 13.69 13.54
CA LEU D 72 -1.23 12.93 12.32
C LEU D 72 0.06 12.41 11.68
N THR D 73 1.24 12.68 12.22
CA THR D 73 2.47 12.12 11.67
C THR D 73 3.29 11.57 12.85
N GLY D 74 4.18 10.62 12.55
CA GLY D 74 5.00 10.04 13.63
C GLY D 74 5.84 11.15 14.27
N GLY D 75 6.28 12.10 13.44
CA GLY D 75 7.09 13.21 13.88
C GLY D 75 6.41 14.14 14.87
N GLN D 76 5.10 14.32 14.67
CA GLN D 76 4.34 15.17 15.59
C GLN D 76 4.27 14.46 16.94
N ALA D 77 4.08 13.15 16.92
CA ALA D 77 4.00 12.38 18.16
C ALA D 77 5.33 12.45 18.90
N LEU D 78 6.40 12.35 18.12
CA LEU D 78 7.76 12.41 18.67
C LEU D 78 7.93 13.68 19.49
N GLN D 79 7.61 14.82 18.88
CA GLN D 79 7.73 16.11 19.57
C GLN D 79 6.85 16.20 20.80
N GLN D 80 5.74 15.45 20.82
CA GLN D 80 4.85 15.46 21.97
C GLN D 80 5.51 14.70 23.12
N ALA D 81 6.21 13.63 22.76
CA ALA D 81 6.90 12.82 23.77
C ALA D 81 8.02 13.67 24.39
N LYS D 82 8.80 14.34 23.55
CA LYS D 82 9.87 15.18 24.06
C LYS D 82 9.29 16.33 24.87
N ALA D 83 8.04 16.71 24.59
CA ALA D 83 7.40 17.81 25.29
C ALA D 83 6.75 17.45 26.62
N GLY D 84 6.72 16.18 27.00
CA GLY D 84 6.11 15.79 28.26
C GLY D 84 4.71 15.22 28.19
N ILE D 85 4.13 15.18 26.99
CA ILE D 85 2.78 14.61 26.84
C ILE D 85 2.84 13.14 27.20
N GLU D 86 1.83 12.60 27.86
CA GLU D 86 1.85 11.21 28.27
C GLU D 86 1.03 10.25 27.41
N ALA D 87 0.24 10.74 26.48
CA ALA D 87 -0.54 9.86 25.61
C ALA D 87 -0.78 10.56 24.28
N VAL D 88 -0.79 9.78 23.20
CA VAL D 88 -1.00 10.33 21.87
C VAL D 88 -2.45 10.11 21.43
N TYR D 89 -3.09 11.15 20.93
CA TYR D 89 -4.46 11.02 20.43
C TYR D 89 -4.44 11.02 18.90
N LEU D 90 -5.04 9.99 18.31
CA LEU D 90 -5.05 9.88 16.85
C LEU D 90 -6.47 10.06 16.28
N SER D 91 -6.74 11.25 15.81
CA SER D 91 -8.01 11.66 15.23
C SER D 91 -8.29 11.14 13.83
N GLY D 92 -9.50 10.63 13.61
CA GLY D 92 -9.92 10.14 12.30
C GLY D 92 -10.18 11.32 11.37
N TRP D 93 -10.59 12.44 11.97
CA TRP D 93 -10.84 13.65 11.18
C TRP D 93 -9.58 14.13 10.47
N GLN D 94 -8.48 14.15 11.24
CA GLN D 94 -7.18 14.57 10.72
C GLN D 94 -6.73 13.56 9.67
N VAL D 95 -7.01 12.28 9.90
CA VAL D 95 -6.63 11.24 8.95
C VAL D 95 -7.38 11.41 7.63
N ALA D 96 -8.65 11.82 7.71
CA ALA D 96 -9.48 12.01 6.52
C ALA D 96 -8.97 13.17 5.67
N ALA D 97 -8.60 14.25 6.35
CA ALA D 97 -8.10 15.43 5.68
C ALA D 97 -6.68 15.35 5.16
N ASP D 98 -5.75 14.63 5.79
CA ASP D 98 -4.36 14.72 5.27
C ASP D 98 -3.46 13.53 5.50
N ALA D 99 -3.97 12.38 5.92
CA ALA D 99 -3.09 11.23 6.14
C ALA D 99 -3.77 9.89 5.99
N ASN D 100 -4.60 9.71 4.96
CA ASN D 100 -5.27 8.43 4.77
C ASN D 100 -4.68 7.65 3.61
N LEU D 101 -5.02 6.36 3.55
CA LEU D 101 -4.50 5.49 2.49
C LEU D 101 -5.07 5.75 1.11
N ALA D 102 -6.06 6.62 0.91
CA ALA D 102 -6.53 6.89 -0.44
C ALA D 102 -5.79 8.12 -0.97
N ALA D 103 -4.90 8.70 -0.15
CA ALA D 103 -4.13 9.85 -0.57
C ALA D 103 -5.01 10.99 -1.06
N SER D 104 -6.15 11.22 -0.40
CA SER D 104 -7.06 12.28 -0.81
C SER D 104 -7.49 13.07 0.43
N MET D 105 -7.96 14.29 0.21
CA MET D 105 -8.45 15.11 1.32
C MET D 105 -9.96 14.87 1.41
N TYR D 106 -10.46 14.43 2.56
CA TYR D 106 -11.88 14.19 2.71
C TYR D 106 -12.49 14.81 3.97
N PRO D 107 -13.80 15.07 3.94
CA PRO D 107 -14.50 15.54 5.12
C PRO D 107 -14.61 14.32 6.03
N ASP D 108 -15.06 14.48 7.26
CA ASP D 108 -15.15 13.42 8.24
C ASP D 108 -16.42 12.59 8.16
N GLN D 109 -16.53 11.76 7.11
CA GLN D 109 -17.71 10.92 6.93
C GLN D 109 -17.35 9.48 6.58
N SER D 110 -16.34 8.93 7.26
CA SER D 110 -15.89 7.58 7.03
C SER D 110 -15.70 7.29 5.55
N LEU D 111 -15.06 8.17 4.79
CA LEU D 111 -14.85 7.87 3.37
C LEU D 111 -13.51 7.21 3.05
N TYR D 112 -12.56 7.21 3.99
CA TYR D 112 -11.23 6.64 3.69
C TYR D 112 -11.18 5.15 3.93
N PRO D 113 -10.20 4.46 3.34
CA PRO D 113 -10.04 3.03 3.50
C PRO D 113 -9.91 2.71 4.99
N ALA D 114 -10.63 1.68 5.43
CA ALA D 114 -10.68 1.29 6.84
C ALA D 114 -9.35 0.99 7.52
N ASN D 115 -8.32 0.61 6.77
CA ASN D 115 -7.03 0.30 7.42
C ASN D 115 -6.18 1.54 7.55
N SER D 116 -6.74 2.72 7.28
CA SER D 116 -5.98 3.96 7.32
C SER D 116 -5.47 4.39 8.70
N VAL D 117 -6.29 4.38 9.74
CA VAL D 117 -5.84 4.79 11.06
C VAL D 117 -4.77 3.85 11.60
N PRO D 118 -4.98 2.55 11.52
CA PRO D 118 -4.02 1.56 11.97
C PRO D 118 -2.67 1.78 11.29
N ALA D 119 -2.67 2.27 10.05
CA ALA D 119 -1.43 2.56 9.32
C ALA D 119 -0.68 3.72 9.98
N VAL D 120 -1.42 4.68 10.51
CA VAL D 120 -0.82 5.82 11.19
C VAL D 120 -0.34 5.41 12.58
N VAL D 121 -0.99 4.47 13.23
CA VAL D 121 -0.57 3.97 14.54
C VAL D 121 0.84 3.37 14.40
N GLU D 122 1.02 2.58 13.35
CA GLU D 122 2.25 1.92 13.01
C GLU D 122 3.36 2.95 12.74
N ARG D 123 3.04 4.00 12.00
CA ARG D 123 4.02 5.04 11.74
C ARG D 123 4.50 5.65 13.06
N ILE D 124 3.55 5.94 13.95
CA ILE D 124 3.90 6.56 15.23
C ILE D 124 4.75 5.64 16.08
N ASN D 125 4.36 4.37 16.14
CA ASN D 125 5.14 3.44 16.94
C ASN D 125 6.54 3.22 16.36
N ASN D 126 6.66 3.25 15.03
CA ASN D 126 7.98 3.09 14.43
C ASN D 126 8.85 4.29 14.77
N THR D 127 8.29 5.48 14.73
CA THR D 127 9.06 6.68 15.05
C THR D 127 9.56 6.59 16.50
N PHE D 128 8.69 6.09 17.38
CA PHE D 128 9.04 5.94 18.78
C PHE D 128 10.15 4.89 18.91
N ARG D 129 10.07 3.81 18.13
CA ARG D 129 11.10 2.77 18.21
C ARG D 129 12.46 3.40 17.85
N ARG D 130 12.52 4.15 16.77
CA ARG D 130 13.71 4.83 16.32
C ARG D 130 14.29 5.78 17.37
N ALA D 131 13.44 6.58 17.99
CA ALA D 131 13.87 7.54 19.01
C ALA D 131 14.44 6.78 20.21
N ASP D 132 13.84 5.64 20.55
CA ASP D 132 14.28 4.82 21.67
C ASP D 132 15.61 4.13 21.34
N GLN D 133 15.78 3.74 20.08
CA GLN D 133 17.01 3.09 19.68
C GLN D 133 18.19 4.08 19.73
N ILE D 134 17.97 5.29 19.27
CA ILE D 134 18.98 6.34 19.27
C ILE D 134 19.51 6.54 20.70
N GLN D 135 18.57 6.71 21.61
CA GLN D 135 18.83 6.90 23.02
C GLN D 135 19.62 5.76 23.63
N TRP D 136 19.07 4.55 23.55
CA TRP D 136 19.70 3.35 24.07
C TRP D 136 21.09 3.17 23.47
N SER D 137 21.27 3.43 22.18
CA SER D 137 22.57 3.25 21.57
C SER D 137 23.59 4.28 22.06
N ALA D 138 23.10 5.36 22.65
CA ALA D 138 23.97 6.41 23.17
C ALA D 138 24.22 6.18 24.66
N GLY D 139 23.98 4.95 25.10
CA GLY D 139 24.19 4.56 26.48
C GLY D 139 23.15 5.02 27.48
N ILE D 140 22.21 5.85 27.07
CA ILE D 140 21.17 6.36 27.97
C ILE D 140 20.14 5.29 28.30
N GLU D 141 19.90 5.06 29.59
CA GLU D 141 18.95 4.04 30.02
C GLU D 141 17.98 4.52 31.09
N PRO D 142 16.90 3.76 31.27
CA PRO D 142 15.88 4.06 32.26
C PRO D 142 16.52 4.40 33.59
N GLY D 143 16.37 5.65 34.02
CA GLY D 143 16.96 6.08 35.29
C GLY D 143 17.93 7.23 35.03
N ASP D 144 18.39 7.34 33.78
CA ASP D 144 19.32 8.41 33.44
C ASP D 144 18.55 9.73 33.36
N PRO D 145 18.96 10.69 34.17
CA PRO D 145 18.34 12.00 34.22
C PRO D 145 17.90 12.58 32.89
N ARG D 146 18.39 12.04 31.78
CA ARG D 146 18.00 12.56 30.47
C ARG D 146 17.22 11.55 29.64
N TYR D 147 16.99 10.38 30.21
CA TYR D 147 16.24 9.31 29.55
C TYR D 147 14.77 9.69 29.36
N VAL D 148 14.29 9.57 28.12
CA VAL D 148 12.90 9.86 27.81
C VAL D 148 12.16 8.56 27.44
N ASP D 149 10.98 8.38 28.02
CA ASP D 149 10.17 7.19 27.74
C ASP D 149 9.37 7.55 26.48
N TYR D 150 9.84 7.04 25.34
CA TYR D 150 9.20 7.38 24.07
C TYR D 150 7.92 6.64 23.74
N PHE D 151 7.64 5.53 24.43
CA PHE D 151 6.46 4.74 24.10
C PHE D 151 5.18 5.21 24.75
N LEU D 152 4.63 6.28 24.19
CA LEU D 152 3.38 6.80 24.75
C LEU D 152 2.22 5.93 24.26
N PRO D 153 1.26 5.65 25.12
CA PRO D 153 0.08 4.88 24.73
C PRO D 153 -0.62 5.69 23.64
N ILE D 154 -1.13 5.02 22.61
CA ILE D 154 -1.82 5.70 21.54
C ILE D 154 -3.33 5.46 21.62
N VAL D 155 -4.12 6.52 21.59
CA VAL D 155 -5.58 6.37 21.62
C VAL D 155 -6.07 6.54 20.17
N ALA D 156 -6.71 5.51 19.62
CA ALA D 156 -7.09 5.60 18.21
C ALA D 156 -8.57 5.49 17.87
N ASP D 157 -8.97 6.35 16.96
CA ASP D 157 -10.32 6.50 16.46
C ASP D 157 -10.74 5.44 15.45
N ALA D 158 -11.66 4.55 15.84
CA ALA D 158 -12.14 3.53 14.92
C ALA D 158 -13.50 3.93 14.34
N GLU D 159 -13.89 5.18 14.59
CA GLU D 159 -15.17 5.67 14.08
C GLU D 159 -16.30 4.72 14.42
N ALA D 160 -16.98 4.16 13.42
CA ALA D 160 -18.07 3.24 13.72
C ALA D 160 -17.74 1.84 13.22
N GLY D 161 -16.45 1.58 13.01
CA GLY D 161 -16.04 0.26 12.55
C GLY D 161 -16.16 0.01 11.07
N PHE D 162 -16.55 0.97 10.25
CA PHE D 162 -16.63 0.76 8.81
C PHE D 162 -17.48 -0.40 8.32
N GLY D 163 -18.68 -0.59 8.89
CA GLY D 163 -19.55 -1.67 8.44
C GLY D 163 -20.30 -2.35 9.59
N GLY D 164 -20.36 -3.67 9.53
CA GLY D 164 -21.04 -4.45 10.55
C GLY D 164 -20.07 -4.92 11.63
N VAL D 165 -20.48 -5.88 12.45
CA VAL D 165 -19.65 -6.35 13.53
C VAL D 165 -18.32 -6.97 13.08
N LEU D 166 -18.26 -7.54 11.88
CA LEU D 166 -17.04 -8.18 11.41
C LEU D 166 -16.02 -7.13 10.98
N ASN D 167 -16.49 -6.02 10.43
CA ASN D 167 -15.60 -4.95 10.03
C ASN D 167 -14.98 -4.38 11.32
N ALA D 168 -15.80 -4.22 12.33
CA ALA D 168 -15.38 -3.68 13.63
C ALA D 168 -14.34 -4.63 14.25
N PHE D 169 -14.58 -5.92 14.13
CA PHE D 169 -13.69 -6.94 14.64
C PHE D 169 -12.31 -6.85 13.97
N GLU D 170 -12.29 -6.80 12.64
CA GLU D 170 -11.07 -6.69 11.87
C GLU D 170 -10.33 -5.38 12.08
N LEU D 171 -11.10 -4.32 12.32
CA LEU D 171 -10.50 -3.02 12.53
C LEU D 171 -9.73 -3.08 13.85
N MET D 172 -10.40 -3.57 14.88
CA MET D 172 -9.79 -3.72 16.19
C MET D 172 -8.53 -4.58 16.07
N LYS D 173 -8.60 -5.64 15.28
CA LYS D 173 -7.45 -6.52 15.11
C LYS D 173 -6.25 -5.74 14.54
N ALA D 174 -6.51 -4.89 13.55
CA ALA D 174 -5.45 -4.08 12.94
C ALA D 174 -4.92 -3.02 13.90
N MET D 175 -5.74 -2.44 14.77
CA MET D 175 -5.32 -1.44 15.72
C MET D 175 -4.33 -2.04 16.74
N ILE D 176 -4.66 -3.23 17.20
CA ILE D 176 -3.86 -3.93 18.19
C ILE D 176 -2.56 -4.41 17.57
N GLU D 177 -2.62 -4.98 16.37
CA GLU D 177 -1.37 -5.44 15.77
C GLU D 177 -0.42 -4.26 15.51
N ALA D 178 -0.91 -3.09 15.17
CA ALA D 178 -0.10 -1.91 14.94
C ALA D 178 0.44 -1.34 16.26
N GLY D 179 -0.19 -1.69 17.37
CA GLY D 179 0.27 -1.23 18.67
C GLY D 179 -0.51 -0.16 19.38
N ALA D 180 -1.80 0.01 19.06
CA ALA D 180 -2.60 1.02 19.75
C ALA D 180 -2.84 0.53 21.18
N ALA D 181 -3.05 1.44 22.11
CA ALA D 181 -3.31 1.11 23.51
C ALA D 181 -4.81 1.21 23.84
N ALA D 182 -5.48 2.10 23.12
CA ALA D 182 -6.91 2.33 23.32
C ALA D 182 -7.58 2.68 22.00
N VAL D 183 -8.84 2.29 21.85
CA VAL D 183 -9.61 2.55 20.64
C VAL D 183 -11.03 3.03 20.92
N HIS D 184 -11.51 4.01 20.16
CA HIS D 184 -12.87 4.50 20.35
C HIS D 184 -13.78 4.19 19.16
N PHE D 185 -14.97 3.75 19.53
CA PHE D 185 -16.06 3.42 18.63
C PHE D 185 -17.28 4.29 18.93
N GLU D 186 -18.03 4.73 17.91
CA GLU D 186 -19.18 5.58 18.16
C GLU D 186 -20.50 4.97 17.68
N ASP D 187 -21.61 5.57 18.11
CA ASP D 187 -22.93 5.06 17.75
C ASP D 187 -23.65 5.83 16.66
N GLN D 188 -23.01 6.80 16.01
CA GLN D 188 -23.68 7.48 14.92
C GLN D 188 -23.29 6.75 13.62
N LEU D 189 -23.96 7.08 12.54
CA LEU D 189 -23.71 6.55 11.22
C LEU D 189 -23.32 7.70 10.28
N ALA D 190 -22.08 8.18 10.36
CA ALA D 190 -21.68 9.28 9.48
C ALA D 190 -21.93 8.89 8.03
N SER D 191 -21.83 7.61 7.73
CA SER D 191 -22.06 7.13 6.37
C SER D 191 -23.43 7.54 5.86
N VAL D 192 -24.35 7.76 6.79
CA VAL D 192 -25.71 8.17 6.46
C VAL D 192 -25.77 9.67 6.15
N GLY D 200 -28.17 16.67 10.37
CA GLY D 200 -27.26 16.30 11.44
C GLY D 200 -26.94 14.81 11.41
N LYS D 201 -26.43 14.31 12.53
CA LYS D 201 -26.07 12.90 12.62
C LYS D 201 -27.20 11.98 13.04
N VAL D 202 -27.13 10.77 12.51
CA VAL D 202 -28.08 9.70 12.74
C VAL D 202 -27.49 8.65 13.66
N LEU D 203 -28.24 8.26 14.69
CA LEU D 203 -27.76 7.25 15.62
C LEU D 203 -28.26 5.88 15.17
N VAL D 204 -27.66 4.85 15.73
CA VAL D 204 -28.02 3.45 15.49
C VAL D 204 -28.71 2.96 16.77
N PRO D 205 -29.50 1.91 16.70
CA PRO D 205 -30.15 1.37 17.88
C PRO D 205 -29.09 0.99 18.92
N THR D 206 -29.42 1.13 20.20
CA THR D 206 -28.48 0.86 21.28
C THR D 206 -27.89 -0.55 21.21
N GLN D 207 -28.67 -1.57 20.90
CA GLN D 207 -28.14 -2.91 20.82
C GLN D 207 -27.07 -3.06 19.74
N GLU D 208 -27.18 -2.29 18.66
CA GLU D 208 -26.21 -2.38 17.58
C GLU D 208 -24.89 -1.78 18.07
N ALA D 209 -24.97 -0.58 18.60
CA ALA D 209 -23.79 0.09 19.12
C ALA D 209 -23.06 -0.84 20.08
N ILE D 210 -23.81 -1.51 20.93
CA ILE D 210 -23.26 -2.42 21.93
C ILE D 210 -22.62 -3.64 21.29
N GLN D 211 -23.21 -4.10 20.19
CA GLN D 211 -22.67 -5.26 19.49
C GLN D 211 -21.27 -4.92 18.96
N LYS D 212 -21.06 -3.68 18.55
CA LYS D 212 -19.72 -3.31 18.06
C LYS D 212 -18.74 -3.30 19.22
N LEU D 213 -19.18 -2.81 20.38
CA LEU D 213 -18.31 -2.80 21.55
C LEU D 213 -17.95 -4.20 21.97
N VAL D 214 -18.88 -5.15 21.79
CA VAL D 214 -18.58 -6.54 22.14
C VAL D 214 -17.64 -7.14 21.08
N ALA D 215 -17.85 -6.78 19.81
CA ALA D 215 -17.01 -7.30 18.74
C ALA D 215 -15.53 -6.92 19.00
N ALA D 216 -15.32 -5.68 19.39
CA ALA D 216 -14.00 -5.15 19.68
C ALA D 216 -13.37 -5.82 20.90
N ARG D 217 -14.19 -5.99 21.95
CA ARG D 217 -13.69 -6.61 23.17
C ARG D 217 -13.30 -8.06 22.91
N LEU D 218 -14.13 -8.72 22.10
CA LEU D 218 -13.90 -10.11 21.74
C LEU D 218 -12.56 -10.27 20.99
N CYS D 219 -12.30 -9.40 20.03
CA CYS D 219 -11.04 -9.51 19.27
C CYS D 219 -9.86 -9.33 20.24
N ALA D 220 -9.92 -8.29 21.07
CA ALA D 220 -8.86 -8.03 22.03
C ALA D 220 -8.60 -9.25 22.92
N ASP D 221 -9.65 -9.86 23.43
CA ASP D 221 -9.54 -11.06 24.25
C ASP D 221 -8.93 -12.22 23.49
N VAL D 222 -9.26 -12.34 22.19
CA VAL D 222 -8.71 -13.42 21.40
C VAL D 222 -7.19 -13.17 21.23
N THR D 223 -6.84 -11.91 20.99
CA THR D 223 -5.43 -11.57 20.82
C THR D 223 -4.70 -11.76 22.13
N GLY D 224 -5.42 -11.61 23.24
CA GLY D 224 -4.85 -11.80 24.57
C GLY D 224 -4.29 -10.49 25.13
N VAL D 225 -4.70 -9.36 24.58
CA VAL D 225 -4.25 -8.04 25.02
C VAL D 225 -5.37 -7.25 25.68
N PRO D 226 -5.07 -6.67 26.83
CA PRO D 226 -6.03 -5.91 27.60
C PRO D 226 -6.29 -4.50 27.10
N THR D 227 -6.46 -4.33 25.80
CA THR D 227 -6.70 -3.02 25.22
C THR D 227 -7.83 -2.22 25.86
N LEU D 228 -7.70 -0.91 25.87
CA LEU D 228 -8.74 -0.06 26.45
C LEU D 228 -9.75 0.32 25.37
N LEU D 229 -11.00 0.17 25.78
CA LEU D 229 -12.13 0.44 24.87
C LEU D 229 -12.93 1.64 25.36
N VAL D 230 -13.02 2.66 24.51
CA VAL D 230 -13.74 3.88 24.83
C VAL D 230 -15.06 3.89 24.05
N ALA D 231 -16.15 3.94 24.80
CA ALA D 231 -17.47 3.97 24.15
C ALA D 231 -17.87 5.43 24.02
N ARG D 232 -18.06 5.86 22.78
CA ARG D 232 -18.45 7.23 22.50
C ARG D 232 -19.92 7.30 22.06
N THR D 233 -20.60 8.36 22.50
CA THR D 233 -21.99 8.52 22.12
C THR D 233 -22.10 9.91 21.45
N ASP D 234 -22.91 9.97 20.42
CA ASP D 234 -23.14 11.19 19.68
C ASP D 234 -24.57 11.68 19.92
N ALA D 235 -25.26 10.95 20.79
CA ALA D 235 -26.67 11.24 21.07
C ALA D 235 -26.96 12.63 21.63
N ASP D 236 -25.95 13.43 21.91
CA ASP D 236 -26.24 14.77 22.45
C ASP D 236 -26.78 15.66 21.33
N ALA D 237 -26.33 15.41 20.10
CA ALA D 237 -26.80 16.21 18.99
C ALA D 237 -27.49 15.39 17.91
N ALA D 238 -27.76 14.12 18.16
CA ALA D 238 -28.42 13.29 17.14
C ALA D 238 -29.92 13.22 17.37
N ASP D 239 -30.70 13.69 16.39
CA ASP D 239 -32.16 13.67 16.52
C ASP D 239 -32.78 12.60 15.64
N LEU D 240 -31.91 11.85 14.96
CA LEU D 240 -32.39 10.77 14.09
C LEU D 240 -31.83 9.43 14.55
N ILE D 241 -32.59 8.39 14.25
CA ILE D 241 -32.22 7.02 14.58
C ILE D 241 -32.65 6.16 13.39
N THR D 242 -31.84 5.21 12.97
CA THR D 242 -32.15 4.38 11.81
C THR D 242 -33.35 3.45 11.98
N SER D 243 -33.62 3.00 13.19
CA SER D 243 -34.69 2.03 13.43
C SER D 243 -35.22 2.08 14.85
N ASP D 244 -36.36 1.43 15.07
CA ASP D 244 -36.99 1.38 16.38
C ASP D 244 -37.05 -0.05 16.90
N CYS D 245 -36.07 -0.86 16.49
CA CYS D 245 -36.00 -2.25 16.88
C CYS D 245 -35.57 -2.46 18.32
N ASP D 246 -35.00 -1.44 18.96
CA ASP D 246 -34.55 -1.59 20.34
C ASP D 246 -35.44 -0.89 21.34
N PRO D 247 -36.22 -1.67 22.09
CA PRO D 247 -37.12 -1.15 23.09
C PRO D 247 -36.42 -0.18 24.03
N TYR D 248 -35.12 -0.37 24.25
CA TYR D 248 -34.36 0.50 25.14
C TYR D 248 -34.36 1.95 24.67
N ASP D 249 -34.66 2.16 23.40
CA ASP D 249 -34.69 3.50 22.82
C ASP D 249 -36.11 4.02 22.67
N SER D 250 -37.09 3.13 22.84
CA SER D 250 -38.50 3.49 22.64
C SER D 250 -38.90 4.83 23.22
N GLU D 251 -38.46 5.17 24.43
CA GLU D 251 -38.85 6.44 25.02
C GLU D 251 -38.34 7.68 24.30
N PHE D 252 -37.34 7.58 23.44
CA PHE D 252 -36.83 8.76 22.76
C PHE D 252 -37.40 8.84 21.34
N ILE D 253 -38.01 7.75 20.92
CA ILE D 253 -38.61 7.65 19.58
C ILE D 253 -39.97 8.33 19.53
N THR D 254 -40.02 9.47 18.85
CA THR D 254 -41.20 10.30 18.70
C THR D 254 -42.36 9.72 17.92
N GLY D 255 -42.09 8.94 16.88
CA GLY D 255 -43.17 8.36 16.07
C GLY D 255 -43.12 8.87 14.64
N GLU D 256 -42.62 10.09 14.47
CA GLU D 256 -42.50 10.72 13.16
C GLU D 256 -41.31 10.14 12.39
N ARG D 257 -41.59 9.54 11.25
CA ARG D 257 -40.53 8.93 10.43
C ARG D 257 -40.14 9.87 9.29
N THR D 258 -38.91 9.81 8.79
CA THR D 258 -38.49 10.70 7.72
C THR D 258 -38.64 10.02 6.35
N SER D 259 -38.34 10.76 5.29
CA SER D 259 -38.45 10.20 3.94
C SER D 259 -37.41 9.11 3.71
N GLU D 260 -36.28 9.17 4.41
CA GLU D 260 -35.27 8.14 4.22
C GLU D 260 -35.74 6.87 4.94
N GLY D 261 -36.66 7.08 5.88
CA GLY D 261 -37.19 5.96 6.66
C GLY D 261 -36.59 6.00 8.06
N PHE D 262 -35.87 7.08 8.35
CA PHE D 262 -35.26 7.26 9.65
C PHE D 262 -36.31 7.83 10.61
N PHE D 263 -36.17 7.54 11.90
CA PHE D 263 -37.12 8.03 12.88
C PHE D 263 -36.54 9.18 13.69
N ARG D 264 -37.42 10.10 14.05
CA ARG D 264 -37.03 11.27 14.84
C ARG D 264 -36.98 10.86 16.31
N THR D 265 -36.10 11.46 17.10
CA THR D 265 -36.02 11.14 18.53
C THR D 265 -35.86 12.45 19.29
N HIS D 266 -35.79 12.41 20.62
CA HIS D 266 -35.62 13.66 21.37
C HIS D 266 -34.15 13.84 21.74
N ALA D 267 -33.43 14.64 20.96
CA ALA D 267 -32.02 14.88 21.21
C ALA D 267 -31.77 15.73 22.46
N GLY D 268 -30.72 15.39 23.20
CA GLY D 268 -30.38 16.13 24.41
C GLY D 268 -29.49 15.30 25.33
N ILE D 269 -29.02 15.91 26.43
CA ILE D 269 -28.17 15.21 27.37
C ILE D 269 -28.83 13.98 27.95
N GLU D 270 -30.15 13.98 27.92
CA GLU D 270 -30.95 12.87 28.43
C GLU D 270 -30.80 11.66 27.53
N GLN D 271 -30.62 11.92 26.22
CA GLN D 271 -30.44 10.81 25.28
C GLN D 271 -29.02 10.26 25.46
N ALA D 272 -28.05 11.17 25.56
CA ALA D 272 -26.65 10.82 25.75
C ALA D 272 -26.44 9.99 27.02
N ILE D 273 -27.11 10.39 28.09
CA ILE D 273 -27.01 9.67 29.36
C ILE D 273 -27.47 8.23 29.24
N SER D 274 -28.59 7.98 28.55
CA SER D 274 -29.08 6.61 28.45
C SER D 274 -28.14 5.77 27.57
N ARG D 275 -27.53 6.42 26.57
CA ARG D 275 -26.59 5.64 25.75
C ARG D 275 -25.37 5.40 26.66
N GLY D 276 -24.97 6.49 27.31
CA GLY D 276 -23.83 6.47 28.23
C GLY D 276 -23.96 5.34 29.24
N LEU D 277 -25.11 5.22 29.91
CA LEU D 277 -25.32 4.17 30.89
C LEU D 277 -25.40 2.78 30.28
N ALA D 278 -25.88 2.71 29.04
CA ALA D 278 -26.02 1.42 28.38
C ALA D 278 -24.66 0.89 27.92
N TYR D 279 -23.71 1.77 27.60
CA TYR D 279 -22.41 1.29 27.14
C TYR D 279 -21.42 1.06 28.28
N ALA D 280 -21.58 1.76 29.39
CA ALA D 280 -20.71 1.67 30.54
C ALA D 280 -20.19 0.30 30.91
N PRO D 281 -21.04 -0.70 31.11
CA PRO D 281 -20.61 -2.02 31.48
C PRO D 281 -19.79 -2.76 30.43
N TYR D 282 -19.70 -2.22 29.23
CA TYR D 282 -18.96 -2.84 28.15
C TYR D 282 -17.69 -2.09 27.76
N ALA D 283 -17.54 -0.84 28.19
CA ALA D 283 -16.35 -0.07 27.85
C ALA D 283 -15.48 0.21 29.06
N ASP D 284 -14.26 0.65 28.79
CA ASP D 284 -13.33 1.00 29.86
C ASP D 284 -13.48 2.49 30.17
N LEU D 285 -13.91 3.23 29.16
CA LEU D 285 -14.15 4.66 29.30
C LEU D 285 -15.42 5.02 28.51
N VAL D 286 -16.08 6.07 28.98
CA VAL D 286 -17.29 6.52 28.30
C VAL D 286 -17.04 7.95 27.86
N TRP D 287 -17.49 8.24 26.64
CA TRP D 287 -17.29 9.56 26.07
C TRP D 287 -18.55 10.02 25.34
N CYS D 288 -19.04 11.17 25.79
CA CYS D 288 -20.21 11.79 25.20
C CYS D 288 -19.69 13.01 24.42
N GLU D 289 -19.51 12.83 23.12
CA GLU D 289 -18.99 13.85 22.23
C GLU D 289 -19.64 15.20 22.50
N THR D 290 -18.90 16.31 22.38
CA THR D 290 -19.51 17.60 22.64
C THR D 290 -18.97 18.67 21.68
N SER D 291 -19.87 19.59 21.35
CA SER D 291 -19.57 20.69 20.44
C SER D 291 -19.27 21.98 21.19
N THR D 292 -20.02 22.23 22.25
CA THR D 292 -19.85 23.43 23.06
C THR D 292 -19.40 23.06 24.47
N PRO D 293 -18.38 23.76 24.96
CA PRO D 293 -17.82 23.52 26.27
C PRO D 293 -18.58 24.13 27.43
N ASP D 294 -19.48 23.35 28.00
CA ASP D 294 -20.27 23.78 29.15
C ASP D 294 -19.93 22.91 30.34
N LEU D 295 -19.39 23.50 31.40
CA LEU D 295 -19.04 22.74 32.59
C LEU D 295 -20.26 22.16 33.26
N GLU D 296 -21.30 22.98 33.42
CA GLU D 296 -22.54 22.53 34.03
C GLU D 296 -23.11 21.34 33.24
N LEU D 297 -23.07 21.48 31.92
CA LEU D 297 -23.57 20.43 31.04
C LEU D 297 -22.74 19.17 31.27
N ALA D 298 -21.43 19.37 31.41
CA ALA D 298 -20.49 18.28 31.65
C ALA D 298 -20.61 17.73 33.06
N ARG D 299 -21.08 18.55 33.99
CA ARG D 299 -21.23 18.10 35.37
C ARG D 299 -22.43 17.15 35.50
N ARG D 300 -23.51 17.49 34.81
CA ARG D 300 -24.72 16.67 34.87
C ARG D 300 -24.47 15.28 34.30
N PHE D 301 -23.77 15.22 33.17
CA PHE D 301 -23.49 13.94 32.53
C PHE D 301 -22.66 13.07 33.49
N ALA D 302 -21.56 13.64 33.96
CA ALA D 302 -20.66 12.95 34.88
C ALA D 302 -21.41 12.38 36.07
N GLN D 303 -22.06 13.26 36.82
CA GLN D 303 -22.82 12.84 38.00
C GLN D 303 -23.81 11.75 37.61
N ALA D 304 -24.58 12.01 36.55
CA ALA D 304 -25.57 11.05 36.07
C ALA D 304 -24.94 9.70 35.77
N ILE D 305 -23.73 9.71 35.21
CA ILE D 305 -23.07 8.44 34.90
C ILE D 305 -22.68 7.73 36.18
N HIS D 306 -22.13 8.49 37.12
CA HIS D 306 -21.66 7.95 38.39
C HIS D 306 -22.73 7.47 39.35
N ALA D 307 -23.97 7.90 39.18
CA ALA D 307 -25.03 7.44 40.08
C ALA D 307 -25.11 5.91 40.01
N LYS D 308 -25.01 5.39 38.78
CA LYS D 308 -25.07 3.95 38.55
C LYS D 308 -23.70 3.28 38.50
N TYR D 309 -22.68 4.01 38.08
CA TYR D 309 -21.33 3.43 38.00
C TYR D 309 -20.31 4.38 38.62
N PRO D 310 -20.13 4.28 39.93
CA PRO D 310 -19.23 5.12 40.68
C PRO D 310 -17.77 5.01 40.25
N GLY D 311 -17.16 6.17 40.01
CA GLY D 311 -15.77 6.23 39.61
C GLY D 311 -15.51 5.69 38.20
N LYS D 312 -16.51 5.77 37.32
CA LYS D 312 -16.33 5.29 35.95
C LYS D 312 -15.44 6.31 35.22
N LEU D 313 -14.44 5.84 34.48
CA LEU D 313 -13.58 6.76 33.76
C LEU D 313 -14.33 7.44 32.62
N LEU D 314 -14.21 8.76 32.53
CA LEU D 314 -14.85 9.55 31.50
C LEU D 314 -13.79 10.28 30.66
N ALA D 315 -14.14 10.49 29.40
CA ALA D 315 -13.28 11.19 28.46
C ALA D 315 -14.05 12.42 27.98
N TYR D 316 -13.31 13.49 27.68
CA TYR D 316 -13.94 14.72 27.22
C TYR D 316 -13.14 15.33 26.07
N ASN D 317 -13.81 15.84 25.04
CA ASN D 317 -13.13 16.40 23.89
C ASN D 317 -13.44 17.85 23.60
N CYS D 318 -12.57 18.46 22.82
CA CYS D 318 -12.67 19.83 22.34
C CYS D 318 -12.14 19.83 20.90
N SER D 319 -12.88 20.39 19.96
CA SER D 319 -12.44 20.39 18.57
C SER D 319 -11.12 21.11 18.37
N PRO D 320 -11.14 22.41 18.62
CA PRO D 320 -12.32 23.15 19.03
C PRO D 320 -12.84 23.97 17.87
N SER D 321 -14.04 23.68 17.37
CA SER D 321 -14.58 24.44 16.25
C SER D 321 -14.95 25.84 16.77
N PHE D 322 -15.06 25.85 18.09
CA PHE D 322 -15.40 26.94 18.95
C PHE D 322 -14.87 28.34 18.68
N ASN D 323 -14.50 28.93 19.81
CA ASN D 323 -13.94 30.25 19.97
C ASN D 323 -14.07 30.60 21.46
N TRP D 324 -13.33 29.85 22.26
CA TRP D 324 -13.32 30.02 23.70
C TRP D 324 -13.17 31.50 24.07
N ASP D 329 -14.44 33.46 29.91
CA ASP D 329 -13.48 34.32 30.61
C ASP D 329 -12.13 33.61 30.71
N ASP D 330 -11.06 34.39 30.68
CA ASP D 330 -9.71 33.84 30.76
C ASP D 330 -9.48 32.97 31.98
N LYS D 331 -10.03 33.34 33.14
CA LYS D 331 -9.81 32.50 34.31
C LYS D 331 -10.40 31.11 34.11
N THR D 332 -11.58 31.03 33.50
CA THR D 332 -12.21 29.73 33.27
C THR D 332 -11.51 29.01 32.13
N ILE D 333 -10.94 29.76 31.20
CA ILE D 333 -10.23 29.18 30.07
C ILE D 333 -8.94 28.51 30.56
N ALA D 334 -8.38 29.07 31.62
CA ALA D 334 -7.14 28.57 32.21
C ALA D 334 -7.33 27.43 33.19
N SER D 335 -8.44 27.36 33.89
CA SER D 335 -8.68 26.30 34.86
C SER D 335 -9.60 25.22 34.32
N PHE D 336 -10.06 25.42 33.09
CA PHE D 336 -10.98 24.53 32.41
C PHE D 336 -10.67 23.05 32.60
N GLN D 337 -9.49 22.61 32.14
CA GLN D 337 -9.15 21.19 32.25
C GLN D 337 -8.93 20.76 33.68
N GLN D 338 -8.71 21.71 34.59
CA GLN D 338 -8.53 21.35 36.01
C GLN D 338 -9.90 21.00 36.61
N GLN D 339 -10.93 21.76 36.19
CA GLN D 339 -12.28 21.53 36.68
C GLN D 339 -12.86 20.20 36.20
N LEU D 340 -12.72 19.91 34.91
CA LEU D 340 -13.24 18.66 34.36
C LEU D 340 -12.63 17.47 35.09
N SER D 341 -11.34 17.59 35.39
CA SER D 341 -10.63 16.52 36.09
C SER D 341 -11.38 16.18 37.38
N ASP D 342 -11.83 17.25 38.05
CA ASP D 342 -12.57 17.09 39.31
C ASP D 342 -13.91 16.40 39.13
N MET D 343 -14.49 16.47 37.93
CA MET D 343 -15.77 15.82 37.69
C MET D 343 -15.61 14.33 37.39
N GLY D 344 -14.40 13.93 37.02
CA GLY D 344 -14.13 12.53 36.71
C GLY D 344 -13.65 12.36 35.27
N TYR D 345 -13.31 13.48 34.63
CA TYR D 345 -12.83 13.43 33.25
C TYR D 345 -11.30 13.36 33.27
N LYS D 346 -10.80 12.14 33.36
CA LYS D 346 -9.38 11.84 33.42
C LYS D 346 -8.67 11.84 32.07
N PHE D 347 -9.42 11.66 30.99
CA PHE D 347 -8.80 11.69 29.66
C PHE D 347 -9.43 12.83 28.86
N GLN D 348 -8.65 13.89 28.64
CA GLN D 348 -9.11 15.06 27.91
C GLN D 348 -8.24 15.27 26.68
N PHE D 349 -8.79 15.83 25.61
CA PHE D 349 -7.98 16.03 24.42
C PHE D 349 -8.56 17.01 23.42
N ILE D 350 -7.65 17.65 22.69
CA ILE D 350 -8.05 18.58 21.63
C ILE D 350 -7.81 17.80 20.33
N THR D 351 -8.87 17.22 19.79
CA THR D 351 -8.82 16.42 18.59
C THR D 351 -8.09 16.96 17.37
N LEU D 352 -8.29 18.21 16.97
CA LEU D 352 -7.65 18.74 15.78
C LEU D 352 -6.46 19.66 16.06
N ALA D 353 -5.91 19.57 17.26
CA ALA D 353 -4.77 20.44 17.61
C ALA D 353 -3.67 20.28 16.56
N GLY D 354 -3.40 19.03 16.23
CA GLY D 354 -2.39 18.65 15.27
C GLY D 354 -2.48 19.31 13.92
N ILE D 355 -3.65 19.21 13.28
CA ILE D 355 -3.76 19.79 11.94
C ILE D 355 -3.80 21.29 11.97
N HIS D 356 -4.40 21.94 12.97
CA HIS D 356 -4.39 23.42 12.99
C HIS D 356 -2.96 23.93 13.20
N SER D 357 -2.24 23.30 14.12
CA SER D 357 -0.84 23.66 14.37
C SER D 357 -0.04 23.61 13.07
N MET D 358 -0.12 22.49 12.34
CA MET D 358 0.61 22.34 11.09
C MET D 358 0.15 23.26 9.98
N TRP D 359 -1.14 23.28 9.67
CA TRP D 359 -1.62 24.09 8.57
C TRP D 359 -1.49 25.59 8.80
N PHE D 360 -1.82 26.06 10.00
CA PHE D 360 -1.71 27.49 10.27
C PHE D 360 -0.29 28.02 10.13
N ASN D 361 0.65 27.33 10.77
CA ASN D 361 2.05 27.72 10.76
C ASN D 361 2.68 27.70 9.38
N MET D 362 2.27 26.77 8.50
CA MET D 362 2.81 26.76 7.15
C MET D 362 2.23 27.96 6.40
N PHE D 363 0.98 28.30 6.77
CA PHE D 363 0.36 29.47 6.13
C PHE D 363 1.12 30.73 6.58
N ASP D 364 1.31 30.84 7.89
CA ASP D 364 2.01 31.97 8.48
C ASP D 364 3.40 32.16 7.87
N LEU D 365 4.16 31.08 7.77
CA LEU D 365 5.50 31.12 7.21
C LEU D 365 5.49 31.46 5.73
N ALA D 366 4.73 30.70 4.95
CA ALA D 366 4.67 30.92 3.51
C ALA D 366 4.17 32.30 3.15
N ASN D 367 3.19 32.79 3.93
CA ASN D 367 2.62 34.10 3.65
C ASN D 367 3.69 35.18 3.68
N ALA D 368 4.43 35.23 4.77
CA ALA D 368 5.51 36.22 4.89
C ALA D 368 6.53 35.99 3.78
N TYR D 369 7.02 34.76 3.72
CA TYR D 369 8.01 34.33 2.76
C TYR D 369 7.70 34.63 1.31
N ALA D 370 6.44 34.54 0.89
CA ALA D 370 6.07 34.80 -0.49
C ALA D 370 6.19 36.25 -0.90
N GLN D 371 5.98 37.16 0.04
CA GLN D 371 6.04 38.59 -0.25
C GLN D 371 7.43 39.05 -0.68
N GLY D 372 8.44 38.77 0.12
CA GLY D 372 9.81 39.19 -0.20
C GLY D 372 10.66 39.19 1.07
N GLU D 373 11.97 39.07 0.90
CA GLU D 373 12.86 39.01 2.06
C GLU D 373 12.62 37.69 2.79
N GLY D 374 12.36 36.64 2.00
CA GLY D 374 12.08 35.32 2.51
C GLY D 374 13.03 34.81 3.59
N MET D 375 14.31 34.66 3.26
CA MET D 375 15.26 34.14 4.24
C MET D 375 15.00 34.77 5.61
N LYS D 376 14.72 36.07 5.60
CA LYS D 376 14.44 36.83 6.80
C LYS D 376 13.34 36.24 7.67
N HIS D 377 12.16 36.02 7.10
CA HIS D 377 11.03 35.48 7.86
C HIS D 377 11.27 34.06 8.34
N TYR D 378 11.96 33.26 7.53
CA TYR D 378 12.25 31.88 7.92
C TYR D 378 13.11 31.92 9.19
N VAL D 379 14.11 32.81 9.18
CA VAL D 379 14.96 32.94 10.36
C VAL D 379 14.12 33.40 11.55
N GLU D 380 13.36 34.47 11.34
CA GLU D 380 12.55 35.01 12.44
C GLU D 380 11.44 34.09 12.89
N LYS D 381 10.72 33.46 11.97
CA LYS D 381 9.60 32.61 12.36
C LYS D 381 9.96 31.20 12.82
N VAL D 382 10.99 30.58 12.26
CA VAL D 382 11.31 29.21 12.69
C VAL D 382 12.65 29.04 13.37
N GLN D 383 13.74 29.42 12.71
CA GLN D 383 15.06 29.20 13.27
C GLN D 383 15.34 29.83 14.62
N GLN D 384 15.08 31.12 14.83
CA GLN D 384 15.37 31.73 16.13
C GLN D 384 14.63 31.04 17.27
N PRO D 385 13.32 30.88 17.11
CA PRO D 385 12.49 30.20 18.11
C PRO D 385 12.96 28.79 18.41
N GLU D 386 13.53 28.09 17.43
CA GLU D 386 14.03 26.74 17.64
C GLU D 386 15.23 26.79 18.61
N PHE D 387 16.17 27.71 18.36
CA PHE D 387 17.30 27.80 19.28
C PHE D 387 16.82 28.14 20.68
N ALA D 388 15.89 29.08 20.78
CA ALA D 388 15.33 29.45 22.08
C ALA D 388 14.74 28.25 22.79
N ALA D 389 14.05 27.39 22.04
CA ALA D 389 13.42 26.21 22.62
C ALA D 389 14.38 25.10 23.00
N ALA D 390 15.58 25.07 22.43
CA ALA D 390 16.53 24.00 22.77
C ALA D 390 16.65 23.87 24.29
N LYS D 391 16.57 25.00 24.98
CA LYS D 391 16.67 25.07 26.43
C LYS D 391 15.61 24.22 27.14
N ASP D 392 14.42 24.20 26.56
CA ASP D 392 13.29 23.50 27.17
C ASP D 392 13.19 22.03 26.81
N GLY D 393 14.16 21.48 26.08
CA GLY D 393 14.14 20.09 25.69
C GLY D 393 14.02 19.82 24.20
N TYR D 394 13.86 20.85 23.39
CA TYR D 394 13.75 20.66 21.93
C TYR D 394 15.11 20.26 21.36
N THR D 395 15.18 19.18 20.60
CA THR D 395 16.46 18.77 20.03
C THR D 395 16.53 18.76 18.52
N PHE D 396 15.45 19.09 17.83
CA PHE D 396 15.45 19.09 16.37
C PHE D 396 16.43 20.11 15.82
N VAL D 397 16.98 20.95 16.70
CA VAL D 397 18.00 21.91 16.24
C VAL D 397 19.09 21.09 15.53
N SER D 398 19.40 19.94 16.13
CA SER D 398 20.35 19.00 15.54
C SER D 398 19.51 18.00 14.73
N HIS D 399 19.06 18.42 13.56
CA HIS D 399 18.16 17.59 12.77
C HIS D 399 18.74 16.29 12.24
N GLN D 400 20.03 16.20 11.91
CA GLN D 400 20.57 14.95 11.41
C GLN D 400 20.51 13.88 12.49
N GLN D 401 20.81 14.26 13.73
CA GLN D 401 20.77 13.30 14.82
C GLN D 401 19.35 12.85 15.17
N GLU D 402 18.41 13.78 15.20
CA GLU D 402 17.02 13.49 15.52
C GLU D 402 16.46 12.32 14.71
N VAL D 403 16.76 12.28 13.42
CA VAL D 403 16.24 11.20 12.56
C VAL D 403 17.03 9.91 12.56
N GLY D 404 18.12 9.78 13.32
CA GLY D 404 18.86 8.55 13.37
C GLY D 404 20.16 8.45 12.60
N THR D 405 20.67 9.54 12.07
CA THR D 405 21.95 9.49 11.33
C THR D 405 23.05 8.88 12.21
N GLY D 406 23.04 9.18 13.49
CA GLY D 406 24.03 8.69 14.44
C GLY D 406 23.83 7.21 14.75
N TYR D 407 22.57 6.77 14.72
CA TYR D 407 22.28 5.36 14.99
C TYR D 407 22.71 4.51 13.80
N PHE D 408 22.42 4.98 12.58
CA PHE D 408 22.81 4.23 11.40
C PHE D 408 24.32 4.28 11.18
N ASP D 409 24.97 5.30 11.74
CA ASP D 409 26.44 5.40 11.60
C ASP D 409 27.08 4.30 12.46
N LYS D 410 26.48 4.02 13.61
CA LYS D 410 27.01 2.95 14.46
C LYS D 410 26.84 1.60 13.78
N VAL D 411 25.69 1.38 13.13
CA VAL D 411 25.41 0.14 12.43
C VAL D 411 26.48 -0.07 11.37
N THR D 412 26.63 0.98 10.54
CA THR D 412 27.61 0.93 9.46
C THR D 412 28.98 0.57 10.06
N THR D 413 29.29 1.22 11.18
CA THR D 413 30.57 1.01 11.86
C THR D 413 30.77 -0.42 12.33
N ILE D 414 29.75 -1.04 12.89
CA ILE D 414 29.89 -2.43 13.35
C ILE D 414 30.05 -3.36 12.15
N ILE D 415 29.29 -3.09 11.09
CA ILE D 415 29.33 -3.91 9.88
C ILE D 415 30.68 -3.92 9.19
N GLN D 416 31.22 -2.74 8.92
CA GLN D 416 32.51 -2.66 8.24
C GLN D 416 33.64 -2.86 9.24
N GLY D 417 33.38 -3.66 10.28
CA GLY D 417 34.35 -3.96 11.31
C GLY D 417 34.80 -2.69 12.02
HG HG E . -0.30 9.25 -17.18
HG HG F . 8.58 6.65 -19.00
HG HG G . 33.46 5.20 -16.51
HG HG H . 27.67 25.59 -5.10
HG HG I . 18.55 30.20 0.37
MG MG J . 17.45 14.79 -1.16
C PYR K . 16.54 17.16 0.19
O PYR K . 16.29 15.95 -0.02
OXT PYR K . 15.95 17.86 1.05
CA PYR K . 17.60 17.85 -0.65
O3 PYR K . 17.75 17.02 -1.78
CB PYR K . 18.30 18.96 0.13
HG HG L . 8.49 -8.47 15.21
HG HG M . 17.17 -5.65 12.53
HG HG N . 37.38 -3.75 -1.55
HG HG O . 26.67 -23.74 -9.57
HG HG P . 15.45 -27.54 -9.74
MG MG Q . 15.85 -13.70 -7.49
C PYR R . 14.28 -15.94 -8.14
O PYR R . 13.91 -14.76 -7.97
OXT PYR R . 13.57 -16.85 -8.60
CA PYR R . 15.73 -16.23 -7.73
O3 PYR R . 16.60 -15.69 -7.08
CB PYR R . 16.30 -17.45 -8.40
HG HG S . -7.97 9.81 -14.67
HG HG T . -16.11 10.93 -9.88
HG HG U . -37.17 4.46 1.88
HG HG V . -32.19 -14.59 -11.80
HG HG W . -21.32 -19.63 -15.52
HG HG X . -27.29 -15.36 15.30
MG MG Y . -18.76 -10.20 -5.46
C PYR Z . -17.99 -12.29 -6.96
O PYR Z . -17.44 -11.51 -6.15
OXT PYR Z . -17.41 -13.29 -7.42
CA PYR Z . -19.43 -11.96 -7.36
O3 PYR Z . -19.99 -10.65 -7.16
CB PYR Z . -20.06 -12.90 -8.33
HG HG AA . 0.68 -8.99 16.97
HG HG BA . -8.74 -10.22 16.93
HG HG CA . -32.89 -3.92 17.29
HG HG DA . -22.02 15.34 26.43
HG HG EA . -10.82 20.34 24.64
MG MG FA . -13.31 10.98 14.45
C PYR GA . -11.95 13.04 15.45
O PYR GA . -11.96 12.44 14.35
OXT PYR GA . -11.20 14.02 15.67
CA PYR GA . -12.87 12.57 16.55
O3 PYR GA . -13.69 11.42 16.56
CB PYR GA . -13.62 13.72 17.21
#